data_3K8O
#
_entry.id   3K8O
#
_cell.length_a   269.212
_cell.length_b   51.875
_cell.length_c   129.069
_cell.angle_alpha   90.00
_cell.angle_beta   90.44
_cell.angle_gamma   90.00
#
_symmetry.space_group_name_H-M   'C 1 2 1'
#
loop_
_entity.id
_entity.type
_entity.pdbx_description
1 polymer 'Purine nucleoside phosphorylase'
2 non-polymer 'SULFATE ION'
3 non-polymer 7-({[(1R,2S)-2,3-DIHYDROXY-1-(HYDROXYMETHYL)PROPYL]AMINO}METHYL)-3,5-DIHYDRO-4H-PYRROLO[3,2-D]PYRIMIDIN-4-ONE
4 water water
#
_entity_poly.entity_id   1
_entity_poly.type   'polypeptide(L)'
_entity_poly.pdbx_seq_one_letter_code
;MENGYTYEDYKNTAEWLLSHTKHRPQVAIICGSGLGGLTDKLTQAQIFDYSEIPNFPRSTVPGHAGRLVFGFLNGRACVM
MQGRFHMYEGYPLWKVTFPVRVFHLLGVDTLVVTNAAGGLNPKFEVGDIMLIRDHINLPGFSGQNPLRGPNDERFGDRFP
AMSDAYDRTMRQRALSTWKQMGEQRELQEGTYVMVAGPSFETVAECRVLQKLGADAVGMSTVPEVIVARHCGLRVFGFSL
ITNKVIMDYESLEKANHEEVLAAGKQAAQKLEQFVSILMASIPLPDKAS
;
_entity_poly.pdbx_strand_id   E,Q,S,T,U,Y
#
loop_
_chem_comp.id
_chem_comp.type
_chem_comp.name
_chem_comp.formula
229 non-polymer 7-({[(1R,2S)-2,3-DIHYDROXY-1-(HYDROXYMETHYL)PROPYL]AMINO}METHYL)-3,5-DIHYDRO-4H-PYRROLO[3,2-D]PYRIMIDIN-4-ONE 'C11 H16 N4 O4'
SO4 non-polymer 'SULFATE ION' 'O4 S -2'
#
# COMPACT_ATOMS: atom_id res chain seq x y z
N ASN A 3 18.72 39.32 -18.12
CA ASN A 3 18.99 40.44 -19.07
C ASN A 3 19.34 41.72 -18.32
N GLY A 4 20.60 42.13 -18.42
CA GLY A 4 21.07 43.33 -17.74
C GLY A 4 20.72 44.62 -18.44
N TYR A 5 19.90 44.57 -19.51
CA TYR A 5 19.38 45.76 -20.18
C TYR A 5 17.89 45.90 -20.00
N THR A 6 17.49 47.12 -19.62
CA THR A 6 16.10 47.54 -19.54
C THR A 6 15.62 48.00 -20.93
N TYR A 7 14.30 48.08 -21.10
CA TYR A 7 13.71 48.67 -22.29
C TYR A 7 14.30 50.06 -22.52
N GLU A 8 14.44 50.78 -21.41
CA GLU A 8 14.96 52.12 -21.35
C GLU A 8 16.41 52.21 -21.85
N ASP A 9 17.16 51.12 -21.68
CA ASP A 9 18.52 51.02 -22.25
C ASP A 9 18.49 51.04 -23.79
N TYR A 10 17.66 50.18 -24.40
CA TYR A 10 17.51 50.10 -25.86
C TYR A 10 17.09 51.44 -26.45
N LYS A 11 16.11 52.06 -25.81
CA LYS A 11 15.53 53.28 -26.32
C LYS A 11 16.50 54.45 -26.29
N ASN A 12 17.46 54.43 -25.35
CA ASN A 12 18.46 55.50 -25.30
C ASN A 12 19.47 55.36 -26.41
N THR A 13 19.86 54.12 -26.67
CA THR A 13 20.70 53.80 -27.82
C THR A 13 19.97 54.19 -29.09
N ALA A 14 18.71 53.75 -29.20
CA ALA A 14 17.91 54.06 -30.38
C ALA A 14 17.73 55.57 -30.61
N GLU A 15 17.54 56.32 -29.53
CA GLU A 15 17.41 57.78 -29.64
C GLU A 15 18.74 58.48 -29.90
N TRP A 16 19.83 57.90 -29.40
CA TRP A 16 21.15 58.45 -29.65
C TRP A 16 21.43 58.42 -31.15
N LEU A 17 21.18 57.27 -31.76
CA LEU A 17 21.33 57.12 -33.20
C LEU A 17 20.43 58.09 -33.98
N LEU A 18 19.15 58.18 -33.60
CA LEU A 18 18.22 59.07 -34.25
C LEU A 18 18.70 60.54 -34.19
N SER A 19 19.32 60.93 -33.07
CA SER A 19 19.89 62.28 -32.91
C SER A 19 21.18 62.50 -33.67
N HIS A 20 21.82 61.41 -34.07
CA HIS A 20 23.15 61.46 -34.68
C HIS A 20 23.21 61.11 -36.17
N THR A 21 22.11 60.58 -36.72
CA THR A 21 21.98 60.39 -38.16
C THR A 21 20.60 60.79 -38.69
N LYS A 22 20.57 61.26 -39.93
CA LYS A 22 19.32 61.62 -40.60
C LYS A 22 18.71 60.42 -41.34
N HIS A 23 19.51 59.37 -41.48
CA HIS A 23 19.07 58.12 -42.10
C HIS A 23 18.04 57.43 -41.23
N ARG A 24 17.00 56.90 -41.87
CA ARG A 24 15.97 56.14 -41.17
C ARG A 24 15.79 54.78 -41.84
N PRO A 25 16.54 53.77 -41.38
CA PRO A 25 16.60 52.49 -42.08
C PRO A 25 15.33 51.63 -42.03
N GLN A 26 14.98 51.06 -43.16
CA GLN A 26 13.90 50.08 -43.22
C GLN A 26 14.48 48.67 -42.96
N VAL A 27 15.69 48.44 -43.46
CA VAL A 27 16.32 47.12 -43.43
C VAL A 27 17.66 47.14 -42.71
N ALA A 28 17.88 46.18 -41.82
CA ALA A 28 19.16 45.99 -41.15
C ALA A 28 19.86 44.72 -41.67
N ILE A 29 21.18 44.80 -41.83
CA ILE A 29 21.94 43.70 -42.40
C ILE A 29 23.16 43.40 -41.54
N ILE A 30 23.24 42.16 -41.02
CA ILE A 30 24.42 41.77 -40.23
C ILE A 30 25.45 40.99 -41.05
N CYS A 31 26.64 41.58 -41.19
CA CYS A 31 27.78 40.98 -41.92
C CYS A 31 28.66 40.10 -41.02
N GLY A 32 28.71 38.82 -41.36
CA GLY A 32 29.52 37.83 -40.65
C GLY A 32 30.97 37.90 -41.06
N SER A 33 31.77 36.94 -40.61
CA SER A 33 33.23 36.96 -40.82
C SER A 33 33.62 37.15 -42.27
N GLY A 34 34.48 38.12 -42.55
CA GLY A 34 35.03 38.30 -43.89
C GLY A 34 34.08 38.89 -44.89
N LEU A 35 32.84 39.15 -44.47
CA LEU A 35 31.80 39.71 -45.33
C LEU A 35 31.64 41.22 -45.16
N GLY A 36 32.51 41.84 -44.37
CA GLY A 36 32.42 43.29 -44.08
C GLY A 36 32.24 44.18 -45.28
N GLY A 37 32.56 43.66 -46.46
CA GLY A 37 32.57 44.44 -47.69
C GLY A 37 31.24 44.65 -48.39
N LEU A 38 30.13 44.28 -47.76
CA LEU A 38 28.82 44.56 -48.32
C LEU A 38 28.42 46.02 -48.06
N THR A 39 29.11 46.68 -47.12
CA THR A 39 28.93 48.12 -46.92
C THR A 39 29.53 48.97 -48.03
N ASP A 40 30.27 48.33 -48.95
CA ASP A 40 30.93 49.05 -50.05
C ASP A 40 29.99 49.78 -51.01
N LYS A 41 28.84 49.17 -51.33
CA LYS A 41 27.94 49.72 -52.36
C LYS A 41 26.83 50.62 -51.81
N LEU A 42 26.88 50.88 -50.52
CA LEU A 42 25.94 51.77 -49.87
C LEU A 42 26.23 53.18 -50.34
N THR A 43 25.20 53.88 -50.80
CA THR A 43 25.32 55.28 -51.15
C THR A 43 24.97 56.16 -49.95
N GLN A 44 25.50 57.40 -49.97
CA GLN A 44 25.37 58.37 -48.89
C GLN A 44 25.55 57.75 -47.51
N ALA A 45 26.68 57.07 -47.33
CA ALA A 45 26.92 56.28 -46.13
C ALA A 45 27.42 57.13 -44.96
N GLN A 46 26.84 56.89 -43.78
CA GLN A 46 27.36 57.46 -42.55
C GLN A 46 27.81 56.36 -41.57
N ILE A 47 29.07 56.43 -41.17
CA ILE A 47 29.71 55.39 -40.37
C ILE A 47 29.82 55.76 -38.90
N PHE A 48 29.52 54.79 -38.04
CA PHE A 48 29.75 54.89 -36.60
C PHE A 48 30.63 53.76 -36.11
N ASP A 49 31.66 54.06 -35.33
CA ASP A 49 32.38 52.97 -34.65
C ASP A 49 31.48 52.52 -33.52
N TYR A 50 31.48 51.23 -33.22
CA TYR A 50 30.71 50.73 -32.07
C TYR A 50 31.12 51.41 -30.76
N SER A 51 32.42 51.67 -30.60
CA SER A 51 32.86 52.47 -29.46
C SER A 51 32.01 53.75 -29.28
N GLU A 52 31.63 54.41 -30.38
CA GLU A 52 30.82 55.63 -30.32
C GLU A 52 29.41 55.46 -29.75
N ILE A 53 28.84 54.27 -29.94
CA ILE A 53 27.42 54.04 -29.68
C ILE A 53 27.15 53.50 -28.27
N PRO A 54 26.40 54.28 -27.46
CA PRO A 54 25.95 53.90 -26.11
C PRO A 54 25.45 52.45 -26.03
N ASN A 55 26.10 51.66 -25.19
CA ASN A 55 25.75 50.26 -24.88
C ASN A 55 26.16 49.21 -25.91
N PHE A 56 26.82 49.63 -26.97
CA PHE A 56 27.28 48.65 -27.96
C PHE A 56 28.47 47.84 -27.45
N PRO A 57 28.36 46.50 -27.54
CA PRO A 57 29.47 45.56 -27.42
C PRO A 57 30.53 45.84 -28.50
N ARG A 58 31.73 45.25 -28.38
CA ARG A 58 32.70 45.34 -29.47
C ARG A 58 33.03 44.03 -30.19
N SER A 59 33.25 44.17 -31.51
CA SER A 59 33.80 43.11 -32.33
C SER A 59 35.27 42.96 -31.97
N THR A 60 35.65 41.74 -31.59
CA THR A 60 37.02 41.40 -31.20
C THR A 60 37.65 40.39 -32.15
N VAL A 61 36.82 39.67 -32.89
CA VAL A 61 37.30 38.65 -33.81
C VAL A 61 37.58 39.25 -35.19
N PRO A 62 38.70 38.84 -35.82
CA PRO A 62 38.89 39.23 -37.23
C PRO A 62 37.99 38.38 -38.14
N GLY A 63 37.54 38.89 -39.29
CA GLY A 63 37.53 40.29 -39.66
C GLY A 63 36.10 40.75 -39.45
N HIS A 64 35.88 41.31 -38.26
CA HIS A 64 34.70 42.06 -37.91
C HIS A 64 35.23 43.47 -37.58
N ALA A 65 34.82 44.47 -38.37
CA ALA A 65 35.41 45.81 -38.26
C ALA A 65 34.93 46.59 -37.04
N GLY A 66 33.70 46.33 -36.61
CA GLY A 66 33.12 46.99 -35.44
C GLY A 66 32.52 48.35 -35.73
N ARG A 67 31.89 48.50 -36.91
CA ARG A 67 31.26 49.77 -37.32
C ARG A 67 29.80 49.58 -37.71
N LEU A 68 28.99 50.60 -37.47
CA LEU A 68 27.59 50.60 -37.87
C LEU A 68 27.46 51.63 -38.98
N VAL A 69 26.97 51.17 -40.13
CA VAL A 69 26.95 51.98 -41.35
C VAL A 69 25.53 52.13 -41.86
N PHE A 70 25.14 53.38 -42.07
CA PHE A 70 23.84 53.75 -42.61
C PHE A 70 24.04 54.13 -44.07
N GLY A 71 23.03 53.85 -44.89
CA GLY A 71 23.08 54.23 -46.30
C GLY A 71 21.93 53.70 -47.11
N PHE A 72 21.97 53.98 -48.42
CA PHE A 72 21.00 53.46 -49.37
C PHE A 72 21.62 52.39 -50.24
N LEU A 73 20.92 51.27 -50.36
CA LEU A 73 21.32 50.21 -51.25
C LEU A 73 20.12 49.83 -52.11
N ASN A 74 20.24 50.11 -53.42
CA ASN A 74 19.25 49.72 -54.41
C ASN A 74 17.85 50.16 -54.01
N GLY A 75 17.71 51.46 -53.75
CA GLY A 75 16.43 52.07 -53.41
C GLY A 75 15.98 51.85 -51.97
N ARG A 76 16.84 51.28 -51.15
CA ARG A 76 16.42 50.86 -49.82
C ARG A 76 17.20 51.58 -48.72
N ALA A 77 16.51 52.02 -47.67
CA ALA A 77 17.18 52.68 -46.55
C ALA A 77 17.66 51.63 -45.55
N CYS A 78 18.98 51.53 -45.40
CA CYS A 78 19.63 50.43 -44.70
C CYS A 78 20.50 50.87 -43.55
N VAL A 79 20.60 49.99 -42.57
CA VAL A 79 21.66 50.04 -41.58
C VAL A 79 22.40 48.71 -41.57
N MET A 80 23.73 48.76 -41.61
CA MET A 80 24.53 47.54 -41.67
C MET A 80 25.44 47.39 -40.47
N MET A 81 25.50 46.16 -39.97
CA MET A 81 26.44 45.78 -38.94
C MET A 81 27.70 45.23 -39.58
N GLN A 82 28.71 46.08 -39.75
CA GLN A 82 29.99 45.64 -40.29
C GLN A 82 30.78 45.03 -39.14
N GLY A 83 30.47 43.76 -38.89
CA GLY A 83 30.95 43.07 -37.72
C GLY A 83 29.80 42.72 -36.79
N ARG A 84 29.87 41.54 -36.21
CA ARG A 84 28.89 41.12 -35.24
C ARG A 84 29.60 40.66 -33.97
N PHE A 85 28.83 40.12 -33.03
CA PHE A 85 29.36 39.59 -31.78
C PHE A 85 28.94 38.13 -31.57
N HIS A 86 29.76 37.43 -30.81
CA HIS A 86 29.58 36.01 -30.56
C HIS A 86 29.59 35.70 -29.07
N MET A 87 28.92 34.60 -28.73
CA MET A 87 28.85 34.03 -27.39
C MET A 87 30.27 33.65 -26.91
N TYR A 88 31.08 33.10 -27.82
CA TYR A 88 32.41 32.62 -27.46
C TYR A 88 33.43 33.72 -27.05
N GLU A 89 33.09 34.97 -27.29
CA GLU A 89 33.94 36.07 -26.85
C GLU A 89 33.62 36.35 -25.39
N GLY A 90 32.64 35.60 -24.87
CA GLY A 90 32.20 35.66 -23.49
C GLY A 90 30.98 36.53 -23.27
N TYR A 91 30.40 37.08 -24.32
CA TYR A 91 29.19 37.90 -24.17
C TYR A 91 27.96 37.04 -23.86
N PRO A 92 27.15 37.48 -22.90
CA PRO A 92 25.83 36.87 -22.73
C PRO A 92 25.02 37.13 -23.98
N LEU A 93 24.04 36.29 -24.26
CA LEU A 93 23.29 36.36 -25.51
C LEU A 93 22.46 37.64 -25.62
N TRP A 94 22.16 38.27 -24.49
CA TRP A 94 21.40 39.51 -24.48
C TRP A 94 22.27 40.70 -24.85
N LYS A 95 23.57 40.46 -24.92
CA LYS A 95 24.52 41.46 -25.42
C LYS A 95 24.78 41.26 -26.89
N VAL A 96 25.07 40.02 -27.25
CA VAL A 96 25.22 39.61 -28.62
C VAL A 96 24.03 40.04 -29.46
N THR A 97 22.82 39.97 -28.91
CA THR A 97 21.65 40.33 -29.68
C THR A 97 21.11 41.72 -29.44
N PHE A 98 21.78 42.48 -28.59
CA PHE A 98 21.37 43.82 -28.26
C PHE A 98 21.02 44.70 -29.46
N PRO A 99 21.86 44.72 -30.51
CA PRO A 99 21.51 45.65 -31.59
C PRO A 99 20.12 45.41 -32.22
N VAL A 100 19.68 44.14 -32.30
CA VAL A 100 18.42 43.79 -32.97
C VAL A 100 17.20 44.48 -32.36
N ARG A 101 17.14 44.58 -31.05
CA ARG A 101 16.08 45.36 -30.41
C ARG A 101 16.23 46.85 -30.69
N VAL A 102 17.46 47.35 -30.69
CA VAL A 102 17.62 48.77 -31.03
C VAL A 102 17.24 49.07 -32.47
N PHE A 103 17.52 48.14 -33.39
CA PHE A 103 17.00 48.27 -34.78
C PHE A 103 15.49 48.41 -34.84
N HIS A 104 14.79 47.52 -34.14
CA HIS A 104 13.33 47.54 -34.09
C HIS A 104 12.83 48.89 -33.57
N LEU A 105 13.43 49.40 -32.49
CA LEU A 105 13.06 50.74 -31.97
C LEU A 105 13.29 51.87 -32.97
N LEU A 106 14.26 51.69 -33.85
CA LEU A 106 14.55 52.62 -34.95
C LEU A 106 13.49 52.55 -36.04
N GLY A 107 12.79 51.44 -36.12
CA GLY A 107 11.68 51.29 -37.07
C GLY A 107 12.05 50.38 -38.21
N VAL A 108 13.09 49.58 -38.00
CA VAL A 108 13.50 48.58 -38.99
C VAL A 108 12.47 47.48 -38.95
N ASP A 109 12.03 47.01 -40.11
CA ASP A 109 11.04 45.93 -40.17
C ASP A 109 11.59 44.65 -40.79
N THR A 110 12.78 44.73 -41.38
CA THR A 110 13.41 43.55 -41.93
C THR A 110 14.86 43.43 -41.49
N LEU A 111 15.24 42.22 -41.09
CA LEU A 111 16.63 41.90 -40.85
C LEU A 111 17.16 40.80 -41.76
N VAL A 112 18.26 41.10 -42.44
CA VAL A 112 19.03 40.07 -43.09
C VAL A 112 20.32 39.76 -42.35
N VAL A 113 20.50 38.46 -42.09
CA VAL A 113 21.65 37.96 -41.34
C VAL A 113 22.55 37.17 -42.28
N THR A 114 23.83 37.50 -42.27
CA THR A 114 24.78 36.79 -43.11
C THR A 114 25.83 36.13 -42.23
N ASN A 115 26.35 35.00 -42.67
CA ASN A 115 27.43 34.36 -41.95
C ASN A 115 28.36 33.56 -42.84
N ALA A 116 29.59 33.39 -42.37
CA ALA A 116 30.43 32.35 -42.87
C ALA A 116 29.97 31.09 -42.13
N ALA A 117 30.02 29.96 -42.82
CA ALA A 117 29.56 28.68 -42.26
C ALA A 117 30.32 27.53 -42.88
N GLY A 118 30.62 26.50 -42.08
CA GLY A 118 31.28 25.31 -42.59
C GLY A 118 30.29 24.39 -43.25
N GLY A 119 30.64 23.84 -44.40
CA GLY A 119 29.71 22.98 -45.13
C GLY A 119 29.60 21.60 -44.50
N LEU A 120 28.38 21.19 -44.19
CA LEU A 120 28.14 19.82 -43.73
C LEU A 120 27.66 18.91 -44.87
N ASN A 121 26.63 19.37 -45.59
CA ASN A 121 26.09 18.70 -46.77
C ASN A 121 27.14 18.48 -47.88
N PRO A 122 27.39 17.22 -48.28
CA PRO A 122 28.36 16.80 -49.30
C PRO A 122 28.27 17.49 -50.66
N LYS A 123 27.10 18.03 -50.99
CA LYS A 123 26.88 18.65 -52.29
C LYS A 123 27.30 20.12 -52.33
N PHE A 124 27.76 20.66 -51.21
CA PHE A 124 28.16 22.07 -51.17
C PHE A 124 29.64 22.21 -51.48
N GLU A 125 29.98 23.15 -52.36
CA GLU A 125 31.38 23.50 -52.58
C GLU A 125 31.70 24.79 -51.83
N VAL A 126 32.98 25.13 -51.68
CA VAL A 126 33.34 26.39 -51.02
C VAL A 126 32.95 27.59 -51.90
N GLY A 127 32.47 28.65 -51.26
CA GLY A 127 32.00 29.81 -52.00
C GLY A 127 30.53 29.70 -52.43
N ASP A 128 29.87 28.60 -52.05
CA ASP A 128 28.43 28.48 -52.29
C ASP A 128 27.72 29.43 -51.35
N ILE A 129 26.67 30.07 -51.86
CA ILE A 129 25.74 30.78 -51.00
C ILE A 129 24.61 29.81 -50.67
N MET A 130 24.21 29.75 -49.40
CA MET A 130 23.11 28.89 -49.01
C MET A 130 22.02 29.74 -48.35
N LEU A 131 20.84 29.73 -48.95
CA LEU A 131 19.66 30.27 -48.31
C LEU A 131 19.45 29.54 -47.01
N ILE A 132 19.37 30.27 -45.91
CA ILE A 132 19.01 29.62 -44.66
C ILE A 132 17.49 29.40 -44.67
N ARG A 133 17.09 28.15 -44.66
CA ARG A 133 15.67 27.84 -44.63
C ARG A 133 15.20 27.71 -43.21
N ASP A 134 16.07 27.24 -42.34
CA ASP A 134 15.69 26.88 -40.98
C ASP A 134 16.96 26.81 -40.17
N HIS A 135 16.82 26.69 -38.85
CA HIS A 135 18.00 26.51 -38.02
C HIS A 135 17.78 25.47 -36.96
N ILE A 136 18.88 24.98 -36.40
CA ILE A 136 18.80 24.11 -35.24
C ILE A 136 19.58 24.83 -34.16
N ASN A 137 18.95 25.03 -33.02
CA ASN A 137 19.58 25.83 -31.96
C ASN A 137 20.05 24.98 -30.78
N LEU A 138 21.23 24.40 -30.89
CA LEU A 138 21.79 23.62 -29.78
C LEU A 138 22.00 24.43 -28.48
N PRO A 139 22.64 25.63 -28.56
CA PRO A 139 22.73 26.42 -27.31
C PRO A 139 21.37 26.67 -26.68
N GLY A 140 20.36 26.97 -27.52
CA GLY A 140 19.00 27.23 -27.06
C GLY A 140 18.36 26.05 -26.37
N PHE A 141 18.53 24.86 -26.95
CA PHE A 141 18.02 23.62 -26.37
C PHE A 141 18.33 23.47 -24.90
N SER A 142 19.52 23.91 -24.49
CA SER A 142 20.01 23.61 -23.17
C SER A 142 20.03 24.82 -22.23
N GLY A 143 19.34 25.89 -22.60
CA GLY A 143 19.29 27.05 -21.72
C GLY A 143 19.79 28.34 -22.32
N GLN A 144 20.76 28.28 -23.23
CA GLN A 144 21.33 29.50 -23.83
C GLN A 144 20.44 30.07 -24.97
N ASN A 145 19.50 30.93 -24.56
CA ASN A 145 18.50 31.55 -25.42
C ASN A 145 18.36 33.00 -24.98
N PRO A 146 18.47 33.96 -25.91
CA PRO A 146 18.50 35.38 -25.53
C PRO A 146 17.19 35.90 -24.90
N LEU A 147 16.15 35.08 -24.97
CA LEU A 147 14.84 35.43 -24.43
C LEU A 147 14.63 34.92 -23.01
N ARG A 148 15.60 34.19 -22.48
CA ARG A 148 15.54 33.72 -21.11
C ARG A 148 15.47 34.95 -20.15
N GLY A 149 14.69 34.78 -19.10
CA GLY A 149 14.43 35.81 -18.16
C GLY A 149 13.08 36.44 -18.37
N PRO A 150 12.85 37.59 -17.70
CA PRO A 150 11.61 38.35 -17.83
C PRO A 150 11.34 38.76 -19.27
N ASN A 151 10.10 38.60 -19.68
CA ASN A 151 9.72 38.98 -21.02
C ASN A 151 9.07 40.35 -21.03
N ASP A 152 9.40 41.18 -22.01
CA ASP A 152 8.77 42.48 -22.15
C ASP A 152 7.86 42.49 -23.34
N GLU A 153 6.55 42.51 -23.09
CA GLU A 153 5.53 42.42 -24.13
C GLU A 153 5.54 43.60 -25.10
N ARG A 154 6.26 44.67 -24.76
CA ARG A 154 6.44 45.79 -25.69
C ARG A 154 7.28 45.35 -26.87
N PHE A 155 8.06 44.29 -26.66
CA PHE A 155 8.89 43.67 -27.68
C PHE A 155 8.23 42.47 -28.33
N GLY A 156 7.62 41.61 -27.52
CA GLY A 156 6.96 40.43 -28.04
C GLY A 156 6.42 39.53 -26.97
N ASP A 157 6.09 38.31 -27.37
CA ASP A 157 5.43 37.35 -26.52
C ASP A 157 6.39 36.64 -25.56
N ARG A 158 5.84 36.05 -24.50
CA ARG A 158 6.57 35.10 -23.70
C ARG A 158 7.06 33.84 -24.51
N PHE A 159 6.31 33.45 -25.52
CA PHE A 159 6.62 32.18 -26.22
C PHE A 159 6.43 32.37 -27.70
N PRO A 160 7.42 32.94 -28.38
CA PRO A 160 7.17 33.18 -29.79
C PRO A 160 7.47 31.93 -30.58
N ALA A 161 6.69 31.65 -31.62
CA ALA A 161 6.97 30.47 -32.46
C ALA A 161 8.18 30.75 -33.35
N MET A 162 8.95 29.72 -33.66
CA MET A 162 10.11 29.88 -34.56
C MET A 162 10.02 29.09 -35.87
N SER A 163 8.90 28.37 -36.06
CA SER A 163 8.77 27.47 -37.22
C SER A 163 8.64 28.20 -38.57
N ASP A 164 8.28 29.48 -38.54
CA ASP A 164 8.22 30.36 -39.71
C ASP A 164 9.27 31.50 -39.65
N ALA A 165 10.40 31.24 -38.98
CA ALA A 165 11.44 32.28 -38.77
C ALA A 165 11.95 32.91 -40.04
N TYR A 166 12.28 32.08 -41.02
CA TYR A 166 12.89 32.54 -42.27
C TYR A 166 11.83 32.82 -43.29
N ASP A 167 11.64 34.09 -43.63
CA ASP A 167 10.56 34.49 -44.50
C ASP A 167 10.47 33.62 -45.74
N ARG A 168 9.39 32.86 -45.79
CA ARG A 168 9.07 31.96 -46.90
C ARG A 168 9.02 32.70 -48.25
N THR A 169 8.39 33.87 -48.27
CA THR A 169 8.21 34.65 -49.49
C THR A 169 9.55 35.18 -50.06
N MET A 170 10.35 35.84 -49.22
CA MET A 170 11.68 36.30 -49.63
C MET A 170 12.56 35.16 -50.13
N ARG A 171 12.37 33.97 -49.58
CA ARG A 171 13.14 32.81 -50.00
C ARG A 171 12.80 32.40 -51.43
N GLN A 172 11.50 32.24 -51.70
CA GLN A 172 11.00 32.01 -53.07
C GLN A 172 11.46 33.07 -54.08
N ARG A 173 11.56 34.31 -53.61
CA ARG A 173 11.97 35.42 -54.45
C ARG A 173 13.45 35.32 -54.80
N ALA A 174 14.28 35.05 -53.78
CA ALA A 174 15.73 34.91 -54.00
C ALA A 174 16.08 33.74 -54.91
N LEU A 175 15.34 32.64 -54.77
CA LEU A 175 15.47 31.46 -55.64
C LEU A 175 15.32 31.79 -57.13
N SER A 176 14.18 32.36 -57.52
CA SER A 176 13.92 32.70 -58.93
C SER A 176 14.77 33.88 -59.42
N THR A 177 15.05 34.81 -58.50
CA THR A 177 15.98 35.92 -58.68
C THR A 177 17.38 35.46 -59.09
N TRP A 178 17.76 34.25 -58.66
CA TRP A 178 19.15 33.78 -58.79
C TRP A 178 19.70 33.79 -60.22
N LYS A 179 18.89 33.44 -61.21
CA LYS A 179 19.35 33.44 -62.61
C LYS A 179 19.82 34.80 -63.12
N GLN A 180 19.43 35.87 -62.41
CA GLN A 180 19.91 37.23 -62.72
C GLN A 180 21.35 37.45 -62.27
N MET A 181 21.80 36.67 -61.28
CA MET A 181 23.20 36.64 -60.88
C MET A 181 24.06 36.10 -62.01
N GLY A 182 23.46 35.22 -62.83
CA GLY A 182 24.14 34.57 -63.94
C GLY A 182 25.32 33.74 -63.48
N GLU A 183 25.11 32.96 -62.42
CA GLU A 183 26.18 32.14 -61.85
C GLU A 183 26.14 30.68 -62.32
N GLN A 184 27.32 30.11 -62.53
CA GLN A 184 27.47 28.72 -62.98
C GLN A 184 27.19 27.69 -61.86
N ARG A 185 26.70 28.18 -60.73
CA ARG A 185 26.37 27.35 -59.57
C ARG A 185 25.03 27.74 -58.95
N GLU A 186 24.26 26.73 -58.57
CA GLU A 186 22.91 26.92 -58.03
C GLU A 186 22.89 27.47 -56.60
N LEU A 187 21.86 28.25 -56.30
CA LEU A 187 21.68 28.80 -54.96
C LEU A 187 21.16 27.71 -54.05
N GLN A 188 21.94 27.42 -53.02
CA GLN A 188 21.64 26.33 -52.10
C GLN A 188 20.63 26.77 -51.06
N GLU A 189 19.78 25.84 -50.63
CA GLU A 189 18.88 26.06 -49.51
C GLU A 189 19.26 25.04 -48.43
N GLY A 190 19.13 25.41 -47.17
CA GLY A 190 19.48 24.46 -46.13
C GLY A 190 19.34 24.89 -44.69
N THR A 191 19.58 23.95 -43.78
CA THR A 191 19.43 24.17 -42.35
C THR A 191 20.77 24.57 -41.75
N TYR A 192 20.77 25.68 -41.01
CA TYR A 192 21.97 26.14 -40.30
C TYR A 192 21.93 25.62 -38.87
N VAL A 193 23.01 24.97 -38.42
CA VAL A 193 23.10 24.60 -37.00
C VAL A 193 24.07 25.50 -36.24
N MET A 194 23.57 26.08 -35.16
CA MET A 194 24.47 26.85 -34.31
C MET A 194 25.12 26.02 -33.22
N VAL A 195 26.41 26.25 -33.09
CA VAL A 195 27.29 25.63 -32.12
C VAL A 195 28.15 26.74 -31.46
N ALA A 196 28.53 26.58 -30.20
CA ALA A 196 29.03 27.72 -29.47
C ALA A 196 30.45 28.11 -29.82
N GLY A 197 31.28 27.10 -30.07
CA GLY A 197 32.72 27.31 -30.21
C GLY A 197 33.37 27.78 -28.92
N PRO A 198 34.57 28.39 -29.00
CA PRO A 198 35.25 28.89 -30.19
C PRO A 198 36.06 27.85 -30.98
N SER A 199 36.33 26.69 -30.42
CA SER A 199 37.09 25.68 -31.17
C SER A 199 36.25 25.01 -32.26
N PHE A 200 36.92 24.60 -33.34
CA PHE A 200 36.26 23.92 -34.43
C PHE A 200 35.89 22.50 -34.05
N GLU A 201 35.17 21.83 -34.94
CA GLU A 201 34.49 20.58 -34.63
C GLU A 201 35.34 19.39 -34.94
N THR A 202 35.11 18.33 -34.19
CA THR A 202 35.71 17.02 -34.44
C THR A 202 34.92 16.32 -35.55
N VAL A 203 35.53 15.29 -36.16
CA VAL A 203 34.85 14.45 -37.13
C VAL A 203 33.59 13.90 -36.48
N ALA A 204 33.73 13.33 -35.30
CA ALA A 204 32.57 12.77 -34.62
C ALA A 204 31.46 13.81 -34.52
N GLU A 205 31.81 15.02 -34.07
CA GLU A 205 30.83 16.09 -33.92
C GLU A 205 30.17 16.48 -35.24
N CYS A 206 30.96 16.60 -36.31
CA CYS A 206 30.40 16.79 -37.65
C CYS A 206 29.42 15.72 -38.05
N ARG A 207 29.71 14.47 -37.71
CA ARG A 207 28.85 13.38 -38.18
C ARG A 207 27.50 13.47 -37.51
N VAL A 208 27.48 13.86 -36.23
CA VAL A 208 26.22 14.09 -35.52
C VAL A 208 25.43 15.25 -36.13
N LEU A 209 26.10 16.37 -36.38
CA LEU A 209 25.46 17.56 -36.93
C LEU A 209 24.80 17.22 -38.27
N GLN A 210 25.56 16.59 -39.14
CA GLN A 210 25.08 16.15 -40.44
C GLN A 210 23.84 15.28 -40.29
N LYS A 211 23.87 14.34 -39.34
CA LYS A 211 22.75 13.44 -39.13
C LYS A 211 21.61 14.01 -38.25
N LEU A 212 21.80 15.18 -37.68
CA LEU A 212 20.68 15.93 -37.09
C LEU A 212 19.92 16.59 -38.23
N GLY A 213 20.49 16.52 -39.43
CA GLY A 213 19.94 17.18 -40.60
C GLY A 213 20.51 18.55 -40.94
N ALA A 214 21.52 19.02 -40.21
CA ALA A 214 22.10 20.32 -40.52
C ALA A 214 22.97 20.26 -41.76
N ASP A 215 22.96 21.36 -42.50
CA ASP A 215 23.61 21.46 -43.78
C ASP A 215 24.86 22.31 -43.70
N ALA A 216 24.86 23.23 -42.73
CA ALA A 216 25.99 24.10 -42.47
C ALA A 216 26.06 24.44 -40.98
N VAL A 217 27.27 24.73 -40.52
CA VAL A 217 27.51 24.98 -39.11
C VAL A 217 28.27 26.28 -38.91
N GLY A 218 27.87 27.07 -37.93
CA GLY A 218 28.63 28.25 -37.52
C GLY A 218 28.34 28.50 -36.06
N MET A 219 28.84 29.61 -35.51
CA MET A 219 28.72 29.92 -34.08
C MET A 219 28.08 31.28 -33.88
N SER A 220 27.01 31.55 -34.62
CA SER A 220 26.42 32.88 -34.61
C SER A 220 24.98 32.86 -35.13
N THR A 221 24.43 34.04 -35.32
CA THR A 221 23.28 34.27 -36.20
C THR A 221 21.94 33.88 -35.59
N VAL A 222 21.85 32.65 -35.11
CA VAL A 222 20.58 32.09 -34.60
C VAL A 222 19.91 32.95 -33.51
N PRO A 223 20.68 33.39 -32.50
CA PRO A 223 20.18 34.28 -31.43
C PRO A 223 19.63 35.61 -31.97
N GLU A 224 20.31 36.19 -32.96
CA GLU A 224 19.86 37.41 -33.64
C GLU A 224 18.48 37.21 -34.27
N VAL A 225 18.33 36.12 -35.02
CA VAL A 225 17.05 35.72 -35.63
C VAL A 225 15.93 35.63 -34.58
N ILE A 226 16.26 35.00 -33.46
CA ILE A 226 15.30 34.71 -32.43
C ILE A 226 14.78 35.95 -31.73
N VAL A 227 15.64 36.96 -31.53
CA VAL A 227 15.13 38.22 -31.00
C VAL A 227 14.43 39.01 -32.09
N ALA A 228 14.90 38.87 -33.33
CA ALA A 228 14.30 39.63 -34.43
C ALA A 228 12.84 39.22 -34.58
N ARG A 229 12.59 37.92 -34.55
CA ARG A 229 11.27 37.35 -34.75
C ARG A 229 10.39 37.61 -33.55
N HIS A 230 10.98 37.50 -32.36
CA HIS A 230 10.29 37.87 -31.13
C HIS A 230 9.66 39.27 -31.26
N CYS A 231 10.37 40.22 -31.85
CA CYS A 231 9.78 41.56 -31.99
C CYS A 231 9.21 41.82 -33.37
N GLY A 232 9.04 40.73 -34.13
CA GLY A 232 8.20 40.73 -35.34
C GLY A 232 8.82 41.10 -36.67
N LEU A 233 10.14 41.20 -36.75
CA LEU A 233 10.78 41.52 -38.01
C LEU A 233 10.67 40.35 -38.98
N ARG A 234 10.63 40.68 -40.27
CA ARG A 234 10.81 39.69 -41.32
C ARG A 234 12.29 39.31 -41.32
N VAL A 235 12.56 38.00 -41.38
CA VAL A 235 13.95 37.53 -41.36
C VAL A 235 14.37 36.80 -42.61
N PHE A 236 15.47 37.25 -43.18
CA PHE A 236 16.12 36.56 -44.27
C PHE A 236 17.58 36.30 -43.90
N GLY A 237 18.05 35.10 -44.19
CA GLY A 237 19.42 34.73 -43.85
C GLY A 237 20.09 33.91 -44.92
N PHE A 238 21.40 34.06 -45.03
CA PHE A 238 22.19 33.18 -45.86
C PHE A 238 23.61 33.00 -45.33
N SER A 239 24.14 31.81 -45.56
CA SER A 239 25.51 31.51 -45.22
C SER A 239 26.34 31.56 -46.47
N LEU A 240 27.60 31.94 -46.32
CA LEU A 240 28.57 31.67 -47.38
C LEU A 240 29.38 30.48 -46.92
N ILE A 241 29.38 29.42 -47.72
CA ILE A 241 30.16 28.22 -47.43
C ILE A 241 31.66 28.46 -47.69
N THR A 242 32.38 28.72 -46.60
CA THR A 242 33.79 29.07 -46.66
C THR A 242 34.74 27.86 -46.66
N ASN A 243 34.26 26.75 -46.09
CA ASN A 243 35.04 25.54 -46.00
C ASN A 243 34.13 24.32 -45.86
N LYS A 244 34.62 23.16 -46.28
CA LYS A 244 33.92 21.89 -46.07
C LYS A 244 34.50 21.20 -44.84
N VAL A 245 33.67 20.94 -43.85
CA VAL A 245 34.15 20.44 -42.57
C VAL A 245 34.73 19.05 -42.72
N ILE A 246 35.75 18.77 -41.93
CA ILE A 246 36.47 17.53 -42.06
C ILE A 246 35.66 16.37 -41.50
N MET A 247 35.33 15.45 -42.42
CA MET A 247 34.42 14.34 -42.16
C MET A 247 35.14 12.99 -42.02
N ASP A 248 36.41 12.94 -42.39
CA ASP A 248 37.18 11.70 -42.29
C ASP A 248 38.44 11.85 -41.44
N TYR A 249 38.90 10.73 -40.90
CA TYR A 249 40.03 10.68 -39.94
C TYR A 249 41.40 10.59 -40.63
N GLU A 250 41.41 10.56 -41.95
CA GLU A 250 42.67 10.44 -42.67
C GLU A 250 43.08 11.73 -43.35
N SER A 251 42.16 12.69 -43.41
CA SER A 251 42.52 14.02 -43.84
C SER A 251 43.57 14.60 -42.91
N LEU A 252 44.65 15.11 -43.50
CA LEU A 252 45.59 15.88 -42.72
C LEU A 252 45.17 17.35 -42.68
N GLU A 253 44.00 17.62 -43.26
CA GLU A 253 43.44 18.97 -43.35
C GLU A 253 42.76 19.38 -42.05
N LYS A 254 42.77 20.68 -41.77
CA LYS A 254 42.08 21.19 -40.59
C LYS A 254 41.43 22.57 -40.79
N ALA A 255 40.30 22.79 -40.12
CA ALA A 255 39.59 24.05 -40.24
C ALA A 255 40.37 25.22 -39.59
N ASN A 256 40.30 26.39 -40.21
CA ASN A 256 40.99 27.54 -39.69
C ASN A 256 40.35 28.82 -40.16
N HIS A 257 40.36 29.82 -39.29
CA HIS A 257 39.78 31.12 -39.60
C HIS A 257 40.37 31.81 -40.82
N GLU A 258 41.66 31.59 -41.07
CA GLU A 258 42.35 32.21 -42.19
C GLU A 258 41.64 31.87 -43.49
N GLU A 259 41.46 30.57 -43.72
CA GLU A 259 40.64 30.01 -44.79
C GLU A 259 39.27 30.69 -44.90
N VAL A 260 38.56 30.78 -43.78
CA VAL A 260 37.20 31.33 -43.81
C VAL A 260 37.14 32.81 -44.14
N LEU A 261 38.23 33.55 -43.88
CA LEU A 261 38.29 34.96 -44.24
C LEU A 261 38.68 35.11 -45.69
N ALA A 262 39.45 34.13 -46.18
CA ALA A 262 39.89 34.13 -47.55
C ALA A 262 38.75 33.79 -48.47
N ALA A 263 37.87 32.89 -48.04
CA ALA A 263 36.73 32.51 -48.85
C ALA A 263 35.70 33.63 -48.91
N GLY A 264 35.67 34.43 -47.84
CA GLY A 264 34.83 35.62 -47.79
C GLY A 264 35.31 36.75 -48.68
N LYS A 265 36.58 36.72 -49.07
CA LYS A 265 37.11 37.75 -49.96
C LYS A 265 36.85 37.41 -51.43
N GLN A 266 37.08 36.15 -51.80
CA GLN A 266 36.77 35.66 -53.14
C GLN A 266 35.30 35.90 -53.53
N ALA A 267 34.43 35.88 -52.53
CA ALA A 267 33.00 35.92 -52.76
C ALA A 267 32.39 37.32 -52.65
N ALA A 268 33.24 38.35 -52.67
CA ALA A 268 32.81 39.74 -52.47
C ALA A 268 31.79 40.23 -53.51
N GLN A 269 32.23 40.34 -54.76
CA GLN A 269 31.39 40.82 -55.87
C GLN A 269 30.10 40.03 -56.07
N LYS A 270 30.16 38.73 -55.81
CA LYS A 270 28.98 37.87 -55.95
C LYS A 270 27.99 38.13 -54.80
N LEU A 271 28.50 38.40 -53.61
CA LEU A 271 27.65 38.70 -52.46
C LEU A 271 27.05 40.11 -52.51
N GLU A 272 27.86 41.05 -52.98
CA GLU A 272 27.49 42.43 -53.21
C GLU A 272 26.28 42.50 -54.13
N GLN A 273 26.37 41.81 -55.27
CA GLN A 273 25.33 41.76 -56.29
C GLN A 273 24.06 41.06 -55.78
N PHE A 274 24.25 39.95 -55.07
CA PHE A 274 23.14 39.16 -54.57
C PHE A 274 22.28 39.95 -53.59
N VAL A 275 22.95 40.60 -52.65
CA VAL A 275 22.31 41.44 -51.64
C VAL A 275 21.65 42.66 -52.30
N SER A 276 22.34 43.27 -53.26
CA SER A 276 21.81 44.41 -53.99
C SER A 276 20.42 44.09 -54.57
N ILE A 277 20.38 43.08 -55.44
CA ILE A 277 19.15 42.54 -56.00
C ILE A 277 18.09 42.30 -54.94
N LEU A 278 18.49 41.67 -53.84
CA LEU A 278 17.63 41.28 -52.75
C LEU A 278 16.80 42.45 -52.21
N MET A 279 17.48 43.57 -51.98
CA MET A 279 16.88 44.80 -51.45
C MET A 279 15.58 45.17 -52.15
N ALA A 280 15.60 45.07 -53.47
CA ALA A 280 14.45 45.42 -54.28
C ALA A 280 13.23 44.55 -53.96
N SER A 281 13.50 43.33 -53.51
CA SER A 281 12.44 42.37 -53.22
C SER A 281 11.87 42.49 -51.79
N ILE A 282 12.29 43.49 -51.03
CA ILE A 282 11.77 43.65 -49.66
C ILE A 282 10.52 44.52 -49.66
N PRO A 283 9.41 44.00 -49.08
CA PRO A 283 8.15 44.76 -48.98
C PRO A 283 8.30 46.12 -48.30
N LEU A 284 7.56 47.08 -48.82
CA LEU A 284 7.46 48.42 -48.25
C LEU A 284 6.78 48.36 -46.88
N PRO A 285 7.20 49.24 -45.95
CA PRO A 285 6.61 49.37 -44.60
C PRO A 285 5.09 49.14 -44.52
N GLU B 2 27.12 25.70 -4.77
CA GLU B 2 26.55 26.65 -5.77
C GLU B 2 25.03 26.78 -5.66
N ASN B 3 24.39 25.80 -5.03
CA ASN B 3 23.03 25.98 -4.51
C ASN B 3 23.05 27.07 -3.42
N GLY B 4 22.12 28.02 -3.51
CA GLY B 4 21.99 29.08 -2.52
C GLY B 4 21.33 28.62 -1.23
N TYR B 5 20.64 27.48 -1.30
CA TYR B 5 19.91 26.97 -0.16
C TYR B 5 20.72 26.00 0.68
N THR B 6 20.65 26.18 2.00
CA THR B 6 21.19 25.24 2.99
C THR B 6 20.13 24.21 3.41
N TYR B 7 20.54 23.12 4.07
CA TYR B 7 19.58 22.12 4.56
C TYR B 7 18.59 22.78 5.52
N GLU B 8 19.13 23.67 6.34
CA GLU B 8 18.39 24.50 7.29
C GLU B 8 17.27 25.24 6.57
N ASP B 9 17.56 25.74 5.38
CA ASP B 9 16.57 26.51 4.61
C ASP B 9 15.35 25.66 4.23
N TYR B 10 15.62 24.51 3.58
CA TYR B 10 14.56 23.53 3.29
C TYR B 10 13.81 23.18 4.54
N LYS B 11 14.54 23.08 5.66
CA LYS B 11 13.90 22.67 6.90
C LYS B 11 12.99 23.73 7.47
N ASN B 12 13.37 25.00 7.37
CA ASN B 12 12.52 26.06 7.91
C ASN B 12 11.18 26.08 7.20
N THR B 13 11.24 25.91 5.88
CA THR B 13 10.08 25.93 5.02
C THR B 13 9.15 24.75 5.36
N ALA B 14 9.74 23.57 5.49
CA ALA B 14 9.00 22.36 5.84
C ALA B 14 8.22 22.49 7.14
N GLU B 15 8.93 22.88 8.20
CA GLU B 15 8.37 23.09 9.52
C GLU B 15 7.34 24.20 9.57
N TRP B 16 7.53 25.21 8.72
CA TRP B 16 6.58 26.30 8.57
C TRP B 16 5.26 25.82 7.99
N LEU B 17 5.32 25.08 6.89
CA LEU B 17 4.13 24.41 6.35
C LEU B 17 3.50 23.49 7.40
N LEU B 18 4.34 22.69 8.06
CA LEU B 18 3.90 21.71 9.05
C LEU B 18 3.11 22.28 10.23
N SER B 19 3.48 23.47 10.70
CA SER B 19 2.68 24.13 11.74
C SER B 19 1.51 24.95 11.20
N HIS B 20 1.60 25.39 9.96
CA HIS B 20 0.50 26.18 9.39
C HIS B 20 -0.62 25.33 8.79
N THR B 21 -0.33 24.05 8.53
CA THR B 21 -1.38 23.12 8.12
C THR B 21 -1.54 21.94 9.08
N LYS B 22 -2.74 21.37 9.11
CA LYS B 22 -2.99 20.11 9.82
C LYS B 22 -2.72 18.90 8.92
N HIS B 23 -2.77 19.11 7.61
CA HIS B 23 -2.55 18.08 6.62
C HIS B 23 -1.17 17.43 6.70
N ARG B 24 -1.12 16.12 6.43
CA ARG B 24 0.16 15.45 6.28
C ARG B 24 0.16 14.68 4.98
N PRO B 25 0.64 15.31 3.92
CA PRO B 25 0.45 14.71 2.59
C PRO B 25 1.38 13.53 2.35
N GLN B 26 0.86 12.49 1.67
CA GLN B 26 1.66 11.36 1.24
C GLN B 26 2.20 11.67 -0.16
N VAL B 27 1.39 12.40 -0.92
CA VAL B 27 1.62 12.58 -2.34
C VAL B 27 1.71 14.07 -2.67
N ALA B 28 2.64 14.42 -3.57
CA ALA B 28 2.70 15.76 -4.09
C ALA B 28 2.45 15.68 -5.58
N ILE B 29 1.63 16.61 -6.07
CA ILE B 29 1.35 16.74 -7.49
C ILE B 29 1.72 18.13 -8.03
N ILE B 30 2.58 18.16 -9.04
CA ILE B 30 2.93 19.43 -9.68
C ILE B 30 2.15 19.61 -10.97
N CYS B 31 1.31 20.63 -10.97
CA CYS B 31 0.42 20.95 -12.08
C CYS B 31 1.10 21.83 -13.11
N GLY B 32 1.03 21.40 -14.37
CA GLY B 32 1.61 22.15 -15.47
C GLY B 32 0.65 23.18 -16.04
N SER B 33 1.02 23.74 -17.19
CA SER B 33 0.29 24.82 -17.79
C SER B 33 -1.14 24.45 -18.06
N GLY B 34 -2.05 25.18 -17.40
CA GLY B 34 -3.48 24.98 -17.54
C GLY B 34 -3.97 23.64 -17.01
N LEU B 35 -3.20 23.04 -16.11
CA LEU B 35 -3.64 21.84 -15.43
C LEU B 35 -4.05 22.19 -13.99
N GLY B 36 -4.02 23.49 -13.68
CA GLY B 36 -4.39 23.98 -12.34
C GLY B 36 -5.74 23.47 -11.86
N GLY B 37 -6.66 23.26 -12.81
CA GLY B 37 -7.97 22.67 -12.54
C GLY B 37 -7.93 21.39 -11.71
N LEU B 38 -6.79 20.71 -11.73
CA LEU B 38 -6.56 19.56 -10.85
C LEU B 38 -6.79 19.80 -9.34
N THR B 39 -6.67 21.06 -8.90
CA THR B 39 -6.92 21.37 -7.50
C THR B 39 -8.39 21.27 -7.09
N ASP B 40 -9.30 21.42 -8.06
CA ASP B 40 -10.73 21.58 -7.77
C ASP B 40 -11.42 20.41 -7.04
N LYS B 41 -10.89 19.20 -7.19
CA LYS B 41 -11.51 18.02 -6.57
C LYS B 41 -10.99 17.68 -5.16
N LEU B 42 -10.10 18.52 -4.63
CA LEU B 42 -9.56 18.32 -3.28
C LEU B 42 -10.62 18.62 -2.23
N THR B 43 -10.57 17.89 -1.13
CA THR B 43 -11.52 18.08 -0.04
C THR B 43 -10.79 18.63 1.17
N GLN B 44 -11.52 19.40 1.99
CA GLN B 44 -10.98 20.14 3.14
C GLN B 44 -9.70 20.90 2.78
N ALA B 45 -9.78 21.64 1.70
CA ALA B 45 -8.62 22.26 1.13
C ALA B 45 -8.08 23.43 1.99
N GLN B 46 -6.77 23.65 1.86
CA GLN B 46 -6.10 24.75 2.49
C GLN B 46 -5.12 25.29 1.46
N ILE B 47 -5.33 26.54 1.09
CA ILE B 47 -4.54 27.24 0.09
C ILE B 47 -3.47 28.15 0.74
N PHE B 48 -2.23 28.03 0.26
CA PHE B 48 -1.14 28.99 0.55
C PHE B 48 -0.59 29.62 -0.72
N ASP B 49 -0.57 30.94 -0.78
CA ASP B 49 0.13 31.63 -1.87
C ASP B 49 1.61 31.36 -1.69
N TYR B 50 2.33 31.15 -2.80
CA TYR B 50 3.78 30.96 -2.74
C TYR B 50 4.47 32.10 -1.99
N SER B 51 3.94 33.31 -2.13
CA SER B 51 4.54 34.46 -1.47
C SER B 51 4.46 34.44 0.05
N GLU B 52 3.68 33.54 0.63
CA GLU B 52 3.61 33.41 2.10
C GLU B 52 4.70 32.51 2.65
N ILE B 53 5.09 31.52 1.85
CA ILE B 53 6.00 30.48 2.28
C ILE B 53 7.45 30.96 2.23
N PRO B 54 8.14 30.99 3.39
CA PRO B 54 9.45 31.64 3.60
C PRO B 54 10.54 31.61 2.49
N ASN B 55 10.62 30.55 1.67
CA ASN B 55 11.72 30.50 0.69
C ASN B 55 11.30 30.29 -0.76
N PHE B 56 9.99 30.23 -0.99
CA PHE B 56 9.42 29.94 -2.31
C PHE B 56 9.66 31.05 -3.32
N PRO B 57 9.87 30.66 -4.60
CA PRO B 57 9.93 31.58 -5.73
C PRO B 57 8.52 31.90 -6.29
N ARG B 58 8.45 32.83 -7.24
CA ARG B 58 7.19 33.25 -7.89
C ARG B 58 6.89 32.48 -9.21
N SER B 59 5.62 32.16 -9.48
CA SER B 59 5.20 31.67 -10.82
C SER B 59 4.73 32.82 -11.73
N THR B 60 5.45 33.05 -12.84
CA THR B 60 5.17 34.20 -13.72
C THR B 60 4.29 33.88 -14.94
N VAL B 61 4.33 32.63 -15.40
CA VAL B 61 3.71 32.31 -16.68
C VAL B 61 2.19 32.07 -16.53
N PRO B 62 1.40 32.48 -17.57
CA PRO B 62 -0.05 32.23 -17.63
C PRO B 62 -0.42 30.74 -17.57
N GLY B 63 -1.44 30.43 -16.76
CA GLY B 63 -1.89 29.05 -16.54
C GLY B 63 -1.26 28.43 -15.30
N HIS B 64 -0.48 29.25 -14.58
CA HIS B 64 0.23 28.86 -13.37
C HIS B 64 -0.08 29.83 -12.21
N ALA B 65 -0.95 29.41 -11.28
CA ALA B 65 -1.60 30.31 -10.33
C ALA B 65 -0.74 30.83 -9.17
N GLY B 66 0.35 30.13 -8.86
CA GLY B 66 1.25 30.50 -7.76
C GLY B 66 0.72 30.11 -6.39
N ARG B 67 0.22 28.88 -6.27
CA ARG B 67 -0.42 28.41 -5.03
C ARG B 67 -0.01 26.98 -4.64
N LEU B 68 0.06 26.76 -3.34
CA LEU B 68 0.26 25.45 -2.78
C LEU B 68 -1.06 25.06 -2.13
N VAL B 69 -1.62 23.92 -2.54
CA VAL B 69 -2.90 23.47 -1.97
C VAL B 69 -2.79 22.10 -1.34
N PHE B 70 -3.22 22.01 -0.09
CA PHE B 70 -3.29 20.78 0.70
C PHE B 70 -4.73 20.30 0.73
N GLY B 71 -4.93 18.99 0.79
CA GLY B 71 -6.25 18.40 0.88
C GLY B 71 -6.23 16.93 0.50
N PHE B 72 -7.42 16.32 0.44
CA PHE B 72 -7.59 14.93 0.07
C PHE B 72 -8.17 14.82 -1.33
N LEU B 73 -7.54 14.04 -2.19
CA LEU B 73 -8.04 13.93 -3.55
C LEU B 73 -9.19 12.92 -3.64
N ASN B 74 -8.89 11.66 -3.33
CA ASN B 74 -9.96 10.75 -2.94
C ASN B 74 -9.46 9.87 -1.82
N GLY B 75 -9.56 10.44 -0.62
CA GLY B 75 -9.03 9.87 0.60
C GLY B 75 -7.52 9.93 0.67
N ARG B 76 -6.87 10.30 -0.43
CA ARG B 76 -5.42 10.36 -0.46
C ARG B 76 -4.93 11.75 -0.11
N ALA B 77 -4.06 11.83 0.88
CA ALA B 77 -3.60 13.12 1.41
C ALA B 77 -2.59 13.74 0.45
N CYS B 78 -2.95 14.90 -0.11
CA CYS B 78 -2.18 15.51 -1.19
C CYS B 78 -1.69 16.93 -0.95
N VAL B 79 -0.57 17.24 -1.56
CA VAL B 79 -0.14 18.60 -1.71
C VAL B 79 0.05 18.88 -3.19
N MET B 80 -0.57 19.97 -3.66
CA MET B 80 -0.50 20.32 -5.08
C MET B 80 0.18 21.68 -5.28
N MET B 81 1.14 21.71 -6.20
CA MET B 81 1.71 22.96 -6.68
C MET B 81 0.87 23.45 -7.85
N GLN B 82 0.17 24.55 -7.63
CA GLN B 82 -0.66 25.13 -8.66
C GLN B 82 0.12 26.26 -9.30
N GLY B 83 0.74 25.93 -10.42
CA GLY B 83 1.80 26.71 -10.99
C GLY B 83 3.10 26.01 -10.65
N ARG B 84 4.16 26.30 -11.37
CA ARG B 84 5.46 25.71 -11.09
C ARG B 84 6.43 26.69 -11.66
N PHE B 85 7.70 26.40 -11.54
CA PHE B 85 8.73 27.28 -12.04
C PHE B 85 9.45 26.66 -13.20
N HIS B 86 9.90 27.52 -14.10
CA HIS B 86 10.61 27.02 -15.29
C HIS B 86 11.93 27.78 -15.34
N MET B 87 12.93 27.14 -15.94
CA MET B 87 14.26 27.69 -16.12
C MET B 87 14.25 28.93 -17.02
N TYR B 88 13.32 28.98 -17.97
CA TYR B 88 13.32 30.09 -18.91
C TYR B 88 12.94 31.42 -18.26
N GLU B 89 12.30 31.37 -17.09
CA GLU B 89 11.89 32.58 -16.37
C GLU B 89 13.15 33.21 -15.74
N GLY B 90 14.27 32.49 -15.92
CA GLY B 90 15.58 32.91 -15.46
C GLY B 90 15.89 32.48 -14.03
N TYR B 91 15.26 31.40 -13.59
CA TYR B 91 15.52 30.86 -12.27
C TYR B 91 16.66 29.84 -12.34
N PRO B 92 17.53 29.81 -11.32
CA PRO B 92 18.47 28.70 -11.26
C PRO B 92 17.69 27.41 -11.04
N LEU B 93 18.16 26.29 -11.61
CA LEU B 93 17.48 24.99 -11.42
C LEU B 93 17.37 24.55 -9.97
N TRP B 94 18.20 25.11 -9.11
CA TRP B 94 18.08 24.84 -7.69
C TRP B 94 17.04 25.72 -7.01
N LYS B 95 16.44 26.66 -7.77
CA LYS B 95 15.26 27.38 -7.30
C LYS B 95 14.04 26.71 -7.91
N VAL B 96 14.14 26.39 -9.20
CA VAL B 96 13.09 25.63 -9.90
C VAL B 96 12.63 24.44 -9.06
N THR B 97 13.59 23.73 -8.48
CA THR B 97 13.27 22.45 -7.86
C THR B 97 13.14 22.46 -6.36
N PHE B 98 13.46 23.62 -5.74
CA PHE B 98 13.36 23.81 -4.29
C PHE B 98 12.16 23.13 -3.60
N PRO B 99 10.94 23.33 -4.10
CA PRO B 99 9.85 22.72 -3.34
C PRO B 99 9.91 21.20 -3.28
N VAL B 100 10.54 20.56 -4.26
CA VAL B 100 10.60 19.09 -4.25
C VAL B 100 11.25 18.60 -2.96
N ARG B 101 12.38 19.19 -2.59
CA ARG B 101 13.04 18.81 -1.35
C ARG B 101 12.20 19.20 -0.13
N VAL B 102 11.49 20.33 -0.17
CA VAL B 102 10.56 20.60 0.93
C VAL B 102 9.46 19.54 1.07
N PHE B 103 8.81 19.15 -0.03
CA PHE B 103 7.84 18.02 0.03
C PHE B 103 8.44 16.77 0.66
N HIS B 104 9.70 16.48 0.33
CA HIS B 104 10.39 15.34 0.95
C HIS B 104 10.40 15.52 2.47
N LEU B 105 10.89 16.67 2.95
CA LEU B 105 10.90 16.96 4.39
C LEU B 105 9.50 17.02 4.99
N LEU B 106 8.49 17.20 4.15
CA LEU B 106 7.10 17.19 4.63
C LEU B 106 6.60 15.79 5.00
N GLY B 107 7.23 14.76 4.45
CA GLY B 107 6.78 13.40 4.66
C GLY B 107 6.17 12.80 3.39
N VAL B 108 6.22 13.56 2.30
CA VAL B 108 5.78 13.08 0.98
C VAL B 108 6.75 12.01 0.53
N ASP B 109 6.24 10.88 0.05
CA ASP B 109 7.08 9.83 -0.50
C ASP B 109 6.85 9.58 -1.98
N THR B 110 5.78 10.15 -2.51
CA THR B 110 5.47 10.00 -3.94
C THR B 110 5.25 11.37 -4.55
N LEU B 111 5.91 11.60 -5.68
CA LEU B 111 5.74 12.80 -6.48
C LEU B 111 5.17 12.50 -7.85
N VAL B 112 4.10 13.21 -8.18
CA VAL B 112 3.56 13.14 -9.55
C VAL B 112 3.69 14.47 -10.26
N VAL B 113 4.44 14.43 -11.36
CA VAL B 113 4.67 15.55 -12.24
C VAL B 113 3.76 15.51 -13.48
N THR B 114 3.18 16.65 -13.76
CA THR B 114 2.28 16.79 -14.87
C THR B 114 2.82 17.93 -15.71
N ASN B 115 2.61 17.85 -17.01
CA ASN B 115 2.93 18.94 -17.88
C ASN B 115 2.00 18.93 -19.10
N ALA B 116 1.92 20.10 -19.73
CA ALA B 116 1.41 20.20 -21.09
C ALA B 116 2.63 19.95 -21.97
N ALA B 117 2.45 19.19 -23.06
CA ALA B 117 3.55 18.99 -24.01
C ALA B 117 3.14 18.97 -25.49
N GLY B 118 4.02 19.47 -26.34
CA GLY B 118 3.77 19.36 -27.77
C GLY B 118 4.13 17.97 -28.24
N GLY B 119 3.20 17.29 -28.92
CA GLY B 119 3.46 15.92 -29.34
C GLY B 119 4.43 15.85 -30.51
N LEU B 120 5.41 14.96 -30.41
CA LEU B 120 6.34 14.74 -31.52
C LEU B 120 5.93 13.48 -32.25
N ASN B 121 5.35 12.56 -31.51
CA ASN B 121 4.90 11.32 -32.08
C ASN B 121 3.69 11.54 -32.97
N PRO B 122 3.78 11.10 -34.26
CA PRO B 122 2.71 11.26 -35.24
C PRO B 122 1.35 10.75 -34.78
N LYS B 123 1.35 9.73 -33.93
CA LYS B 123 0.13 8.98 -33.59
C LYS B 123 -0.63 9.64 -32.43
N PHE B 124 0.03 10.56 -31.74
CA PHE B 124 -0.61 11.29 -30.64
C PHE B 124 -1.57 12.33 -31.21
N GLU B 125 -2.72 12.47 -30.55
CA GLU B 125 -3.67 13.52 -30.88
C GLU B 125 -3.72 14.54 -29.75
N VAL B 126 -4.06 15.78 -30.09
CA VAL B 126 -4.36 16.78 -29.08
C VAL B 126 -5.42 16.19 -28.14
N GLY B 127 -5.21 16.37 -26.83
CA GLY B 127 -6.09 15.80 -25.81
C GLY B 127 -5.63 14.48 -25.23
N ASP B 128 -4.67 13.81 -25.85
CA ASP B 128 -4.08 12.61 -25.29
C ASP B 128 -3.32 12.82 -23.98
N ILE B 129 -3.39 11.80 -23.14
CA ILE B 129 -2.53 11.65 -21.98
C ILE B 129 -1.45 10.67 -22.35
N MET B 130 -0.21 11.07 -22.12
CA MET B 130 0.93 10.21 -22.39
C MET B 130 1.58 9.95 -21.05
N LEU B 131 1.65 8.68 -20.64
CA LEU B 131 2.49 8.32 -19.50
C LEU B 131 3.94 8.49 -19.89
N ILE B 132 4.70 9.14 -19.03
CA ILE B 132 6.12 9.35 -19.23
C ILE B 132 6.88 8.16 -18.67
N ARG B 133 7.64 7.55 -19.54
CA ARG B 133 8.34 6.34 -19.19
C ARG B 133 9.79 6.70 -18.98
N ASP B 134 10.25 7.68 -19.75
CA ASP B 134 11.62 8.03 -19.78
C ASP B 134 11.72 9.50 -20.20
N HIS B 135 12.85 10.15 -19.92
CA HIS B 135 13.05 11.48 -20.45
C HIS B 135 14.43 11.63 -21.07
N ILE B 136 14.56 12.63 -21.93
CA ILE B 136 15.85 13.07 -22.43
C ILE B 136 16.10 14.51 -21.85
N ASN B 137 17.16 14.66 -21.08
CA ASN B 137 17.40 15.91 -20.29
C ASN B 137 18.45 16.70 -20.99
N LEU B 138 18.05 17.49 -21.99
CA LEU B 138 19.01 18.21 -22.82
C LEU B 138 19.76 19.35 -22.10
N PRO B 139 19.09 20.10 -21.19
CA PRO B 139 19.95 21.04 -20.44
C PRO B 139 20.95 20.28 -19.56
N GLY B 140 20.54 19.10 -19.10
CA GLY B 140 21.41 18.25 -18.29
C GLY B 140 22.67 17.82 -19.04
N PHE B 141 22.48 17.30 -20.26
CA PHE B 141 23.62 16.92 -21.09
C PHE B 141 24.71 17.98 -21.03
N SER B 142 24.32 19.23 -20.94
CA SER B 142 25.29 20.29 -21.19
C SER B 142 25.64 21.12 -19.95
N GLY B 143 25.15 20.73 -18.78
CA GLY B 143 25.54 21.38 -17.54
C GLY B 143 24.39 21.78 -16.65
N GLN B 144 23.32 22.25 -17.27
CA GLN B 144 22.11 22.62 -16.56
C GLN B 144 21.36 21.41 -15.96
N ASN B 145 21.89 20.93 -14.82
CA ASN B 145 21.27 19.92 -13.97
C ASN B 145 21.17 20.49 -12.54
N PRO B 146 19.99 20.37 -11.90
CA PRO B 146 19.75 21.01 -10.59
C PRO B 146 20.64 20.53 -9.44
N LEU B 147 21.42 19.50 -9.73
CA LEU B 147 22.20 18.78 -8.73
C LEU B 147 23.63 19.26 -8.85
N ARG B 148 23.93 19.95 -9.96
CA ARG B 148 25.22 20.61 -10.10
C ARG B 148 25.65 21.32 -8.82
N GLY B 149 26.91 21.14 -8.46
CA GLY B 149 27.52 21.83 -7.32
C GLY B 149 27.76 20.84 -6.21
N PRO B 150 28.14 21.34 -5.02
CA PRO B 150 28.32 20.45 -3.87
C PRO B 150 27.08 19.61 -3.65
N ASN B 151 27.26 18.34 -3.32
CA ASN B 151 26.15 17.45 -3.05
C ASN B 151 25.71 17.56 -1.59
N ASP B 152 24.41 17.68 -1.31
CA ASP B 152 23.96 17.55 0.09
C ASP B 152 23.69 16.08 0.38
N GLU B 153 24.62 15.50 1.12
CA GLU B 153 24.62 14.11 1.54
C GLU B 153 23.31 13.65 2.14
N ARG B 154 22.67 14.58 2.85
CA ARG B 154 21.46 14.31 3.62
C ARG B 154 20.21 14.18 2.78
N PHE B 155 20.30 14.55 1.51
CA PHE B 155 19.20 14.35 0.61
C PHE B 155 19.41 13.09 -0.22
N GLY B 156 20.62 12.94 -0.78
CA GLY B 156 20.92 11.86 -1.67
C GLY B 156 22.40 11.74 -1.98
N ASP B 157 22.69 10.79 -2.87
CA ASP B 157 24.02 10.48 -3.37
C ASP B 157 24.58 11.59 -4.28
N ARG B 158 25.91 11.64 -4.39
CA ARG B 158 26.64 12.40 -5.40
C ARG B 158 26.23 12.12 -6.87
N PHE B 159 26.11 10.84 -7.21
CA PHE B 159 25.79 10.44 -8.57
C PHE B 159 24.63 9.46 -8.57
N PRO B 160 23.39 9.96 -8.38
CA PRO B 160 22.20 9.10 -8.37
C PRO B 160 21.83 8.59 -9.79
N ALA B 161 21.41 7.33 -9.89
CA ALA B 161 20.92 6.79 -11.17
C ALA B 161 19.56 7.38 -11.56
N MET B 162 19.34 7.60 -12.85
CA MET B 162 18.02 7.98 -13.37
C MET B 162 17.36 6.94 -14.30
N SER B 163 18.00 5.81 -14.56
CA SER B 163 17.39 4.87 -15.53
C SER B 163 16.07 4.23 -15.06
N ASP B 164 15.82 4.33 -13.74
CA ASP B 164 14.68 3.74 -13.05
C ASP B 164 13.70 4.83 -12.54
N ALA B 165 13.98 6.08 -12.92
CA ALA B 165 13.23 7.25 -12.47
C ALA B 165 11.70 7.13 -12.45
N TYR B 166 11.08 6.55 -13.49
CA TYR B 166 9.60 6.55 -13.55
C TYR B 166 9.03 5.25 -13.07
N ASP B 167 8.45 5.26 -11.87
CA ASP B 167 8.04 4.00 -11.25
C ASP B 167 7.27 3.05 -12.20
N ARG B 168 7.83 1.87 -12.37
CA ARG B 168 7.35 0.89 -13.34
C ARG B 168 5.99 0.34 -12.92
N THR B 169 5.84 0.00 -11.64
CA THR B 169 4.61 -0.58 -11.13
C THR B 169 3.41 0.37 -11.30
N MET B 170 3.56 1.63 -10.92
CA MET B 170 2.49 2.60 -11.11
C MET B 170 2.00 2.75 -12.57
N ARG B 171 2.95 2.94 -13.50
CA ARG B 171 2.68 2.93 -14.94
C ARG B 171 1.87 1.69 -15.38
N GLN B 172 2.24 0.51 -14.87
CA GLN B 172 1.51 -0.72 -15.20
C GLN B 172 0.10 -0.67 -14.65
N ARG B 173 -0.05 -0.05 -13.49
CA ARG B 173 -1.35 0.00 -12.84
C ARG B 173 -2.22 1.02 -13.57
N ALA B 174 -1.62 2.14 -13.95
CA ALA B 174 -2.30 3.10 -14.82
C ALA B 174 -2.72 2.43 -16.14
N LEU B 175 -1.89 1.55 -16.67
CA LEU B 175 -2.18 0.88 -17.94
C LEU B 175 -3.36 -0.08 -17.85
N SER B 176 -3.33 -1.03 -16.92
CA SER B 176 -4.39 -2.03 -16.77
C SER B 176 -5.67 -1.47 -16.16
N THR B 177 -5.55 -0.34 -15.47
CA THR B 177 -6.69 0.31 -14.84
C THR B 177 -7.45 1.25 -15.79
N TRP B 178 -6.79 1.66 -16.86
CA TRP B 178 -7.38 2.63 -17.82
C TRP B 178 -8.81 2.30 -18.30
N LYS B 179 -9.14 1.02 -18.44
CA LYS B 179 -10.51 0.62 -18.82
C LYS B 179 -11.61 1.29 -17.95
N GLN B 180 -11.21 1.80 -16.79
CA GLN B 180 -12.11 2.51 -15.88
C GLN B 180 -12.48 3.92 -16.38
N MET B 181 -11.52 4.55 -17.07
CA MET B 181 -11.65 5.90 -17.61
C MET B 181 -12.74 6.02 -18.68
N GLY B 182 -12.95 4.94 -19.44
CA GLY B 182 -14.02 4.85 -20.45
C GLY B 182 -13.79 5.71 -21.67
N GLU B 183 -12.55 5.79 -22.13
CA GLU B 183 -12.17 6.60 -23.28
C GLU B 183 -11.97 5.70 -24.50
N GLN B 184 -12.55 6.08 -25.64
CA GLN B 184 -12.32 5.33 -26.88
C GLN B 184 -10.93 5.64 -27.48
N ARG B 185 -10.21 6.57 -26.82
CA ARG B 185 -8.77 6.77 -27.01
C ARG B 185 -7.99 5.96 -25.98
N GLU B 186 -6.82 5.47 -26.38
CA GLU B 186 -5.96 4.73 -25.47
C GLU B 186 -4.99 5.65 -24.74
N LEU B 187 -4.58 5.22 -23.55
CA LEU B 187 -3.59 5.95 -22.79
C LEU B 187 -2.25 5.80 -23.51
N GLN B 188 -1.67 6.93 -23.91
CA GLN B 188 -0.39 6.88 -24.60
C GLN B 188 0.75 6.68 -23.59
N GLU B 189 1.92 6.30 -24.13
CA GLU B 189 3.13 6.08 -23.35
C GLU B 189 4.34 6.49 -24.21
N GLY B 190 5.34 7.13 -23.58
CA GLY B 190 6.46 7.67 -24.34
C GLY B 190 7.53 8.42 -23.55
N THR B 191 8.50 8.97 -24.28
CA THR B 191 9.67 9.63 -23.73
C THR B 191 9.51 11.15 -23.79
N TYR B 192 9.68 11.82 -22.68
CA TYR B 192 9.62 13.28 -22.65
C TYR B 192 10.99 13.88 -22.89
N VAL B 193 11.08 14.79 -23.85
CA VAL B 193 12.31 15.51 -24.09
C VAL B 193 12.14 16.91 -23.54
N MET B 194 12.98 17.23 -22.58
CA MET B 194 13.00 18.60 -22.06
C MET B 194 13.88 19.50 -22.92
N VAL B 195 13.26 20.56 -23.44
CA VAL B 195 13.98 21.66 -24.09
C VAL B 195 13.78 22.93 -23.22
N ALA B 196 14.71 23.86 -23.31
CA ALA B 196 14.75 24.97 -22.38
C ALA B 196 13.73 26.07 -22.69
N GLY B 197 13.53 26.37 -23.97
CA GLY B 197 12.68 27.50 -24.39
C GLY B 197 13.34 28.85 -24.10
N PRO B 198 12.56 29.96 -24.04
CA PRO B 198 11.09 30.07 -24.08
C PRO B 198 10.42 30.01 -25.45
N SER B 199 11.18 30.21 -26.51
CA SER B 199 10.58 30.16 -27.83
C SER B 199 10.25 28.70 -28.19
N PHE B 200 9.32 28.50 -29.12
CA PHE B 200 8.97 27.14 -29.52
C PHE B 200 9.97 26.66 -30.55
N GLU B 201 9.92 25.36 -30.84
CA GLU B 201 10.88 24.70 -31.74
C GLU B 201 10.61 24.98 -33.20
N THR B 202 11.70 25.09 -33.97
CA THR B 202 11.60 25.10 -35.44
C THR B 202 11.26 23.70 -35.99
N VAL B 203 10.87 23.61 -37.25
CA VAL B 203 10.59 22.29 -37.88
C VAL B 203 11.79 21.34 -37.74
N ALA B 204 12.98 21.79 -38.13
CA ALA B 204 14.17 20.95 -38.11
C ALA B 204 14.52 20.49 -36.68
N GLU B 205 14.34 21.39 -35.71
CA GLU B 205 14.53 21.05 -34.31
C GLU B 205 13.63 19.88 -33.94
N CYS B 206 12.36 20.01 -34.28
CA CYS B 206 11.38 18.98 -33.99
C CYS B 206 11.75 17.64 -34.67
N ARG B 207 12.34 17.74 -35.86
CA ARG B 207 12.83 16.56 -36.56
C ARG B 207 13.99 15.89 -35.82
N VAL B 208 14.88 16.68 -35.20
CA VAL B 208 16.01 16.06 -34.47
C VAL B 208 15.47 15.37 -33.24
N LEU B 209 14.63 16.10 -32.50
CA LEU B 209 13.93 15.60 -31.33
C LEU B 209 13.18 14.31 -31.67
N GLN B 210 12.40 14.29 -32.75
CA GLN B 210 11.77 13.02 -33.19
C GLN B 210 12.82 11.93 -33.35
N LYS B 211 13.87 12.16 -34.14
CA LYS B 211 14.86 11.09 -34.35
C LYS B 211 15.78 10.77 -33.17
N LEU B 212 15.72 11.59 -32.13
CA LEU B 212 16.36 11.28 -30.86
C LEU B 212 15.55 10.26 -30.07
N GLY B 213 14.35 9.96 -30.56
CA GLY B 213 13.46 9.00 -29.90
C GLY B 213 12.43 9.58 -28.94
N ALA B 214 12.37 10.93 -28.81
CA ALA B 214 11.42 11.58 -27.90
C ALA B 214 10.03 11.74 -28.50
N ASP B 215 9.01 11.50 -27.67
CA ASP B 215 7.63 11.52 -28.07
C ASP B 215 6.87 12.82 -27.78
N ALA B 216 7.38 13.60 -26.83
CA ALA B 216 6.69 14.79 -26.38
C ALA B 216 7.71 15.85 -25.93
N VAL B 217 7.47 17.09 -26.30
CA VAL B 217 8.40 18.12 -25.93
C VAL B 217 7.75 19.12 -25.01
N GLY B 218 8.45 19.39 -23.94
CA GLY B 218 8.16 20.52 -23.08
C GLY B 218 9.44 21.15 -22.60
N MET B 219 9.28 22.15 -21.73
CA MET B 219 10.36 22.94 -21.19
C MET B 219 10.39 22.89 -19.66
N SER B 220 9.96 21.76 -19.09
CA SER B 220 9.95 21.63 -17.64
C SER B 220 10.11 20.20 -17.17
N THR B 221 9.77 19.95 -15.91
CA THR B 221 9.51 18.59 -15.40
C THR B 221 10.74 17.74 -15.03
N VAL B 222 11.68 17.61 -15.97
CA VAL B 222 12.85 16.75 -15.75
C VAL B 222 13.66 17.09 -14.49
N PRO B 223 13.98 18.40 -14.28
CA PRO B 223 14.69 18.80 -13.06
C PRO B 223 13.95 18.41 -11.78
N GLU B 224 12.63 18.54 -11.77
CA GLU B 224 11.90 18.16 -10.59
C GLU B 224 12.04 16.67 -10.36
N VAL B 225 11.97 15.88 -11.45
CA VAL B 225 12.08 14.43 -11.39
C VAL B 225 13.43 14.00 -10.85
N ILE B 226 14.46 14.65 -11.36
CA ILE B 226 15.82 14.32 -10.94
C ILE B 226 16.02 14.51 -9.43
N VAL B 227 15.59 15.66 -8.88
CA VAL B 227 15.82 15.88 -7.47
C VAL B 227 14.83 15.10 -6.63
N ALA B 228 13.63 14.85 -7.14
CA ALA B 228 12.78 13.81 -6.53
C ALA B 228 13.54 12.50 -6.31
N ARG B 229 14.17 11.97 -7.35
CA ARG B 229 14.85 10.67 -7.21
C ARG B 229 16.12 10.85 -6.38
N HIS B 230 16.76 11.99 -6.53
CA HIS B 230 17.86 12.30 -5.59
C HIS B 230 17.49 12.00 -4.15
N CYS B 231 16.36 12.52 -3.67
CA CYS B 231 15.98 12.27 -2.28
C CYS B 231 15.03 11.07 -2.18
N GLY B 232 14.94 10.34 -3.28
CA GLY B 232 14.35 8.99 -3.24
C GLY B 232 12.85 8.96 -3.14
N LEU B 233 12.16 9.97 -3.69
CA LEU B 233 10.73 9.89 -3.85
C LEU B 233 10.39 8.91 -4.99
N ARG B 234 9.25 8.26 -4.90
CA ARG B 234 8.71 7.53 -6.02
C ARG B 234 8.15 8.58 -7.02
N VAL B 235 8.40 8.37 -8.31
CA VAL B 235 8.04 9.36 -9.33
C VAL B 235 7.14 8.77 -10.42
N PHE B 236 6.03 9.47 -10.66
CA PHE B 236 5.11 9.18 -11.75
C PHE B 236 4.92 10.45 -12.60
N GLY B 237 4.98 10.26 -13.92
CA GLY B 237 4.93 11.36 -14.86
C GLY B 237 3.92 11.22 -15.99
N PHE B 238 3.19 12.28 -16.25
CA PHE B 238 2.35 12.30 -17.45
C PHE B 238 2.24 13.65 -18.13
N SER B 239 2.15 13.58 -19.45
CA SER B 239 1.99 14.73 -20.31
C SER B 239 0.59 14.76 -20.91
N LEU B 240 -0.03 15.94 -20.88
CA LEU B 240 -1.14 16.22 -21.73
C LEU B 240 -0.64 16.77 -23.07
N ILE B 241 -0.99 16.09 -24.15
CA ILE B 241 -0.60 16.52 -25.50
C ILE B 241 -1.58 17.58 -25.99
N THR B 242 -1.11 18.81 -25.95
CA THR B 242 -1.94 19.99 -26.14
C THR B 242 -1.84 20.54 -27.54
N ASN B 243 -0.84 20.11 -28.29
CA ASN B 243 -0.67 20.57 -29.67
C ASN B 243 0.26 19.62 -30.40
N LYS B 244 0.00 19.41 -31.68
CA LYS B 244 0.96 18.69 -32.52
C LYS B 244 2.03 19.67 -33.03
N VAL B 245 3.28 19.39 -32.70
CA VAL B 245 4.39 20.28 -33.07
C VAL B 245 4.52 20.40 -34.59
N ILE B 246 4.82 21.61 -35.06
CA ILE B 246 4.86 21.86 -36.51
C ILE B 246 6.04 21.12 -37.09
N MET B 247 5.73 20.26 -38.05
CA MET B 247 6.63 19.25 -38.58
C MET B 247 6.84 19.41 -40.10
N ASP B 248 6.19 20.40 -40.72
CA ASP B 248 6.43 20.70 -42.15
C ASP B 248 6.36 22.19 -42.58
N TYR B 249 7.22 22.52 -43.54
CA TYR B 249 7.43 23.88 -44.05
C TYR B 249 6.26 24.53 -44.79
N GLU B 250 5.35 23.70 -45.27
CA GLU B 250 4.20 24.20 -46.03
C GLU B 250 3.04 24.64 -45.12
N SER B 251 3.15 24.33 -43.83
CA SER B 251 2.08 24.64 -42.89
C SER B 251 2.03 26.11 -42.48
N LEU B 252 0.81 26.61 -42.33
CA LEU B 252 0.56 27.98 -41.88
C LEU B 252 0.23 28.03 -40.39
N GLU B 253 0.16 26.87 -39.74
CA GLU B 253 -0.06 26.83 -38.29
C GLU B 253 1.25 27.04 -37.52
N LYS B 254 1.13 27.49 -36.27
CA LYS B 254 2.28 27.60 -35.39
C LYS B 254 1.90 27.32 -33.93
N ALA B 255 2.85 26.76 -33.18
CA ALA B 255 2.68 26.56 -31.74
C ALA B 255 2.41 27.90 -31.05
N ASN B 256 1.50 27.88 -30.08
CA ASN B 256 1.17 29.10 -29.32
C ASN B 256 0.63 28.72 -27.96
N HIS B 257 0.92 29.57 -26.97
CA HIS B 257 0.65 29.22 -25.60
C HIS B 257 -0.85 29.25 -25.28
N GLU B 258 -1.59 30.11 -25.98
CA GLU B 258 -3.03 30.22 -25.84
C GLU B 258 -3.75 28.90 -26.22
N GLU B 259 -3.28 28.22 -27.27
CA GLU B 259 -3.79 26.90 -27.67
C GLU B 259 -3.43 25.85 -26.62
N VAL B 260 -2.23 25.99 -26.04
CA VAL B 260 -1.79 25.08 -24.99
C VAL B 260 -2.70 25.19 -23.76
N LEU B 261 -3.02 26.41 -23.35
CA LEU B 261 -3.86 26.63 -22.18
C LEU B 261 -5.30 26.11 -22.39
N ALA B 262 -5.81 26.28 -23.61
CA ALA B 262 -7.17 25.88 -23.93
C ALA B 262 -7.36 24.35 -24.07
N ALA B 263 -6.34 23.63 -24.54
CA ALA B 263 -6.45 22.17 -24.64
C ALA B 263 -6.54 21.56 -23.25
N GLY B 264 -5.87 22.21 -22.29
CA GLY B 264 -5.94 21.84 -20.88
C GLY B 264 -7.33 21.99 -20.27
N LYS B 265 -8.00 23.06 -20.66
CA LYS B 265 -9.33 23.37 -20.18
C LYS B 265 -10.35 22.38 -20.77
N GLN B 266 -10.12 21.98 -22.03
CA GLN B 266 -10.94 20.97 -22.69
C GLN B 266 -10.80 19.60 -22.00
N ALA B 267 -9.58 19.26 -21.59
CA ALA B 267 -9.26 17.93 -21.07
C ALA B 267 -9.44 17.73 -19.55
N ALA B 268 -10.10 18.65 -18.86
CA ALA B 268 -9.96 18.71 -17.41
C ALA B 268 -10.67 17.58 -16.67
N GLN B 269 -11.89 17.27 -17.09
CA GLN B 269 -12.66 16.16 -16.54
C GLN B 269 -11.94 14.84 -16.77
N LYS B 270 -11.35 14.69 -17.94
CA LYS B 270 -10.52 13.52 -18.21
C LYS B 270 -9.33 13.41 -17.25
N LEU B 271 -8.59 14.49 -17.10
CA LEU B 271 -7.48 14.53 -16.16
C LEU B 271 -7.93 14.30 -14.73
N GLU B 272 -8.99 15.00 -14.33
CA GLU B 272 -9.58 14.86 -13.02
C GLU B 272 -9.77 13.39 -12.73
N GLN B 273 -10.49 12.71 -13.63
CA GLN B 273 -10.85 11.31 -13.49
C GLN B 273 -9.63 10.43 -13.45
N PHE B 274 -8.67 10.70 -14.33
CA PHE B 274 -7.45 9.90 -14.45
C PHE B 274 -6.56 10.00 -13.23
N VAL B 275 -6.54 11.18 -12.63
CA VAL B 275 -5.70 11.45 -11.47
C VAL B 275 -6.25 10.74 -10.23
N SER B 276 -7.57 10.70 -10.10
CA SER B 276 -8.21 9.99 -8.99
C SER B 276 -8.04 8.48 -9.03
N ILE B 277 -8.08 7.91 -10.23
CA ILE B 277 -7.89 6.47 -10.34
C ILE B 277 -6.44 6.17 -10.01
N LEU B 278 -5.57 7.06 -10.46
CA LEU B 278 -4.16 6.99 -10.15
C LEU B 278 -3.94 6.95 -8.62
N MET B 279 -4.71 7.72 -7.86
CA MET B 279 -4.52 7.79 -6.40
C MET B 279 -4.86 6.47 -5.72
N ALA B 280 -5.79 5.72 -6.31
CA ALA B 280 -6.05 4.33 -5.91
C ALA B 280 -4.83 3.43 -6.17
N SER B 281 -3.98 3.78 -7.13
CA SER B 281 -2.82 2.99 -7.51
C SER B 281 -1.60 3.18 -6.60
N ILE B 282 -1.50 4.36 -5.97
CA ILE B 282 -0.34 4.72 -5.16
C ILE B 282 -0.27 3.92 -3.86
N PRO B 283 0.89 3.29 -3.58
CA PRO B 283 1.12 2.49 -2.37
C PRO B 283 1.09 3.28 -1.06
N LEU B 284 0.50 2.66 -0.03
CA LEU B 284 0.41 3.23 1.31
C LEU B 284 1.74 3.18 2.09
N PRO B 285 2.03 4.25 2.89
CA PRO B 285 3.29 4.32 3.68
C PRO B 285 3.55 3.13 4.59
N GLY C 4 -19.20 -30.53 5.14
CA GLY C 4 -20.26 -30.63 4.08
C GLY C 4 -19.90 -30.02 2.74
N TYR C 5 -18.96 -29.07 2.75
CA TYR C 5 -18.44 -28.47 1.52
C TYR C 5 -17.02 -28.93 1.34
N THR C 6 -16.79 -29.60 0.22
CA THR C 6 -15.47 -30.08 -0.13
C THR C 6 -14.68 -28.86 -0.59
N TYR C 7 -13.35 -28.92 -0.52
CA TYR C 7 -12.49 -27.90 -1.12
C TYR C 7 -12.84 -27.76 -2.58
N GLU C 8 -13.22 -28.90 -3.15
CA GLU C 8 -13.54 -29.01 -4.54
C GLU C 8 -14.75 -28.09 -4.82
N ASP C 9 -15.71 -28.08 -3.90
CA ASP C 9 -16.91 -27.22 -4.03
C ASP C 9 -16.55 -25.74 -4.10
N TYR C 10 -15.78 -25.26 -3.12
CA TYR C 10 -15.34 -23.85 -3.09
C TYR C 10 -14.66 -23.42 -4.40
N LYS C 11 -13.83 -24.32 -4.93
CA LYS C 11 -13.11 -24.09 -6.18
C LYS C 11 -14.07 -23.90 -7.34
N ASN C 12 -15.21 -24.59 -7.31
CA ASN C 12 -16.25 -24.48 -8.35
C ASN C 12 -16.91 -23.12 -8.36
N THR C 13 -17.44 -22.71 -7.23
CA THR C 13 -18.06 -21.41 -7.11
C THR C 13 -17.06 -20.35 -7.57
N ALA C 14 -15.86 -20.40 -7.00
CA ALA C 14 -14.84 -19.42 -7.32
C ALA C 14 -14.59 -19.36 -8.83
N GLU C 15 -14.47 -20.54 -9.44
CA GLU C 15 -14.19 -20.64 -10.87
C GLU C 15 -15.35 -20.19 -11.74
N TRP C 16 -16.57 -20.63 -11.39
CA TRP C 16 -17.79 -20.13 -12.03
C TRP C 16 -17.78 -18.59 -12.08
N LEU C 17 -17.64 -17.98 -10.91
CA LEU C 17 -17.59 -16.51 -10.80
C LEU C 17 -16.55 -15.88 -11.72
N LEU C 18 -15.30 -16.27 -11.49
CA LEU C 18 -14.17 -15.95 -12.38
C LEU C 18 -14.46 -16.09 -13.89
N SER C 19 -15.26 -17.09 -14.27
CA SER C 19 -15.68 -17.31 -15.67
C SER C 19 -16.85 -16.47 -16.14
N HIS C 20 -17.52 -15.75 -15.24
CA HIS C 20 -18.71 -14.96 -15.64
C HIS C 20 -18.55 -13.46 -15.41
N THR C 21 -17.35 -13.05 -15.07
CA THR C 21 -17.07 -11.64 -14.97
C THR C 21 -15.61 -11.38 -15.20
N LYS C 22 -15.33 -10.28 -15.87
CA LYS C 22 -13.97 -9.80 -16.09
C LYS C 22 -13.41 -9.06 -14.86
N HIS C 23 -14.24 -8.86 -13.84
CA HIS C 23 -13.84 -8.20 -12.59
C HIS C 23 -12.93 -9.09 -11.73
N ARG C 24 -11.85 -8.51 -11.24
CA ARG C 24 -10.92 -9.23 -10.37
C ARG C 24 -10.72 -8.45 -9.07
N PRO C 25 -11.59 -8.70 -8.07
CA PRO C 25 -11.69 -7.89 -6.84
C PRO C 25 -10.59 -8.14 -5.83
N GLN C 26 -10.10 -7.05 -5.22
CA GLN C 26 -9.14 -7.14 -4.12
C GLN C 26 -9.90 -7.17 -2.78
N VAL C 27 -11.01 -6.45 -2.68
CA VAL C 27 -11.71 -6.28 -1.40
C VAL C 27 -13.08 -6.93 -1.43
N ALA C 28 -13.44 -7.71 -0.42
CA ALA C 28 -14.84 -8.10 -0.32
C ALA C 28 -15.57 -7.37 0.81
N ILE C 29 -16.80 -6.95 0.55
CA ILE C 29 -17.59 -6.30 1.58
C ILE C 29 -18.93 -6.99 1.80
N ILE C 30 -19.22 -7.35 3.05
CA ILE C 30 -20.52 -7.91 3.43
C ILE C 30 -21.38 -6.86 4.14
N CYS C 31 -22.52 -6.56 3.52
CA CYS C 31 -23.48 -5.55 3.97
C CYS C 31 -24.59 -6.21 4.77
N GLY C 32 -24.81 -5.68 5.97
CA GLY C 32 -25.79 -6.24 6.87
C GLY C 32 -27.12 -5.61 6.65
N SER C 33 -28.00 -5.78 7.63
CA SER C 33 -29.39 -5.34 7.58
C SER C 33 -29.53 -3.87 7.28
N GLY C 34 -30.08 -3.57 6.10
CA GLY C 34 -30.41 -2.19 5.74
C GLY C 34 -29.24 -1.45 5.13
N LEU C 35 -28.12 -2.16 4.97
CA LEU C 35 -26.88 -1.57 4.49
C LEU C 35 -26.61 -1.94 3.02
N GLY C 36 -27.63 -2.50 2.36
CA GLY C 36 -27.58 -2.83 0.93
C GLY C 36 -27.22 -1.65 0.04
N GLY C 37 -27.44 -0.44 0.57
CA GLY C 37 -27.18 0.82 -0.12
C GLY C 37 -25.73 1.07 -0.45
N LEU C 38 -24.82 0.33 0.18
CA LEU C 38 -23.37 0.44 -0.10
C LEU C 38 -22.93 0.02 -1.52
N THR C 39 -23.84 -0.57 -2.29
CA THR C 39 -23.47 -1.00 -3.65
C THR C 39 -23.74 0.11 -4.65
N ASP C 40 -24.43 1.15 -4.19
CA ASP C 40 -24.84 2.26 -5.05
C ASP C 40 -23.67 2.98 -5.75
N LYS C 41 -22.55 3.13 -5.04
CA LYS C 41 -21.44 3.92 -5.58
C LYS C 41 -20.38 3.12 -6.34
N LEU C 42 -20.63 1.81 -6.47
CA LEU C 42 -19.83 0.93 -7.33
C LEU C 42 -20.01 1.35 -8.77
N THR C 43 -18.90 1.52 -9.47
CA THR C 43 -18.94 1.90 -10.88
C THR C 43 -18.66 0.67 -11.72
N GLN C 44 -19.04 0.72 -13.00
CA GLN C 44 -18.99 -0.43 -13.91
C GLN C 44 -19.47 -1.71 -13.23
N ALA C 45 -20.59 -1.61 -12.53
CA ALA C 45 -21.07 -2.69 -11.66
C ALA C 45 -21.63 -3.89 -12.43
N GLN C 46 -21.42 -5.09 -11.87
CA GLN C 46 -22.03 -6.31 -12.37
C GLN C 46 -22.67 -7.09 -11.24
N ILE C 47 -23.98 -7.28 -11.35
CA ILE C 47 -24.79 -7.99 -10.37
C ILE C 47 -25.04 -9.45 -10.75
N PHE C 48 -24.91 -10.34 -9.77
CA PHE C 48 -25.41 -11.71 -9.81
C PHE C 48 -26.40 -11.91 -8.67
N ASP C 49 -27.55 -12.56 -8.92
CA ASP C 49 -28.39 -13.02 -7.80
C ASP C 49 -27.71 -14.23 -7.20
N TYR C 50 -27.98 -14.50 -5.94
CA TYR C 50 -27.33 -15.59 -5.23
C TYR C 50 -27.73 -16.89 -5.88
N SER C 51 -29.01 -16.99 -6.22
CA SER C 51 -29.56 -18.13 -6.93
C SER C 51 -28.78 -18.51 -8.18
N GLU C 52 -28.13 -17.53 -8.83
CA GLU C 52 -27.33 -17.80 -10.04
C GLU C 52 -26.05 -18.58 -9.75
N ILE C 53 -25.56 -18.50 -8.51
CA ILE C 53 -24.22 -18.93 -8.16
C ILE C 53 -24.19 -20.31 -7.51
N PRO C 54 -23.44 -21.26 -8.09
CA PRO C 54 -23.39 -22.62 -7.53
C PRO C 54 -23.07 -22.64 -6.05
N ASN C 55 -23.88 -23.37 -5.28
CA ASN C 55 -23.70 -23.54 -3.84
C ASN C 55 -23.99 -22.32 -2.96
N PHE C 56 -24.30 -21.18 -3.56
CA PHE C 56 -24.70 -20.05 -2.73
C PHE C 56 -26.06 -20.24 -2.06
N PRO C 57 -26.09 -20.09 -0.73
CA PRO C 57 -27.33 -20.06 0.06
C PRO C 57 -28.21 -18.85 -0.31
N ARG C 58 -29.44 -18.81 0.20
CA ARG C 58 -30.37 -17.69 -0.02
C ARG C 58 -30.49 -16.73 1.18
N SER C 59 -30.52 -15.44 0.88
CA SER C 59 -30.91 -14.45 1.87
C SER C 59 -32.45 -14.48 2.01
N THR C 60 -32.93 -14.76 3.22
CA THR C 60 -34.37 -14.79 3.52
C THR C 60 -34.81 -13.70 4.50
N VAL C 61 -33.92 -12.77 4.82
CA VAL C 61 -34.19 -11.78 5.86
C VAL C 61 -34.47 -10.40 5.21
N PRO C 62 -35.53 -9.70 5.66
CA PRO C 62 -35.76 -8.34 5.13
C PRO C 62 -34.56 -7.43 5.41
N GLY C 63 -34.11 -6.73 4.37
CA GLY C 63 -32.88 -5.92 4.43
C GLY C 63 -31.68 -6.62 3.80
N HIS C 64 -31.94 -7.79 3.21
CA HIS C 64 -30.90 -8.62 2.63
C HIS C 64 -31.36 -9.05 1.24
N ALA C 65 -30.64 -8.58 0.21
CA ALA C 65 -31.16 -8.59 -1.16
C ALA C 65 -30.95 -9.91 -1.92
N GLY C 66 -29.94 -10.67 -1.50
CA GLY C 66 -29.60 -11.90 -2.18
C GLY C 66 -28.84 -11.69 -3.47
N ARG C 67 -27.91 -10.72 -3.47
CA ARG C 67 -27.17 -10.43 -4.69
C ARG C 67 -25.68 -10.14 -4.48
N LEU C 68 -24.88 -10.38 -5.51
CA LEU C 68 -23.43 -10.23 -5.44
C LEU C 68 -22.98 -9.24 -6.49
N VAL C 69 -22.39 -8.12 -6.03
CA VAL C 69 -21.99 -7.05 -6.94
C VAL C 69 -20.48 -6.82 -7.02
N PHE C 70 -19.95 -6.98 -8.24
CA PHE C 70 -18.56 -6.74 -8.56
C PHE C 70 -18.52 -5.36 -9.17
N GLY C 71 -17.54 -4.57 -8.77
CA GLY C 71 -17.41 -3.22 -9.32
C GLY C 71 -16.23 -2.49 -8.72
N PHE C 72 -16.16 -1.20 -9.00
CA PHE C 72 -15.09 -0.39 -8.47
C PHE C 72 -15.66 0.58 -7.47
N LEU C 73 -15.11 0.56 -6.27
CA LEU C 73 -15.49 1.52 -5.26
C LEU C 73 -14.31 2.46 -5.00
N ASN C 74 -14.43 3.69 -5.47
CA ASN C 74 -13.42 4.74 -5.21
C ASN C 74 -12.07 4.32 -5.81
N GLY C 75 -12.15 3.85 -7.06
CA GLY C 75 -11.00 3.30 -7.80
C GLY C 75 -10.57 1.90 -7.41
N ARG C 76 -11.16 1.34 -6.37
CA ARG C 76 -10.70 0.08 -5.78
C ARG C 76 -11.65 -1.07 -6.13
N ALA C 77 -11.10 -2.19 -6.59
CA ALA C 77 -11.89 -3.33 -7.09
C ALA C 77 -12.54 -4.15 -5.98
N CYS C 78 -13.85 -4.01 -5.83
CA CYS C 78 -14.60 -4.72 -4.80
C CYS C 78 -15.48 -5.82 -5.34
N VAL C 79 -15.83 -6.74 -4.44
CA VAL C 79 -17.04 -7.53 -4.58
C VAL C 79 -17.86 -7.29 -3.31
N MET C 80 -19.15 -7.02 -3.50
CA MET C 80 -20.07 -6.80 -2.38
C MET C 80 -21.16 -7.83 -2.23
N MET C 81 -21.33 -8.31 -1.00
CA MET C 81 -22.46 -9.17 -0.66
C MET C 81 -23.60 -8.25 -0.30
N GLN C 82 -24.65 -8.28 -1.11
CA GLN C 82 -25.85 -7.49 -0.85
C GLN C 82 -26.86 -8.33 -0.07
N GLY C 83 -26.61 -8.40 1.23
CA GLY C 83 -27.27 -9.35 2.10
C GLY C 83 -26.31 -10.44 2.50
N ARG C 84 -26.49 -10.95 3.71
CA ARG C 84 -25.66 -12.04 4.22
C ARG C 84 -26.58 -13.16 4.71
N PHE C 85 -26.00 -14.18 5.32
CA PHE C 85 -26.76 -15.26 5.90
C PHE C 85 -26.47 -15.36 7.40
N HIS C 86 -27.42 -15.96 8.12
CA HIS C 86 -27.34 -16.05 9.57
C HIS C 86 -27.59 -17.48 9.99
N MET C 87 -26.98 -17.86 11.10
CA MET C 87 -27.19 -19.15 11.73
C MET C 87 -28.65 -19.40 11.99
N TYR C 88 -29.33 -18.38 12.54
CA TYR C 88 -30.74 -18.52 12.90
C TYR C 88 -31.67 -18.93 11.74
N GLU C 89 -31.27 -18.68 10.50
CA GLU C 89 -32.06 -19.06 9.33
C GLU C 89 -32.11 -20.57 9.15
N GLY C 90 -31.33 -21.27 9.98
CA GLY C 90 -31.26 -22.72 9.94
C GLY C 90 -29.99 -23.16 9.25
N TYR C 91 -29.20 -22.19 8.82
CA TYR C 91 -27.94 -22.47 8.15
C TYR C 91 -26.86 -22.88 9.13
N PRO C 92 -26.24 -24.05 8.89
CA PRO C 92 -25.01 -24.41 9.59
C PRO C 92 -23.97 -23.38 9.24
N LEU C 93 -23.08 -23.09 10.18
CA LEU C 93 -22.02 -22.09 9.96
C LEU C 93 -21.08 -22.33 8.77
N TRP C 94 -20.95 -23.58 8.33
CA TRP C 94 -20.16 -23.84 7.12
C TRP C 94 -20.83 -23.33 5.86
N LYS C 95 -22.15 -23.16 5.89
CA LYS C 95 -22.88 -22.47 4.80
C LYS C 95 -22.82 -20.94 4.93
N VAL C 96 -23.18 -20.46 6.12
CA VAL C 96 -23.11 -19.05 6.45
C VAL C 96 -21.81 -18.42 5.93
N THR C 97 -20.67 -19.03 6.24
CA THR C 97 -19.34 -18.46 5.85
C THR C 97 -18.78 -18.93 4.50
N PHE C 98 -19.44 -19.88 3.85
CA PHE C 98 -19.01 -20.39 2.55
C PHE C 98 -18.46 -19.29 1.60
N PRO C 99 -19.21 -18.17 1.43
CA PRO C 99 -18.73 -17.19 0.45
C PRO C 99 -17.34 -16.63 0.77
N VAL C 100 -16.98 -16.60 2.04
CA VAL C 100 -15.71 -15.99 2.42
C VAL C 100 -14.54 -16.84 1.92
N ARG C 101 -14.71 -18.15 1.98
CA ARG C 101 -13.69 -19.01 1.40
C ARG C 101 -13.62 -18.86 -0.10
N VAL C 102 -14.77 -18.62 -0.75
CA VAL C 102 -14.71 -18.37 -2.21
C VAL C 102 -14.06 -17.05 -2.55
N PHE C 103 -14.32 -16.02 -1.75
CA PHE C 103 -13.66 -14.72 -1.98
C PHE C 103 -12.15 -14.86 -1.99
N HIS C 104 -11.65 -15.67 -1.06
CA HIS C 104 -10.20 -15.95 -0.95
C HIS C 104 -9.68 -16.48 -2.29
N LEU C 105 -10.37 -17.52 -2.80
CA LEU C 105 -10.00 -18.18 -4.06
C LEU C 105 -10.16 -17.25 -5.26
N LEU C 106 -11.02 -16.24 -5.12
CA LEU C 106 -11.12 -15.19 -6.14
C LEU C 106 -9.86 -14.30 -6.17
N GLY C 107 -9.13 -14.30 -5.06
CA GLY C 107 -7.91 -13.50 -4.95
C GLY C 107 -8.11 -12.29 -4.05
N VAL C 108 -9.23 -12.26 -3.33
CA VAL C 108 -9.53 -11.20 -2.40
C VAL C 108 -8.55 -11.32 -1.23
N ASP C 109 -7.94 -10.21 -0.79
CA ASP C 109 -7.07 -10.30 0.38
C ASP C 109 -7.56 -9.53 1.58
N THR C 110 -8.67 -8.82 1.44
CA THR C 110 -9.17 -7.98 2.51
C THR C 110 -10.66 -8.10 2.61
N LEU C 111 -11.15 -8.46 3.78
CA LEU C 111 -12.57 -8.55 4.03
C LEU C 111 -13.15 -7.45 4.95
N VAL C 112 -14.09 -6.66 4.44
CA VAL C 112 -14.79 -5.75 5.36
C VAL C 112 -16.18 -6.25 5.65
N VAL C 113 -16.45 -6.47 6.92
CA VAL C 113 -17.75 -6.92 7.38
C VAL C 113 -18.50 -5.76 7.99
N THR C 114 -19.79 -5.75 7.78
CA THR C 114 -20.63 -4.72 8.34
C THR C 114 -21.83 -5.46 8.89
N ASN C 115 -22.47 -4.82 9.86
CA ASN C 115 -23.67 -5.33 10.49
C ASN C 115 -24.41 -4.16 11.17
N ALA C 116 -25.72 -4.31 11.31
CA ALA C 116 -26.50 -3.54 12.23
C ALA C 116 -26.29 -4.22 13.57
N ALA C 117 -26.23 -3.43 14.64
CA ALA C 117 -26.01 -3.96 15.98
C ALA C 117 -26.82 -3.17 16.99
N GLY C 118 -27.12 -3.80 18.12
CA GLY C 118 -27.83 -3.16 19.23
C GLY C 118 -26.82 -2.56 20.20
N GLY C 119 -27.05 -1.32 20.61
CA GLY C 119 -26.10 -0.68 21.50
C GLY C 119 -26.20 -1.20 22.92
N LEU C 120 -25.16 -1.89 23.38
CA LEU C 120 -25.03 -2.22 24.80
C LEU C 120 -24.39 -1.08 25.60
N ASN C 121 -23.37 -0.43 25.03
CA ASN C 121 -22.67 0.72 25.67
C ASN C 121 -23.56 1.95 25.82
N PRO C 122 -23.80 2.39 27.07
CA PRO C 122 -24.58 3.62 27.31
C PRO C 122 -24.12 4.87 26.52
N LYS C 123 -22.82 5.01 26.25
CA LYS C 123 -22.32 6.22 25.57
C LYS C 123 -22.62 6.20 24.06
N PHE C 124 -23.17 5.09 23.55
CA PHE C 124 -23.55 5.00 22.15
C PHE C 124 -24.95 5.56 21.92
N GLU C 125 -25.12 6.22 20.79
CA GLU C 125 -26.44 6.72 20.35
C GLU C 125 -26.83 5.98 19.09
N VAL C 126 -28.13 5.98 18.77
CA VAL C 126 -28.57 5.38 17.51
C VAL C 126 -28.00 6.15 16.32
N GLY C 127 -27.47 5.42 15.35
CA GLY C 127 -26.84 6.04 14.19
C GLY C 127 -25.33 6.13 14.26
N ASP C 128 -24.76 5.79 15.41
CA ASP C 128 -23.30 5.79 15.59
C ASP C 128 -22.68 4.68 14.77
N ILE C 129 -21.50 4.98 14.21
CA ILE C 129 -20.66 3.95 13.64
C ILE C 129 -19.73 3.50 14.75
N MET C 130 -19.70 2.20 14.98
CA MET C 130 -18.74 1.64 15.91
C MET C 130 -17.82 0.64 15.19
N LEU C 131 -16.54 0.99 15.21
CA LEU C 131 -15.43 0.15 14.81
C LEU C 131 -15.33 -1.08 15.67
N ILE C 132 -15.37 -2.25 15.02
CA ILE C 132 -15.18 -3.49 15.73
C ILE C 132 -13.70 -3.68 16.03
N ARG C 133 -13.37 -3.56 17.32
CA ARG C 133 -11.98 -3.65 17.82
C ARG C 133 -11.71 -5.10 18.21
N ASP C 134 -12.78 -5.83 18.51
CA ASP C 134 -12.74 -7.18 19.06
C ASP C 134 -14.13 -7.80 19.07
N HIS C 135 -14.20 -9.12 19.27
CA HIS C 135 -15.50 -9.78 19.45
C HIS C 135 -15.52 -10.80 20.57
N ILE C 136 -16.73 -11.16 20.98
CA ILE C 136 -16.94 -12.25 21.91
C ILE C 136 -17.87 -13.25 21.20
N ASN C 137 -17.30 -14.42 20.88
CA ASN C 137 -17.99 -15.45 20.10
C ASN C 137 -18.69 -16.45 21.02
N LEU C 138 -19.84 -16.08 21.57
CA LEU C 138 -20.59 -16.99 22.44
C LEU C 138 -20.94 -18.34 21.78
N PRO C 139 -21.52 -18.34 20.57
CA PRO C 139 -21.78 -19.67 20.00
C PRO C 139 -20.48 -20.45 19.87
N GLY C 140 -19.39 -19.74 19.57
CA GLY C 140 -18.07 -20.35 19.47
C GLY C 140 -17.70 -21.16 20.68
N PHE C 141 -17.77 -20.54 21.86
CA PHE C 141 -17.51 -21.24 23.13
C PHE C 141 -18.10 -22.66 23.24
N SER C 142 -19.31 -22.83 22.72
CA SER C 142 -20.10 -24.00 23.03
C SER C 142 -20.09 -25.00 21.88
N GLY C 143 -19.29 -24.72 20.85
CA GLY C 143 -19.09 -25.63 19.73
C GLY C 143 -19.50 -25.09 18.39
N GLN C 144 -20.17 -23.94 18.38
CA GLN C 144 -20.66 -23.36 17.14
C GLN C 144 -19.64 -22.43 16.54
N ASN C 145 -18.67 -23.06 15.89
CA ASN C 145 -17.53 -22.44 15.25
C ASN C 145 -17.41 -23.02 13.83
N PRO C 146 -17.36 -22.14 12.81
CA PRO C 146 -17.42 -22.54 11.39
C PRO C 146 -16.24 -23.41 10.99
N LEU C 147 -15.29 -23.58 11.92
CA LEU C 147 -14.06 -24.31 11.67
C LEU C 147 -14.09 -25.73 12.20
N ARG C 148 -15.19 -26.08 12.89
CA ARG C 148 -15.33 -27.39 13.46
C ARG C 148 -15.21 -28.47 12.37
N GLY C 149 -14.54 -29.56 12.70
CA GLY C 149 -14.31 -30.66 11.76
C GLY C 149 -12.88 -30.68 11.28
N PRO C 150 -12.57 -31.58 10.32
CA PRO C 150 -11.27 -31.66 9.66
C PRO C 150 -10.82 -30.31 9.12
N ASN C 151 -9.55 -29.99 9.33
CA ASN C 151 -8.94 -28.76 8.82
C ASN C 151 -8.37 -29.00 7.45
N ASP C 152 -8.50 -28.02 6.56
CA ASP C 152 -7.87 -28.11 5.25
C ASP C 152 -6.70 -27.15 5.14
N GLU C 153 -5.49 -27.70 5.11
CA GLU C 153 -4.27 -26.89 5.02
C GLU C 153 -4.25 -25.99 3.79
N ARG C 154 -5.02 -26.36 2.77
CA ARG C 154 -5.16 -25.50 1.59
C ARG C 154 -5.70 -24.13 1.99
N PHE C 155 -6.52 -24.09 3.05
CA PHE C 155 -7.08 -22.84 3.56
C PHE C 155 -6.27 -22.19 4.68
N GLY C 156 -6.07 -22.91 5.78
CA GLY C 156 -5.32 -22.39 6.92
C GLY C 156 -4.85 -23.46 7.89
N ASP C 157 -4.49 -23.02 9.10
CA ASP C 157 -3.95 -23.89 10.15
C ASP C 157 -5.04 -24.53 11.02
N ARG C 158 -4.69 -25.63 11.68
CA ARG C 158 -5.60 -26.26 12.64
C ARG C 158 -6.11 -25.33 13.75
N PHE C 159 -5.22 -24.52 14.32
CA PHE C 159 -5.56 -23.68 15.46
C PHE C 159 -5.14 -22.24 15.19
N PRO C 160 -5.98 -21.47 14.48
CA PRO C 160 -5.67 -20.08 14.15
C PRO C 160 -5.92 -19.15 15.35
N ALA C 161 -5.05 -18.17 15.52
CA ALA C 161 -5.19 -17.18 16.60
C ALA C 161 -6.21 -16.14 16.18
N MET C 162 -7.02 -15.67 17.14
CA MET C 162 -8.00 -14.60 16.84
C MET C 162 -7.76 -13.29 17.63
N SER C 163 -6.72 -13.27 18.46
CA SER C 163 -6.47 -12.11 19.31
C SER C 163 -6.21 -10.87 18.45
N ASP C 164 -5.91 -11.09 17.16
CA ASP C 164 -5.54 -10.04 16.23
C ASP C 164 -6.44 -10.03 14.99
N ALA C 165 -7.69 -10.43 15.12
CA ALA C 165 -8.58 -10.56 13.95
C ALA C 165 -8.81 -9.23 13.22
N TYR C 166 -8.91 -8.14 13.99
CA TYR C 166 -9.31 -6.83 13.44
C TYR C 166 -8.15 -5.92 13.22
N ASP C 167 -7.70 -5.84 11.97
CA ASP C 167 -6.52 -5.12 11.57
C ASP C 167 -6.32 -3.81 12.36
N ARG C 168 -5.18 -3.72 13.02
CA ARG C 168 -4.89 -2.59 13.89
C ARG C 168 -4.69 -1.35 13.03
N THR C 169 -3.84 -1.47 12.01
CA THR C 169 -3.49 -0.35 11.15
C THR C 169 -4.73 0.34 10.56
N MET C 170 -5.55 -0.44 9.86
CA MET C 170 -6.78 0.09 9.27
C MET C 170 -7.65 0.86 10.26
N ARG C 171 -7.65 0.40 11.50
CA ARG C 171 -8.44 1.03 12.54
C ARG C 171 -7.82 2.36 12.94
N GLN C 172 -6.50 2.37 13.13
CA GLN C 172 -5.77 3.61 13.45
C GLN C 172 -5.87 4.55 12.26
N ARG C 173 -6.05 3.97 11.08
CA ARG C 173 -6.18 4.76 9.87
C ARG C 173 -7.60 5.32 9.78
N ALA C 174 -8.59 4.47 10.08
CA ALA C 174 -10.00 4.88 10.14
C ALA C 174 -10.25 5.98 11.18
N LEU C 175 -9.71 5.79 12.39
CA LEU C 175 -9.77 6.79 13.48
C LEU C 175 -9.19 8.15 13.11
N SER C 176 -8.02 8.13 12.46
CA SER C 176 -7.25 9.35 12.20
C SER C 176 -7.81 10.12 11.01
N THR C 177 -8.82 9.54 10.38
CA THR C 177 -9.35 10.09 9.15
C THR C 177 -10.83 10.45 9.32
N TRP C 178 -11.33 10.31 10.54
CA TRP C 178 -12.75 10.56 10.85
C TRP C 178 -13.20 12.02 10.67
N LYS C 179 -12.30 12.97 10.86
CA LYS C 179 -12.63 14.41 10.71
C LYS C 179 -13.18 14.77 9.31
N GLN C 180 -12.69 14.07 8.29
CA GLN C 180 -13.21 14.19 6.92
C GLN C 180 -14.75 14.12 6.87
N MET C 181 -15.34 13.16 7.58
CA MET C 181 -16.79 12.97 7.67
C MET C 181 -17.60 14.24 7.93
N GLY C 182 -17.03 15.17 8.72
CA GLY C 182 -17.71 16.40 9.13
C GLY C 182 -18.96 16.08 9.94
N GLU C 183 -18.78 15.22 10.96
CA GLU C 183 -19.91 14.73 11.76
C GLU C 183 -19.81 15.22 13.18
N GLN C 184 -20.98 15.50 13.76
CA GLN C 184 -21.14 15.89 15.15
C GLN C 184 -20.52 14.89 16.13
N ARG C 185 -20.63 13.63 15.78
CA ARG C 185 -20.40 12.53 16.69
C ARG C 185 -19.08 11.83 16.44
N GLU C 186 -18.42 11.41 17.51
CA GLU C 186 -17.19 10.63 17.41
C GLU C 186 -17.40 9.27 16.75
N LEU C 187 -16.34 8.76 16.12
CA LEU C 187 -16.30 7.36 15.69
C LEU C 187 -16.11 6.45 16.90
N GLN C 188 -17.07 5.56 17.13
CA GLN C 188 -17.00 4.64 18.26
C GLN C 188 -16.14 3.40 17.94
N GLU C 189 -15.56 2.82 18.97
CA GLU C 189 -14.68 1.67 18.87
C GLU C 189 -15.10 0.76 20.02
N GLY C 190 -15.07 -0.55 19.81
CA GLY C 190 -15.45 -1.48 20.87
C GLY C 190 -15.65 -2.92 20.44
N THR C 191 -16.30 -3.66 21.34
CA THR C 191 -16.46 -5.10 21.22
C THR C 191 -17.87 -5.47 20.84
N TYR C 192 -17.97 -6.23 19.75
CA TYR C 192 -19.22 -6.80 19.31
C TYR C 192 -19.30 -8.19 19.92
N VAL C 193 -20.43 -8.48 20.58
CA VAL C 193 -20.71 -9.83 21.04
C VAL C 193 -21.72 -10.53 20.11
N MET C 194 -21.39 -11.75 19.67
CA MET C 194 -22.35 -12.51 18.85
C MET C 194 -23.23 -13.43 19.67
N VAL C 195 -24.50 -13.37 19.35
CA VAL C 195 -25.58 -14.04 20.05
C VAL C 195 -26.41 -14.66 18.91
N ALA C 196 -26.84 -15.90 19.04
CA ALA C 196 -27.38 -16.57 17.84
C ALA C 196 -28.76 -16.08 17.40
N GLY C 197 -29.51 -15.43 18.32
CA GLY C 197 -30.93 -15.13 18.09
C GLY C 197 -31.74 -16.41 17.77
N PRO C 198 -32.84 -16.30 16.99
CA PRO C 198 -33.40 -15.17 16.26
C PRO C 198 -34.21 -14.15 17.08
N SER C 199 -34.59 -14.48 18.30
CA SER C 199 -35.39 -13.55 19.11
C SER C 199 -34.49 -12.53 19.84
N PHE C 200 -34.98 -11.31 20.07
CA PHE C 200 -34.15 -10.30 20.72
C PHE C 200 -33.91 -10.67 22.16
N GLU C 201 -32.85 -10.10 22.74
CA GLU C 201 -32.46 -10.33 24.15
C GLU C 201 -33.47 -9.83 25.17
N THR C 202 -33.56 -10.56 26.29
CA THR C 202 -34.25 -10.10 27.48
C THR C 202 -33.37 -9.10 28.24
N VAL C 203 -34.00 -8.24 29.04
CA VAL C 203 -33.27 -7.29 29.91
C VAL C 203 -32.10 -7.92 30.63
N ALA C 204 -32.36 -9.05 31.31
CA ALA C 204 -31.31 -9.72 32.08
C ALA C 204 -30.16 -10.20 31.20
N GLU C 205 -30.47 -10.55 29.95
CA GLU C 205 -29.44 -11.00 29.00
C GLU C 205 -28.60 -9.84 28.49
N CYS C 206 -29.22 -8.68 28.33
CA CYS C 206 -28.49 -7.49 27.91
C CYS C 206 -27.52 -7.08 29.01
N ARG C 207 -27.94 -7.23 30.27
CA ARG C 207 -27.08 -6.96 31.42
C ARG C 207 -25.92 -7.93 31.49
N VAL C 208 -26.15 -9.22 31.21
CA VAL C 208 -25.02 -10.15 31.21
C VAL C 208 -24.11 -9.69 30.10
N LEU C 209 -24.70 -9.34 28.96
CA LEU C 209 -23.91 -9.00 27.79
C LEU C 209 -23.10 -7.74 28.09
N GLN C 210 -23.72 -6.74 28.72
CA GLN C 210 -23.00 -5.56 29.16
C GLN C 210 -21.88 -5.94 30.11
N LYS C 211 -22.15 -6.79 31.11
CA LYS C 211 -21.09 -7.13 32.06
C LYS C 211 -19.98 -8.06 31.54
N LEU C 212 -20.29 -8.82 30.49
CA LEU C 212 -19.28 -9.49 29.67
C LEU C 212 -18.26 -8.54 29.02
N GLY C 213 -18.52 -7.24 29.09
CA GLY C 213 -17.64 -6.24 28.46
C GLY C 213 -17.95 -5.95 27.00
N ALA C 214 -19.13 -6.41 26.54
CA ALA C 214 -19.55 -6.17 25.15
C ALA C 214 -20.16 -4.79 24.99
N ASP C 215 -19.84 -4.13 23.89
CA ASP C 215 -20.37 -2.81 23.57
C ASP C 215 -21.60 -2.84 22.65
N ALA C 216 -21.74 -3.90 21.85
CA ALA C 216 -22.88 -4.04 20.95
C ALA C 216 -23.21 -5.51 20.65
N VAL C 217 -24.48 -5.77 20.35
CA VAL C 217 -24.97 -7.11 20.13
C VAL C 217 -25.63 -7.28 18.77
N GLY C 218 -25.30 -8.40 18.12
CA GLY C 218 -25.97 -8.83 16.90
C GLY C 218 -25.85 -10.35 16.76
N MET C 219 -26.19 -10.84 15.58
CA MET C 219 -26.32 -12.27 15.37
C MET C 219 -25.59 -12.69 14.12
N SER C 220 -24.54 -11.98 13.73
CA SER C 220 -23.85 -12.27 12.47
C SER C 220 -22.34 -12.08 12.58
N THR C 221 -21.64 -11.99 11.44
CA THR C 221 -20.28 -11.37 11.38
C THR C 221 -19.14 -12.20 11.95
N VAL C 222 -19.29 -12.66 13.18
CA VAL C 222 -18.17 -13.36 13.81
C VAL C 222 -17.74 -14.64 13.06
N PRO C 223 -18.71 -15.49 12.62
CA PRO C 223 -18.32 -16.71 11.89
C PRO C 223 -17.49 -16.33 10.69
N GLU C 224 -17.97 -15.31 9.97
CA GLU C 224 -17.34 -14.83 8.75
C GLU C 224 -15.88 -14.42 8.96
N VAL C 225 -15.65 -13.64 10.02
CA VAL C 225 -14.31 -13.17 10.43
C VAL C 225 -13.38 -14.33 10.74
N ILE C 226 -13.85 -15.28 11.52
CA ILE C 226 -13.06 -16.45 11.87
C ILE C 226 -12.58 -17.17 10.59
N VAL C 227 -13.42 -17.38 9.60
CA VAL C 227 -12.91 -18.13 8.45
C VAL C 227 -11.99 -17.27 7.58
N ALA C 228 -12.15 -15.96 7.75
CA ALA C 228 -11.38 -15.01 6.95
C ALA C 228 -9.97 -14.94 7.50
N ARG C 229 -9.85 -14.85 8.82
CA ARG C 229 -8.56 -14.87 9.45
C ARG C 229 -7.89 -16.22 9.26
N HIS C 230 -8.69 -17.29 9.39
CA HIS C 230 -8.20 -18.64 9.12
C HIS C 230 -7.45 -18.73 7.79
N CYS C 231 -8.04 -18.22 6.71
CA CYS C 231 -7.35 -18.27 5.41
C CYS C 231 -6.63 -16.95 5.07
N GLY C 232 -6.33 -16.18 6.12
CA GLY C 232 -5.38 -15.10 6.05
C GLY C 232 -5.85 -13.81 5.41
N LEU C 233 -7.15 -13.62 5.25
CA LEU C 233 -7.63 -12.33 4.80
C LEU C 233 -7.47 -11.33 5.93
N ARG C 234 -7.04 -10.13 5.58
CA ARG C 234 -7.08 -8.99 6.48
C ARG C 234 -8.55 -8.59 6.69
N VAL C 235 -8.91 -8.28 7.95
CA VAL C 235 -10.30 -8.01 8.32
C VAL C 235 -10.47 -6.62 8.97
N PHE C 236 -11.47 -5.89 8.50
CA PHE C 236 -11.91 -4.65 9.13
C PHE C 236 -13.43 -4.70 9.26
N GLY C 237 -13.94 -4.57 10.48
CA GLY C 237 -15.37 -4.62 10.69
C GLY C 237 -15.91 -3.34 11.30
N PHE C 238 -17.18 -3.05 11.03
CA PHE C 238 -17.87 -2.01 11.75
C PHE C 238 -19.36 -2.26 11.86
N SER C 239 -19.98 -1.69 12.90
CA SER C 239 -21.40 -1.84 13.16
C SER C 239 -22.14 -0.52 13.07
N LEU C 240 -23.36 -0.59 12.53
CA LEU C 240 -24.26 0.53 12.66
C LEU C 240 -25.17 0.30 13.86
N ILE C 241 -24.99 1.11 14.90
CA ILE C 241 -25.83 1.08 16.09
C ILE C 241 -27.24 1.54 15.72
N THR C 242 -28.12 0.57 15.59
CA THR C 242 -29.43 0.83 15.05
C THR C 242 -30.42 1.05 16.15
N ASN C 243 -30.10 0.60 17.35
CA ASN C 243 -31.04 0.68 18.49
C ASN C 243 -30.32 0.52 19.80
N LYS C 244 -30.92 1.05 20.86
CA LYS C 244 -30.40 0.91 22.20
C LYS C 244 -31.17 -0.22 22.89
N VAL C 245 -30.47 -1.31 23.16
CA VAL C 245 -31.10 -2.50 23.73
C VAL C 245 -31.73 -2.14 25.07
N ILE C 246 -32.82 -2.83 25.38
CA ILE C 246 -33.61 -2.50 26.56
C ILE C 246 -32.94 -3.04 27.81
N MET C 247 -32.48 -2.13 28.66
CA MET C 247 -31.70 -2.50 29.84
C MET C 247 -32.46 -2.39 31.15
N ASP C 248 -33.74 -2.00 31.12
CA ASP C 248 -34.50 -1.87 32.37
C ASP C 248 -35.97 -2.29 32.25
N TYR C 249 -36.60 -2.56 33.40
CA TYR C 249 -37.91 -3.24 33.44
C TYR C 249 -39.13 -2.34 33.36
N GLU C 250 -38.92 -1.06 33.64
CA GLU C 250 -39.99 -0.06 33.62
C GLU C 250 -40.28 0.44 32.21
N SER C 251 -39.40 0.14 31.26
CA SER C 251 -39.55 0.58 29.87
C SER C 251 -40.55 -0.26 29.07
N LEU C 252 -41.33 0.39 28.22
CA LEU C 252 -42.32 -0.31 27.40
C LEU C 252 -41.86 -0.39 25.95
N GLU C 253 -40.70 0.18 25.69
CA GLU C 253 -40.02 0.03 24.41
C GLU C 253 -39.64 -1.43 24.21
N LYS C 254 -39.49 -1.83 22.95
CA LYS C 254 -39.06 -3.19 22.61
C LYS C 254 -38.33 -3.23 21.27
N ALA C 255 -37.25 -4.01 21.21
CA ALA C 255 -36.47 -4.18 20.00
C ALA C 255 -37.33 -4.80 18.90
N ASN C 256 -37.18 -4.28 17.68
CA ASN C 256 -37.89 -4.77 16.50
C ASN C 256 -37.05 -4.49 15.25
N HIS C 257 -37.15 -5.39 14.27
CA HIS C 257 -36.34 -5.33 13.04
C HIS C 257 -36.60 -4.13 12.12
N GLU C 258 -37.84 -3.65 12.10
CA GLU C 258 -38.21 -2.47 11.33
C GLU C 258 -37.45 -1.23 11.75
N GLU C 259 -37.37 -0.96 13.05
CA GLU C 259 -36.58 0.15 13.61
C GLU C 259 -35.13 -0.02 13.14
N VAL C 260 -34.63 -1.25 13.23
CA VAL C 260 -33.30 -1.59 12.76
C VAL C 260 -33.12 -1.28 11.27
N LEU C 261 -34.11 -1.59 10.44
CA LEU C 261 -34.00 -1.29 9.03
C LEU C 261 -34.13 0.23 8.74
N ALA C 262 -34.91 0.92 9.56
CA ALA C 262 -35.09 2.36 9.36
C ALA C 262 -33.80 3.12 9.71
N ALA C 263 -33.11 2.65 10.75
CA ALA C 263 -31.87 3.28 11.15
C ALA C 263 -30.80 3.20 10.07
N GLY C 264 -30.76 2.07 9.35
CA GLY C 264 -29.82 1.89 8.24
C GLY C 264 -30.05 2.83 7.08
N LYS C 265 -31.32 3.08 6.78
CA LYS C 265 -31.69 3.94 5.68
C LYS C 265 -31.30 5.38 5.99
N GLN C 266 -31.45 5.76 7.26
CA GLN C 266 -31.10 7.10 7.72
C GLN C 266 -29.59 7.37 7.65
N ALA C 267 -28.81 6.32 7.86
CA ALA C 267 -27.35 6.44 7.90
C ALA C 267 -26.65 6.20 6.54
N ALA C 268 -27.42 5.79 5.54
CA ALA C 268 -26.90 5.44 4.20
C ALA C 268 -25.85 6.41 3.63
N GLN C 269 -26.14 7.71 3.69
CA GLN C 269 -25.21 8.74 3.20
C GLN C 269 -23.91 8.73 3.98
N LYS C 270 -24.03 8.65 5.31
CA LYS C 270 -22.88 8.59 6.21
C LYS C 270 -22.02 7.35 5.96
N LEU C 271 -22.64 6.16 5.93
CA LEU C 271 -21.91 4.90 5.69
C LEU C 271 -21.15 4.92 4.36
N GLU C 272 -21.84 5.36 3.31
CA GLU C 272 -21.29 5.55 1.98
C GLU C 272 -19.97 6.34 2.04
N GLN C 273 -20.03 7.49 2.70
CA GLN C 273 -18.87 8.37 2.80
C GLN C 273 -17.76 7.71 3.60
N PHE C 274 -18.15 7.02 4.66
CA PHE C 274 -17.19 6.38 5.53
C PHE C 274 -16.46 5.22 4.83
N VAL C 275 -17.24 4.38 4.14
CA VAL C 275 -16.70 3.23 3.42
C VAL C 275 -15.78 3.64 2.27
N SER C 276 -16.03 4.82 1.72
CA SER C 276 -15.20 5.35 0.65
C SER C 276 -13.85 5.82 1.17
N ILE C 277 -13.87 6.60 2.26
CA ILE C 277 -12.64 6.97 2.97
C ILE C 277 -11.82 5.69 3.27
N LEU C 278 -12.54 4.65 3.68
CA LEU C 278 -11.99 3.38 4.11
C LEU C 278 -11.19 2.65 3.01
N MET C 279 -11.78 2.58 1.82
CA MET C 279 -11.12 2.07 0.63
C MET C 279 -9.70 2.58 0.46
N ALA C 280 -9.50 3.88 0.69
CA ALA C 280 -8.18 4.50 0.52
C ALA C 280 -7.14 4.04 1.56
N SER C 281 -7.61 3.38 2.60
CA SER C 281 -6.77 2.99 3.72
C SER C 281 -6.36 1.52 3.68
N ILE C 282 -6.90 0.78 2.69
CA ILE C 282 -6.55 -0.61 2.48
C ILE C 282 -5.27 -0.73 1.67
N PRO C 283 -4.32 -1.54 2.15
CA PRO C 283 -3.05 -1.75 1.45
C PRO C 283 -3.20 -2.52 0.13
N LEU C 284 -2.43 -2.12 -0.87
CA LEU C 284 -2.39 -2.77 -2.16
C LEU C 284 -1.75 -4.16 -2.07
N PRO C 285 -2.10 -5.08 -3.00
CA PRO C 285 -1.52 -6.43 -3.23
C PRO C 285 0.01 -6.56 -3.18
N ASN D 3 -26.76 -40.64 21.06
CA ASN D 3 -25.60 -41.56 21.31
C ASN D 3 -25.60 -42.77 20.36
N GLY D 4 -24.52 -42.88 19.58
CA GLY D 4 -24.35 -43.95 18.60
C GLY D 4 -24.16 -45.33 19.21
N TYR D 5 -23.59 -45.37 20.41
CA TYR D 5 -23.21 -46.63 21.04
C TYR D 5 -24.24 -47.19 22.01
N THR D 6 -24.55 -48.48 21.82
CA THR D 6 -25.36 -49.26 22.75
C THR D 6 -24.47 -49.68 23.92
N TYR D 7 -25.07 -50.20 24.99
CA TYR D 7 -24.27 -50.79 26.08
C TYR D 7 -23.35 -51.89 25.53
N GLU D 8 -23.93 -52.72 24.65
CA GLU D 8 -23.27 -53.85 23.99
C GLU D 8 -21.98 -53.46 23.28
N ASP D 9 -22.00 -52.29 22.63
CA ASP D 9 -20.82 -51.75 21.93
C ASP D 9 -19.64 -51.57 22.87
N TYR D 10 -19.91 -51.01 24.05
CA TYR D 10 -18.88 -50.79 25.06
C TYR D 10 -18.36 -52.13 25.56
N LYS D 11 -19.28 -53.08 25.70
CA LYS D 11 -18.98 -54.45 26.18
C LYS D 11 -18.02 -55.17 25.24
N ASN D 12 -18.24 -54.96 23.95
CA ASN D 12 -17.40 -55.56 22.92
C ASN D 12 -15.96 -55.06 22.97
N THR D 13 -15.79 -53.74 22.91
CA THR D 13 -14.49 -53.09 23.08
C THR D 13 -13.81 -53.60 24.35
N ALA D 14 -14.51 -53.50 25.48
CA ALA D 14 -14.01 -53.95 26.78
C ALA D 14 -13.48 -55.38 26.77
N GLU D 15 -14.31 -56.33 26.32
CA GLU D 15 -13.90 -57.74 26.21
C GLU D 15 -12.75 -57.95 25.23
N TRP D 16 -12.72 -57.18 24.15
CA TRP D 16 -11.60 -57.33 23.21
C TRP D 16 -10.27 -56.96 23.87
N LEU D 17 -10.27 -55.88 24.66
CA LEU D 17 -9.04 -55.46 25.36
C LEU D 17 -8.57 -56.51 26.36
N LEU D 18 -9.48 -56.95 27.23
CA LEU D 18 -9.24 -58.07 28.14
C LEU D 18 -8.80 -59.38 27.43
N SER D 19 -9.27 -59.62 26.20
CA SER D 19 -8.90 -60.87 25.49
C SER D 19 -7.51 -60.83 24.83
N HIS D 20 -6.96 -59.62 24.69
CA HIS D 20 -5.70 -59.47 23.94
C HIS D 20 -4.55 -58.92 24.79
N THR D 21 -4.91 -58.47 26.02
CA THR D 21 -3.91 -58.07 27.01
C THR D 21 -4.12 -58.83 28.31
N LYS D 22 -3.02 -59.22 28.94
CA LYS D 22 -3.07 -59.86 30.25
C LYS D 22 -3.22 -58.83 31.38
N HIS D 23 -2.86 -57.58 31.09
CA HIS D 23 -2.93 -56.49 32.07
C HIS D 23 -4.37 -56.13 32.46
N ARG D 24 -4.58 -55.90 33.75
CA ARG D 24 -5.88 -55.46 34.26
C ARG D 24 -5.72 -54.15 35.03
N PRO D 25 -5.86 -53.02 34.31
CA PRO D 25 -5.56 -51.68 34.82
C PRO D 25 -6.50 -51.26 35.93
N GLN D 26 -5.97 -50.49 36.86
CA GLN D 26 -6.74 -49.93 37.95
C GLN D 26 -6.98 -48.47 37.65
N VAL D 27 -5.97 -47.84 37.05
CA VAL D 27 -5.98 -46.40 36.73
C VAL D 27 -5.96 -46.18 35.22
N ALA D 28 -6.62 -45.12 34.78
CA ALA D 28 -6.57 -44.69 33.39
C ALA D 28 -6.07 -43.25 33.37
N ILE D 29 -5.01 -43.02 32.60
CA ILE D 29 -4.50 -41.67 32.43
C ILE D 29 -4.69 -41.26 30.99
N ILE D 30 -5.29 -40.09 30.80
CA ILE D 30 -5.52 -39.51 29.47
C ILE D 30 -4.51 -38.38 29.26
N CYS D 31 -3.66 -38.54 28.25
CA CYS D 31 -2.59 -37.60 27.98
C CYS D 31 -3.00 -36.51 26.99
N GLY D 32 -2.97 -35.27 27.46
CA GLY D 32 -3.24 -34.09 26.62
C GLY D 32 -2.11 -33.73 25.68
N SER D 33 -2.26 -32.61 24.98
CA SER D 33 -1.32 -32.20 23.92
C SER D 33 0.12 -32.01 24.38
N GLY D 34 1.01 -32.84 23.83
CA GLY D 34 2.45 -32.77 24.10
C GLY D 34 2.83 -33.40 25.42
N LEU D 35 1.95 -34.23 25.96
CA LEU D 35 2.16 -34.89 27.24
C LEU D 35 2.20 -36.40 27.05
N GLY D 36 2.39 -36.85 25.81
CA GLY D 36 2.47 -38.28 25.48
C GLY D 36 3.63 -39.03 26.11
N GLY D 37 4.71 -38.31 26.41
CA GLY D 37 5.91 -38.85 27.07
C GLY D 37 5.71 -39.40 28.48
N LEU D 38 4.54 -39.14 29.06
CA LEU D 38 4.18 -39.67 30.37
C LEU D 38 4.09 -41.18 30.34
N THR D 39 3.93 -41.72 29.13
CA THR D 39 3.83 -43.16 28.87
C THR D 39 5.21 -43.84 28.78
N ASP D 40 6.28 -43.05 28.74
CA ASP D 40 7.64 -43.59 28.61
C ASP D 40 8.03 -44.46 29.81
N LYS D 41 7.75 -43.97 31.02
CA LYS D 41 8.15 -44.68 32.24
C LYS D 41 7.22 -45.84 32.68
N LEU D 42 6.42 -46.38 31.75
CA LEU D 42 5.68 -47.60 32.02
C LEU D 42 6.60 -48.79 31.92
N THR D 43 6.42 -49.72 32.84
CA THR D 43 7.17 -50.97 32.79
C THR D 43 6.26 -52.07 32.26
N GLN D 44 6.88 -53.06 31.60
CA GLN D 44 6.19 -54.16 30.93
C GLN D 44 5.05 -53.66 30.03
N ALA D 45 5.30 -52.60 29.28
CA ALA D 45 4.24 -51.89 28.57
C ALA D 45 3.78 -52.60 27.29
N GLN D 46 2.45 -52.62 27.09
CA GLN D 46 1.88 -53.11 25.84
C GLN D 46 1.14 -52.01 25.09
N ILE D 47 1.52 -51.81 23.82
CA ILE D 47 1.04 -50.71 22.99
C ILE D 47 -0.04 -51.15 22.00
N PHE D 48 -1.15 -50.41 21.98
CA PHE D 48 -2.20 -50.58 20.98
C PHE D 48 -2.41 -49.28 20.23
N ASP D 49 -2.45 -49.38 18.90
CA ASP D 49 -2.94 -48.27 18.09
C ASP D 49 -4.45 -48.22 18.23
N TYR D 50 -5.01 -47.02 18.25
CA TYR D 50 -6.47 -46.85 18.34
C TYR D 50 -7.21 -47.54 17.18
N SER D 51 -6.53 -47.72 16.05
CA SER D 51 -7.13 -48.37 14.88
C SER D 51 -7.36 -49.87 15.07
N GLU D 52 -6.55 -50.50 15.92
CA GLU D 52 -6.71 -51.92 16.28
C GLU D 52 -7.95 -52.16 17.16
N ILE D 53 -8.34 -51.10 17.88
CA ILE D 53 -9.38 -51.15 18.90
C ILE D 53 -10.74 -50.85 18.28
N PRO D 54 -11.69 -51.79 18.39
CA PRO D 54 -13.01 -51.55 17.77
C PRO D 54 -13.69 -50.30 18.35
N ASN D 55 -14.43 -49.58 17.51
CA ASN D 55 -15.20 -48.39 17.91
C ASN D 55 -14.37 -47.14 18.24
N PHE D 56 -13.15 -47.34 18.73
CA PHE D 56 -12.23 -46.24 18.96
C PHE D 56 -12.10 -45.29 17.77
N PRO D 57 -12.21 -43.97 18.02
CA PRO D 57 -11.99 -42.91 17.03
C PRO D 57 -10.49 -42.72 16.74
N ARG D 58 -10.15 -41.87 15.78
CA ARG D 58 -8.74 -41.53 15.52
C ARG D 58 -8.35 -40.21 16.19
N SER D 59 -7.10 -40.11 16.66
CA SER D 59 -6.55 -38.82 17.08
C SER D 59 -5.86 -38.13 15.91
N THR D 60 -6.38 -36.97 15.53
CA THR D 60 -5.89 -36.25 14.36
C THR D 60 -5.00 -35.05 14.70
N VAL D 61 -5.15 -34.54 15.92
CA VAL D 61 -4.40 -33.37 16.40
C VAL D 61 -2.90 -33.68 16.63
N PRO D 62 -2.00 -32.79 16.15
CA PRO D 62 -0.56 -32.97 16.41
C PRO D 62 -0.20 -32.91 17.90
N GLY D 63 0.68 -33.82 18.32
CA GLY D 63 1.06 -33.95 19.72
C GLY D 63 0.19 -34.96 20.44
N HIS D 64 -0.63 -35.67 19.65
CA HIS D 64 -1.50 -36.75 20.13
C HIS D 64 -1.23 -37.97 19.27
N ALA D 65 -0.60 -38.98 19.85
CA ALA D 65 -0.08 -40.14 19.11
C ALA D 65 -1.14 -41.14 18.60
N GLY D 66 -2.26 -41.26 19.32
CA GLY D 66 -3.33 -42.17 18.95
C GLY D 66 -3.02 -43.61 19.32
N ARG D 67 -2.69 -43.82 20.60
CA ARG D 67 -2.19 -45.11 21.11
C ARG D 67 -2.72 -45.41 22.51
N LEU D 68 -3.13 -46.66 22.72
CA LEU D 68 -3.48 -47.11 24.06
C LEU D 68 -2.37 -47.96 24.60
N VAL D 69 -1.82 -47.56 25.74
CA VAL D 69 -0.70 -48.30 26.33
C VAL D 69 -1.08 -48.81 27.71
N PHE D 70 -0.82 -50.10 27.94
CA PHE D 70 -1.05 -50.72 29.24
C PHE D 70 0.29 -50.82 29.98
N GLY D 71 0.25 -50.95 31.31
CA GLY D 71 1.47 -51.28 32.04
C GLY D 71 1.43 -50.98 33.52
N PHE D 72 2.62 -50.88 34.11
CA PHE D 72 2.77 -50.51 35.49
C PHE D 72 3.51 -49.19 35.52
N LEU D 73 2.90 -48.20 36.14
CA LEU D 73 3.56 -46.93 36.35
C LEU D 73 3.75 -46.79 37.83
N ASN D 74 5.01 -46.95 38.25
CA ASN D 74 5.42 -46.91 39.66
C ASN D 74 4.72 -48.05 40.42
N GLY D 75 4.63 -49.20 39.75
CA GLY D 75 4.08 -50.42 40.35
C GLY D 75 2.57 -50.49 40.34
N ARG D 76 1.94 -49.47 39.76
CA ARG D 76 0.50 -49.36 39.69
C ARG D 76 0.00 -49.73 38.30
N ALA D 77 -1.10 -50.47 38.23
CA ALA D 77 -1.62 -50.98 36.95
C ALA D 77 -2.38 -49.89 36.18
N CYS D 78 -1.87 -49.57 35.01
CA CYS D 78 -2.36 -48.46 34.23
C CYS D 78 -2.87 -48.86 32.87
N VAL D 79 -3.75 -48.03 32.34
CA VAL D 79 -3.99 -47.95 30.90
C VAL D 79 -3.90 -46.47 30.53
N MET D 80 -3.05 -46.18 29.55
CA MET D 80 -2.76 -44.80 29.16
C MET D 80 -3.23 -44.46 27.74
N MET D 81 -4.07 -43.42 27.65
CA MET D 81 -4.41 -42.82 26.37
C MET D 81 -3.32 -41.87 25.92
N GLN D 82 -2.48 -42.33 24.99
CA GLN D 82 -1.48 -41.48 24.36
C GLN D 82 -2.16 -40.69 23.25
N GLY D 83 -2.62 -39.49 23.61
CA GLY D 83 -3.43 -38.67 22.71
C GLY D 83 -4.91 -38.89 22.94
N ARG D 84 -5.68 -37.81 22.82
CA ARG D 84 -7.13 -37.81 23.10
C ARG D 84 -7.95 -37.29 21.93
N PHE D 85 -9.26 -37.19 22.14
CA PHE D 85 -10.16 -36.68 21.12
C PHE D 85 -10.84 -35.42 21.62
N HIS D 86 -11.11 -34.52 20.68
CA HIS D 86 -11.78 -33.26 21.00
C HIS D 86 -12.98 -33.09 20.09
N MET D 87 -13.94 -32.31 20.56
CA MET D 87 -15.16 -32.02 19.85
C MET D 87 -14.85 -31.18 18.61
N TYR D 88 -13.75 -30.41 18.63
CA TYR D 88 -13.45 -29.51 17.50
C TYR D 88 -12.95 -30.24 16.25
N GLU D 89 -12.57 -31.51 16.42
CA GLU D 89 -12.24 -32.39 15.27
C GLU D 89 -13.52 -32.88 14.61
N GLY D 90 -14.65 -32.56 15.24
CA GLY D 90 -15.97 -32.84 14.72
C GLY D 90 -16.59 -34.11 15.29
N TYR D 91 -16.05 -34.57 16.42
CA TYR D 91 -16.60 -35.72 17.11
C TYR D 91 -17.68 -35.25 18.04
N PRO D 92 -18.79 -36.00 18.11
CA PRO D 92 -19.77 -35.84 19.15
C PRO D 92 -19.16 -36.18 20.49
N LEU D 93 -19.69 -35.59 21.55
CA LEU D 93 -19.12 -35.77 22.88
C LEU D 93 -19.27 -37.21 23.39
N TRP D 94 -20.19 -37.96 22.79
CA TRP D 94 -20.26 -39.38 23.06
C TRP D 94 -19.15 -40.18 22.37
N LYS D 95 -18.61 -39.69 21.26
CA LYS D 95 -17.39 -40.30 20.70
C LYS D 95 -16.15 -39.90 21.50
N VAL D 96 -16.05 -38.60 21.84
CA VAL D 96 -14.93 -38.06 22.61
C VAL D 96 -14.72 -38.86 23.88
N THR D 97 -15.79 -39.08 24.63
CA THR D 97 -15.74 -39.73 25.94
C THR D 97 -15.96 -41.23 25.93
N PHE D 98 -16.15 -41.81 24.74
CA PHE D 98 -16.27 -43.28 24.63
C PHE D 98 -15.30 -44.04 25.53
N PRO D 99 -13.98 -43.75 25.46
CA PRO D 99 -13.05 -44.64 26.17
C PRO D 99 -13.24 -44.75 27.69
N VAL D 100 -13.81 -43.71 28.30
CA VAL D 100 -14.01 -43.66 29.75
C VAL D 100 -14.99 -44.74 30.25
N ARG D 101 -16.04 -44.99 29.49
CA ARG D 101 -16.95 -46.08 29.84
C ARG D 101 -16.23 -47.43 29.69
N VAL D 102 -15.40 -47.56 28.64
CA VAL D 102 -14.69 -48.83 28.45
C VAL D 102 -13.60 -49.09 29.48
N PHE D 103 -12.93 -48.03 29.96
CA PHE D 103 -11.99 -48.18 31.09
C PHE D 103 -12.74 -48.64 32.32
N HIS D 104 -13.89 -48.02 32.57
CA HIS D 104 -14.75 -48.39 33.68
C HIS D 104 -15.07 -49.87 33.57
N LEU D 105 -15.51 -50.29 32.38
CA LEU D 105 -15.88 -51.69 32.13
C LEU D 105 -14.69 -52.64 32.26
N LEU D 106 -13.50 -52.08 32.12
CA LEU D 106 -12.26 -52.81 32.30
C LEU D 106 -11.99 -53.02 33.78
N GLY D 107 -12.75 -52.33 34.63
CA GLY D 107 -12.54 -52.39 36.07
C GLY D 107 -11.58 -51.33 36.59
N VAL D 108 -11.35 -50.29 35.78
CA VAL D 108 -10.64 -49.09 36.24
C VAL D 108 -11.50 -48.38 37.29
N ASP D 109 -10.90 -47.95 38.39
CA ASP D 109 -11.67 -47.23 39.40
C ASP D 109 -11.25 -45.76 39.55
N THR D 110 -10.14 -45.40 38.92
CA THR D 110 -9.63 -44.04 38.99
C THR D 110 -9.27 -43.55 37.60
N LEU D 111 -9.77 -42.36 37.23
CA LEU D 111 -9.32 -41.64 36.03
C LEU D 111 -8.57 -40.37 36.41
N VAL D 112 -7.34 -40.25 35.91
CA VAL D 112 -6.66 -38.98 35.93
C VAL D 112 -6.61 -38.42 34.54
N VAL D 113 -7.10 -37.18 34.42
CA VAL D 113 -7.12 -36.45 33.18
C VAL D 113 -6.02 -35.39 33.22
N THR D 114 -5.34 -35.24 32.10
CA THR D 114 -4.34 -34.20 31.97
C THR D 114 -4.57 -33.41 30.71
N ASN D 115 -4.13 -32.14 30.73
CA ASN D 115 -4.17 -31.33 29.52
C ASN D 115 -3.12 -30.23 29.50
N ALA D 116 -2.96 -29.63 28.33
CA ALA D 116 -2.28 -28.38 28.19
C ALA D 116 -3.35 -27.32 28.26
N ALA D 117 -3.05 -26.19 28.87
CA ALA D 117 -4.04 -25.11 28.96
C ALA D 117 -3.41 -23.74 28.88
N GLY D 118 -4.22 -22.76 28.48
CA GLY D 118 -3.80 -21.37 28.47
C GLY D 118 -4.08 -20.78 29.84
N GLY D 119 -3.14 -19.98 30.34
CA GLY D 119 -3.29 -19.36 31.65
C GLY D 119 -4.10 -18.08 31.59
N LEU D 120 -5.16 -18.02 32.38
CA LEU D 120 -5.98 -16.83 32.51
C LEU D 120 -5.53 -16.02 33.72
N ASN D 121 -5.25 -16.73 34.81
CA ASN D 121 -4.83 -16.10 36.06
C ASN D 121 -3.40 -15.56 35.91
N PRO D 122 -3.19 -14.27 36.25
CA PRO D 122 -1.85 -13.69 36.13
C PRO D 122 -0.77 -14.38 36.97
N LYS D 123 -1.19 -15.09 38.01
CA LYS D 123 -0.25 -15.72 38.94
C LYS D 123 0.43 -16.97 38.36
N PHE D 124 -0.20 -17.60 37.37
CA PHE D 124 0.40 -18.75 36.69
C PHE D 124 1.53 -18.33 35.76
N GLU D 125 2.57 -19.16 35.65
CA GLU D 125 3.66 -18.95 34.70
C GLU D 125 3.70 -20.12 33.74
N VAL D 126 4.24 -19.95 32.53
CA VAL D 126 4.33 -21.11 31.62
C VAL D 126 5.14 -22.19 32.33
N GLY D 127 4.72 -23.45 32.19
CA GLY D 127 5.39 -24.54 32.86
C GLY D 127 4.77 -24.94 34.21
N ASP D 128 3.90 -24.12 34.76
CA ASP D 128 3.28 -24.45 36.03
C ASP D 128 2.36 -25.65 35.85
N ILE D 129 2.25 -26.45 36.90
CA ILE D 129 1.23 -27.48 36.94
C ILE D 129 0.06 -26.94 37.75
N MET D 130 -1.13 -26.97 37.15
CA MET D 130 -2.33 -26.59 37.89
C MET D 130 -3.20 -27.78 38.23
N LEU D 131 -3.44 -27.92 39.52
CA LEU D 131 -4.44 -28.84 40.04
C LEU D 131 -5.83 -28.40 39.66
N ILE D 132 -6.57 -29.26 38.99
CA ILE D 132 -7.94 -28.90 38.70
C ILE D 132 -8.85 -29.18 39.89
N ARG D 133 -9.23 -28.11 40.60
CA ARG D 133 -10.18 -28.20 41.70
C ARG D 133 -11.62 -28.26 41.22
N ASP D 134 -11.87 -27.63 40.08
CA ASP D 134 -13.23 -27.48 39.56
C ASP D 134 -13.15 -27.10 38.08
N HIS D 135 -14.24 -27.32 37.36
CA HIS D 135 -14.39 -26.80 36.00
C HIS D 135 -15.61 -25.89 35.76
N ILE D 136 -15.54 -25.09 34.71
CA ILE D 136 -16.71 -24.41 34.18
C ILE D 136 -16.92 -24.97 32.78
N ASN D 137 -18.10 -25.53 32.56
CA ASN D 137 -18.40 -26.29 31.32
C ASN D 137 -19.29 -25.49 30.40
N LEU D 138 -18.69 -24.67 29.53
CA LEU D 138 -19.44 -23.78 28.63
C LEU D 138 -20.22 -24.52 27.49
N PRO D 139 -19.58 -25.48 26.79
CA PRO D 139 -20.43 -26.34 25.89
C PRO D 139 -21.63 -26.95 26.62
N GLY D 140 -21.40 -27.47 27.82
CA GLY D 140 -22.48 -28.03 28.65
C GLY D 140 -23.69 -27.13 28.84
N PHE D 141 -23.44 -25.92 29.30
CA PHE D 141 -24.49 -24.91 29.47
C PHE D 141 -25.41 -24.87 28.27
N SER D 142 -24.84 -24.95 27.09
CA SER D 142 -25.64 -24.70 25.93
C SER D 142 -26.26 -25.99 25.36
N GLY D 143 -25.87 -27.15 25.86
CA GLY D 143 -26.43 -28.40 25.33
C GLY D 143 -25.38 -29.46 25.08
N GLN D 144 -24.15 -29.01 24.87
CA GLN D 144 -23.07 -29.91 24.63
C GLN D 144 -22.57 -30.61 25.92
N ASN D 145 -23.24 -31.71 26.24
CA ASN D 145 -22.93 -32.55 27.39
C ASN D 145 -22.90 -34.04 26.96
N PRO D 146 -21.90 -34.81 27.44
CA PRO D 146 -21.78 -36.17 26.91
C PRO D 146 -22.88 -37.11 27.37
N LEU D 147 -23.66 -36.68 28.36
CA LEU D 147 -24.74 -37.47 28.95
C LEU D 147 -26.06 -37.24 28.28
N ARG D 148 -26.10 -36.27 27.36
CA ARG D 148 -27.34 -35.96 26.69
C ARG D 148 -27.91 -37.20 25.97
N GLY D 149 -29.24 -37.27 25.94
CA GLY D 149 -29.94 -38.40 25.36
C GLY D 149 -30.44 -39.33 26.42
N PRO D 150 -30.97 -40.49 26.01
CA PRO D 150 -31.39 -41.52 26.97
C PRO D 150 -30.29 -41.86 27.99
N ASN D 151 -30.68 -42.02 29.25
CA ASN D 151 -29.74 -42.52 30.25
C ASN D 151 -29.72 -44.05 30.27
N ASP D 152 -28.53 -44.63 30.37
CA ASP D 152 -28.40 -46.06 30.65
C ASP D 152 -28.00 -46.27 32.11
N GLU D 153 -28.93 -46.82 32.89
CA GLU D 153 -28.75 -46.97 34.32
C GLU D 153 -27.57 -47.87 34.68
N ARG D 154 -27.14 -48.70 33.73
CA ARG D 154 -25.99 -49.59 33.94
C ARG D 154 -24.69 -48.82 34.16
N PHE D 155 -24.62 -47.59 33.64
CA PHE D 155 -23.46 -46.75 33.87
C PHE D 155 -23.65 -45.82 35.05
N GLY D 156 -24.84 -45.25 35.19
CA GLY D 156 -25.12 -44.36 36.32
C GLY D 156 -26.48 -43.71 36.27
N ASP D 157 -26.63 -42.65 37.05
CA ASP D 157 -27.88 -41.90 37.23
C ASP D 157 -28.25 -40.96 36.06
N ARG D 158 -29.53 -40.61 35.98
CA ARG D 158 -30.01 -39.66 34.98
C ARG D 158 -29.52 -38.23 35.27
N PHE D 159 -29.47 -37.85 36.55
CA PHE D 159 -28.91 -36.53 36.93
C PHE D 159 -27.76 -36.64 37.92
N PRO D 160 -26.54 -36.87 37.41
CA PRO D 160 -25.38 -36.90 38.32
C PRO D 160 -24.92 -35.52 38.79
N ALA D 161 -24.43 -35.44 40.03
CA ALA D 161 -23.84 -34.21 40.58
C ALA D 161 -22.38 -34.06 40.16
N MET D 162 -21.93 -32.82 40.05
CA MET D 162 -20.59 -32.54 39.57
C MET D 162 -19.81 -31.64 40.51
N SER D 163 -20.47 -31.23 41.59
CA SER D 163 -19.86 -30.32 42.56
C SER D 163 -18.70 -30.96 43.34
N ASP D 164 -18.60 -32.29 43.27
CA ASP D 164 -17.52 -33.06 43.88
C ASP D 164 -16.77 -33.90 42.83
N ALA D 165 -16.64 -33.34 41.63
CA ALA D 165 -16.06 -34.07 40.51
C ALA D 165 -14.61 -34.47 40.77
N TYR D 166 -13.83 -33.53 41.32
CA TYR D 166 -12.41 -33.78 41.52
C TYR D 166 -12.14 -34.18 42.97
N ASP D 167 -11.87 -35.46 43.17
CA ASP D 167 -11.68 -36.07 44.51
C ASP D 167 -10.84 -35.21 45.43
N ARG D 168 -11.46 -34.76 46.51
CA ARG D 168 -10.87 -33.86 47.49
C ARG D 168 -9.60 -34.44 48.07
N THR D 169 -9.69 -35.70 48.51
CA THR D 169 -8.60 -36.37 49.19
C THR D 169 -7.37 -36.51 48.30
N MET D 170 -7.55 -36.90 47.05
CA MET D 170 -6.44 -36.92 46.10
C MET D 170 -5.78 -35.55 45.93
N ARG D 171 -6.60 -34.51 45.85
CA ARG D 171 -6.12 -33.15 45.73
C ARG D 171 -5.22 -32.79 46.92
N GLN D 172 -5.76 -32.92 48.13
CA GLN D 172 -5.00 -32.69 49.36
C GLN D 172 -3.63 -33.38 49.38
N ARG D 173 -3.61 -34.67 49.03
CA ARG D 173 -2.38 -35.46 49.05
C ARG D 173 -1.36 -35.01 48.00
N ALA D 174 -1.83 -34.69 46.80
CA ALA D 174 -0.96 -34.07 45.79
C ALA D 174 -0.32 -32.76 46.31
N LEU D 175 -1.08 -31.98 47.06
CA LEU D 175 -0.59 -30.75 47.70
C LEU D 175 0.44 -31.05 48.78
N SER D 176 0.11 -31.97 49.68
CA SER D 176 1.00 -32.44 50.76
C SER D 176 2.33 -32.98 50.27
N THR D 177 2.31 -33.58 49.09
CA THR D 177 3.44 -34.30 48.53
C THR D 177 4.24 -33.47 47.53
N TRP D 178 3.71 -32.32 47.14
CA TRP D 178 4.44 -31.45 46.23
C TRP D 178 5.85 -31.18 46.73
N LYS D 179 5.99 -30.87 48.02
CA LYS D 179 7.28 -30.54 48.63
C LYS D 179 8.39 -31.58 48.39
N GLN D 180 8.00 -32.75 47.86
CA GLN D 180 8.93 -33.85 47.57
C GLN D 180 9.58 -33.67 46.20
N MET D 181 8.98 -32.80 45.39
CA MET D 181 9.45 -32.45 44.06
C MET D 181 10.74 -31.62 44.05
N GLY D 182 10.97 -30.85 45.12
CA GLY D 182 12.12 -29.94 45.22
C GLY D 182 12.06 -28.84 44.17
N GLU D 183 10.83 -28.35 43.93
CA GLU D 183 10.55 -27.38 42.87
C GLU D 183 10.47 -25.98 43.42
N GLN D 184 10.90 -25.02 42.60
CA GLN D 184 10.97 -23.61 42.97
C GLN D 184 9.59 -22.96 42.91
N ARG D 185 8.73 -23.52 42.06
CA ARG D 185 7.34 -23.08 41.92
C ARG D 185 6.41 -23.87 42.84
N GLU D 186 5.34 -23.23 43.28
CA GLU D 186 4.27 -23.91 44.00
C GLU D 186 3.36 -24.70 43.05
N LEU D 187 2.71 -25.73 43.58
CA LEU D 187 1.63 -26.40 42.84
C LEU D 187 0.38 -25.53 42.92
N GLN D 188 -0.05 -25.03 41.77
CA GLN D 188 -1.23 -24.15 41.70
C GLN D 188 -2.52 -24.97 41.57
N GLU D 189 -3.53 -24.59 42.34
CA GLU D 189 -4.83 -25.25 42.35
C GLU D 189 -5.88 -24.26 41.80
N GLY D 190 -6.71 -24.70 40.88
CA GLY D 190 -7.74 -23.82 40.34
C GLY D 190 -8.74 -24.40 39.37
N THR D 191 -9.48 -23.49 38.73
CA THR D 191 -10.59 -23.83 37.86
C THR D 191 -10.24 -23.76 36.38
N TYR D 192 -10.53 -24.87 35.70
CA TYR D 192 -10.33 -24.98 34.28
C TYR D 192 -11.66 -24.69 33.61
N VAL D 193 -11.64 -23.83 32.60
CA VAL D 193 -12.82 -23.65 31.74
C VAL D 193 -12.70 -24.32 30.37
N MET D 194 -13.74 -25.09 30.02
CA MET D 194 -13.77 -25.65 28.69
C MET D 194 -14.43 -24.67 27.74
N VAL D 195 -13.76 -24.44 26.61
CA VAL D 195 -14.26 -23.67 25.47
C VAL D 195 -14.06 -24.63 24.26
N ALA D 196 -14.81 -24.49 23.17
CA ALA D 196 -14.79 -25.51 22.10
C ALA D 196 -13.68 -25.36 21.06
N GLY D 197 -13.27 -24.12 20.81
CA GLY D 197 -12.33 -23.80 19.73
C GLY D 197 -12.86 -24.28 18.40
N PRO D 198 -11.97 -24.59 17.43
CA PRO D 198 -10.50 -24.76 17.53
C PRO D 198 -9.69 -23.45 17.49
N SER D 199 -10.32 -22.36 17.08
CA SER D 199 -9.63 -21.07 17.06
C SER D 199 -9.34 -20.64 18.50
N PHE D 200 -8.17 -20.04 18.70
CA PHE D 200 -7.81 -19.47 20.01
C PHE D 200 -8.66 -18.23 20.34
N GLU D 201 -8.75 -17.93 21.62
CA GLU D 201 -9.59 -16.85 22.13
C GLU D 201 -9.09 -15.45 21.82
N THR D 202 -10.02 -14.52 21.68
CA THR D 202 -9.71 -13.10 21.57
C THR D 202 -9.32 -12.49 22.93
N VAL D 203 -8.73 -11.30 22.91
CA VAL D 203 -8.49 -10.56 24.16
C VAL D 203 -9.78 -10.46 24.98
N ALA D 204 -10.86 -10.01 24.34
CA ALA D 204 -12.12 -9.77 25.06
C ALA D 204 -12.70 -11.04 25.67
N GLU D 205 -12.47 -12.17 24.99
CA GLU D 205 -12.92 -13.48 25.43
C GLU D 205 -12.11 -13.98 26.63
N CYS D 206 -10.79 -13.82 26.59
CA CYS D 206 -9.95 -14.16 27.74
C CYS D 206 -10.39 -13.35 28.96
N ARG D 207 -10.78 -12.10 28.74
CA ARG D 207 -11.31 -11.30 29.83
C ARG D 207 -12.64 -11.82 30.39
N VAL D 208 -13.50 -12.41 29.54
CA VAL D 208 -14.76 -13.00 30.08
C VAL D 208 -14.45 -14.25 30.90
N LEU D 209 -13.60 -15.12 30.35
CA LEU D 209 -13.19 -16.33 31.07
C LEU D 209 -12.51 -15.97 32.42
N GLN D 210 -11.71 -14.91 32.44
CA GLN D 210 -11.05 -14.48 33.68
C GLN D 210 -12.05 -14.00 34.73
N LYS D 211 -12.99 -13.15 34.35
CA LYS D 211 -14.02 -12.75 35.33
C LYS D 211 -15.16 -13.75 35.54
N LEU D 212 -15.25 -14.78 34.67
CA LEU D 212 -16.09 -15.93 34.97
C LEU D 212 -15.51 -16.76 36.12
N GLY D 213 -14.24 -16.54 36.43
CA GLY D 213 -13.62 -17.17 37.59
C GLY D 213 -12.69 -18.29 37.18
N ALA D 214 -12.40 -18.39 35.89
CA ALA D 214 -11.46 -19.40 35.43
C ALA D 214 -10.03 -18.97 35.59
N ASP D 215 -9.21 -19.94 35.97
CA ASP D 215 -7.79 -19.74 36.06
C ASP D 215 -7.12 -20.26 34.79
N ALA D 216 -7.75 -21.25 34.12
CA ALA D 216 -7.15 -21.81 32.90
C ALA D 216 -8.17 -22.23 31.85
N VAL D 217 -7.86 -21.96 30.59
CA VAL D 217 -8.75 -22.36 29.50
C VAL D 217 -8.15 -23.44 28.63
N GLY D 218 -8.97 -24.41 28.27
CA GLY D 218 -8.59 -25.39 27.27
C GLY D 218 -9.82 -25.84 26.50
N MET D 219 -9.71 -26.94 25.76
CA MET D 219 -10.81 -27.40 24.91
C MET D 219 -11.08 -28.90 25.09
N SER D 220 -10.90 -29.43 26.29
CA SER D 220 -11.06 -30.87 26.48
C SER D 220 -11.39 -31.22 27.93
N THR D 221 -11.11 -32.47 28.32
CA THR D 221 -11.11 -32.91 29.72
C THR D 221 -12.50 -32.99 30.38
N VAL D 222 -13.32 -31.97 30.15
CA VAL D 222 -14.54 -31.81 30.94
C VAL D 222 -15.61 -32.87 30.60
N PRO D 223 -15.82 -33.14 29.31
CA PRO D 223 -16.70 -34.23 28.94
C PRO D 223 -16.24 -35.54 29.56
N GLU D 224 -14.92 -35.79 29.56
CA GLU D 224 -14.34 -37.03 30.13
C GLU D 224 -14.63 -37.15 31.62
N VAL D 225 -14.44 -36.06 32.34
CA VAL D 225 -14.67 -36.00 33.77
C VAL D 225 -16.15 -36.22 34.06
N ILE D 226 -17.01 -35.66 33.22
CA ILE D 226 -18.46 -35.82 33.41
C ILE D 226 -18.95 -37.26 33.27
N VAL D 227 -18.53 -38.00 32.25
CA VAL D 227 -18.98 -39.41 32.20
C VAL D 227 -18.27 -40.25 33.24
N ALA D 228 -17.04 -39.87 33.57
CA ALA D 228 -16.28 -40.63 34.56
C ALA D 228 -17.09 -40.69 35.85
N ARG D 229 -17.44 -39.51 36.37
CA ARG D 229 -18.21 -39.40 37.61
C ARG D 229 -19.58 -40.06 37.48
N HIS D 230 -20.19 -39.92 36.32
CA HIS D 230 -21.47 -40.56 36.01
C HIS D 230 -21.42 -42.06 36.29
N CYS D 231 -20.35 -42.72 35.85
CA CYS D 231 -20.15 -44.13 36.13
C CYS D 231 -19.23 -44.36 37.32
N GLY D 232 -19.03 -43.30 38.09
CA GLY D 232 -18.43 -43.38 39.42
C GLY D 232 -16.96 -43.74 39.56
N LEU D 233 -16.14 -43.28 38.63
CA LEU D 233 -14.70 -43.38 38.82
C LEU D 233 -14.26 -42.18 39.67
N ARG D 234 -13.19 -42.37 40.43
CA ARG D 234 -12.56 -41.28 41.14
C ARG D 234 -11.78 -40.42 40.13
N VAL D 235 -11.92 -39.11 40.23
CA VAL D 235 -11.32 -38.22 39.23
C VAL D 235 -10.23 -37.31 39.81
N PHE D 236 -9.07 -37.36 39.17
CA PHE D 236 -8.01 -36.42 39.44
C PHE D 236 -7.61 -35.77 38.13
N GLY D 237 -7.43 -34.45 38.16
CA GLY D 237 -7.06 -33.70 36.96
C GLY D 237 -6.02 -32.65 37.17
N PHE D 238 -5.21 -32.42 36.15
CA PHE D 238 -4.27 -31.30 36.14
C PHE D 238 -3.98 -30.73 34.74
N SER D 239 -3.68 -29.43 34.73
CA SER D 239 -3.26 -28.73 33.52
C SER D 239 -1.77 -28.40 33.57
N LEU D 240 -1.10 -28.52 32.43
CA LEU D 240 0.20 -27.88 32.25
C LEU D 240 -0.09 -26.54 31.59
N ILE D 241 0.22 -25.46 32.31
CA ILE D 241 0.10 -24.12 31.78
C ILE D 241 1.23 -23.93 30.80
N THR D 242 0.87 -24.06 29.52
CA THR D 242 1.82 -24.04 28.41
C THR D 242 2.01 -22.64 27.87
N ASN D 243 1.06 -21.75 28.15
CA ASN D 243 1.10 -20.41 27.59
C ASN D 243 0.18 -19.46 28.31
N LYS D 244 0.55 -18.20 28.30
CA LYS D 244 -0.32 -17.18 28.89
C LYS D 244 -1.18 -16.55 27.80
N VAL D 245 -2.49 -16.62 27.99
CA VAL D 245 -3.40 -16.13 26.97
C VAL D 245 -3.23 -14.63 26.80
N ILE D 246 -3.35 -14.15 25.56
CA ILE D 246 -3.12 -12.74 25.29
C ILE D 246 -4.29 -11.93 25.88
N MET D 247 -3.94 -10.84 26.54
CA MET D 247 -4.85 -10.07 27.42
C MET D 247 -4.78 -8.56 27.16
N ASP D 248 -3.93 -8.13 26.22
CA ASP D 248 -3.96 -6.74 25.77
C ASP D 248 -3.75 -6.58 24.26
N TYR D 249 -4.20 -5.44 23.75
CA TYR D 249 -4.27 -5.17 22.32
C TYR D 249 -2.98 -4.67 21.69
N GLU D 250 -2.03 -4.23 22.51
CA GLU D 250 -0.76 -3.75 21.98
C GLU D 250 0.34 -4.82 21.97
N SER D 251 0.00 -6.06 22.30
CA SER D 251 0.94 -7.17 22.19
C SER D 251 0.81 -7.89 20.84
N LEU D 252 1.94 -8.29 20.29
CA LEU D 252 1.96 -9.00 19.02
C LEU D 252 2.20 -10.50 19.17
N GLU D 253 2.40 -10.96 20.40
CA GLU D 253 2.38 -12.38 20.70
C GLU D 253 1.00 -12.89 20.31
N LYS D 254 0.92 -14.14 19.88
CA LYS D 254 -0.38 -14.80 19.65
C LYS D 254 -0.32 -16.27 19.95
N ALA D 255 -1.38 -16.78 20.54
CA ALA D 255 -1.47 -18.20 20.81
C ALA D 255 -1.25 -19.00 19.52
N ASN D 256 -0.33 -19.97 19.60
CA ASN D 256 -0.15 -20.98 18.56
C ASN D 256 0.07 -22.35 19.17
N HIS D 257 -0.30 -23.40 18.44
CA HIS D 257 -0.20 -24.76 18.95
C HIS D 257 1.26 -25.21 19.11
N GLU D 258 2.15 -24.63 18.30
CA GLU D 258 3.56 -24.91 18.37
C GLU D 258 4.16 -24.60 19.76
N GLU D 259 3.86 -23.41 20.31
CA GLU D 259 4.19 -23.01 21.70
C GLU D 259 3.76 -24.06 22.72
N VAL D 260 2.54 -24.56 22.51
CA VAL D 260 1.89 -25.50 23.40
C VAL D 260 2.66 -26.82 23.45
N LEU D 261 3.10 -27.32 22.29
CA LEU D 261 3.87 -28.56 22.26
C LEU D 261 5.26 -28.41 22.89
N ALA D 262 5.93 -27.29 22.60
CA ALA D 262 7.28 -27.03 23.09
C ALA D 262 7.38 -26.96 24.62
N ALA D 263 6.29 -26.53 25.27
CA ALA D 263 6.25 -26.51 26.73
C ALA D 263 6.06 -27.90 27.33
N GLY D 264 5.26 -28.75 26.68
CA GLY D 264 5.07 -30.12 27.13
C GLY D 264 6.37 -30.91 27.05
N LYS D 265 7.17 -30.58 26.05
CA LYS D 265 8.50 -31.12 25.86
C LYS D 265 9.45 -30.62 26.93
N GLN D 266 9.33 -29.35 27.27
CA GLN D 266 10.16 -28.69 28.28
C GLN D 266 9.93 -29.26 29.68
N ALA D 267 8.69 -29.59 30.00
CA ALA D 267 8.31 -30.07 31.32
C ALA D 267 8.20 -31.59 31.41
N ALA D 268 8.69 -32.30 30.40
CA ALA D 268 8.66 -33.77 30.40
C ALA D 268 9.17 -34.34 31.73
N GLN D 269 10.40 -33.99 32.10
CA GLN D 269 10.99 -34.42 33.38
C GLN D 269 10.05 -34.14 34.56
N LYS D 270 9.71 -32.86 34.75
CA LYS D 270 8.89 -32.44 35.87
C LYS D 270 7.59 -33.23 35.99
N LEU D 271 6.89 -33.38 34.87
CA LEU D 271 5.61 -34.07 34.88
C LEU D 271 5.76 -35.54 35.24
N GLU D 272 6.83 -36.15 34.75
CA GLU D 272 7.17 -37.55 35.02
C GLU D 272 7.21 -37.82 36.52
N GLN D 273 7.89 -36.91 37.22
CA GLN D 273 8.10 -36.97 38.67
C GLN D 273 6.78 -36.87 39.43
N PHE D 274 6.07 -35.77 39.21
CA PHE D 274 4.76 -35.50 39.77
C PHE D 274 3.79 -36.69 39.67
N VAL D 275 3.62 -37.20 38.45
CA VAL D 275 2.76 -38.37 38.21
C VAL D 275 3.25 -39.59 39.00
N SER D 276 4.56 -39.81 39.00
CA SER D 276 5.17 -40.89 39.78
C SER D 276 4.74 -40.83 41.26
N ILE D 277 4.93 -39.67 41.88
CA ILE D 277 4.44 -39.39 43.24
C ILE D 277 2.92 -39.66 43.39
N LEU D 278 2.14 -39.11 42.47
CA LEU D 278 0.69 -39.31 42.43
C LEU D 278 0.29 -40.80 42.42
N MET D 279 0.99 -41.59 41.61
CA MET D 279 0.75 -43.04 41.53
C MET D 279 0.86 -43.76 42.86
N ALA D 280 1.75 -43.26 43.71
CA ALA D 280 1.96 -43.82 45.04
C ALA D 280 1.02 -43.17 46.06
N SER D 281 0.12 -42.33 45.57
CA SER D 281 -0.84 -41.64 46.42
C SER D 281 -2.27 -42.11 46.14
N ILE D 282 -2.42 -43.01 45.17
CA ILE D 282 -3.74 -43.53 44.82
C ILE D 282 -4.08 -44.71 45.76
N PRO D 283 -5.32 -44.74 46.27
CA PRO D 283 -5.75 -45.89 47.07
C PRO D 283 -5.89 -47.18 46.27
N LEU D 284 -5.98 -48.31 46.96
CA LEU D 284 -6.23 -49.60 46.33
C LEU D 284 -7.67 -50.07 46.53
N ASN E 3 -36.65 -27.52 11.44
CA ASN E 3 -37.93 -28.09 12.00
C ASN E 3 -38.47 -29.31 11.24
N GLY E 4 -38.60 -30.44 11.95
CA GLY E 4 -39.25 -31.63 11.44
C GLY E 4 -40.76 -31.50 11.25
N TYR E 5 -41.38 -30.57 11.97
CA TYR E 5 -42.84 -30.36 11.90
C TYR E 5 -43.25 -29.30 10.90
N THR E 6 -44.14 -29.68 9.99
CA THR E 6 -44.80 -28.73 9.10
C THR E 6 -45.96 -28.11 9.87
N TYR E 7 -46.51 -27.01 9.36
CA TYR E 7 -47.75 -26.43 9.89
C TYR E 7 -48.89 -27.44 9.95
N GLU E 8 -49.00 -28.31 8.95
CA GLU E 8 -50.04 -29.33 8.91
C GLU E 8 -49.92 -30.34 10.07
N ASP E 9 -48.67 -30.71 10.42
CA ASP E 9 -48.43 -31.52 11.61
C ASP E 9 -49.09 -30.90 12.83
N TYR E 10 -48.72 -29.66 13.15
CA TYR E 10 -49.32 -28.92 14.26
C TYR E 10 -50.85 -28.93 14.22
N LYS E 11 -51.42 -28.55 13.07
CA LYS E 11 -52.87 -28.51 12.87
C LYS E 11 -53.53 -29.86 13.08
N ASN E 12 -52.90 -30.91 12.54
CA ASN E 12 -53.43 -32.27 12.63
C ASN E 12 -53.52 -32.74 14.08
N THR E 13 -52.55 -32.32 14.88
CA THR E 13 -52.57 -32.55 16.33
C THR E 13 -53.70 -31.78 17.01
N ALA E 14 -53.84 -30.50 16.70
CA ALA E 14 -54.88 -29.67 17.31
C ALA E 14 -56.25 -30.18 16.91
N GLU E 15 -56.44 -30.37 15.61
CA GLU E 15 -57.68 -30.96 15.07
C GLU E 15 -57.99 -32.27 15.76
N TRP E 16 -56.97 -33.07 16.03
CA TRP E 16 -57.14 -34.33 16.73
C TRP E 16 -57.70 -34.13 18.13
N LEU E 17 -57.04 -33.30 18.92
CA LEU E 17 -57.49 -33.00 20.27
C LEU E 17 -58.89 -32.43 20.30
N LEU E 18 -59.12 -31.37 19.52
CA LEU E 18 -60.42 -30.71 19.41
C LEU E 18 -61.53 -31.69 19.04
N SER E 19 -61.17 -32.71 18.26
CA SER E 19 -62.14 -33.69 17.77
C SER E 19 -62.49 -34.71 18.84
N HIS E 20 -61.63 -34.82 19.85
CA HIS E 20 -61.75 -35.86 20.86
C HIS E 20 -62.17 -35.34 22.24
N THR E 21 -62.21 -34.01 22.39
CA THR E 21 -62.61 -33.40 23.66
C THR E 21 -63.65 -32.31 23.46
N LYS E 22 -64.64 -32.25 24.34
CA LYS E 22 -65.58 -31.13 24.39
C LYS E 22 -64.98 -29.89 25.11
N HIS E 23 -63.90 -30.07 25.87
CA HIS E 23 -63.26 -28.95 26.58
C HIS E 23 -62.60 -27.96 25.63
N ARG E 24 -62.74 -26.67 25.93
CA ARG E 24 -62.11 -25.62 25.14
C ARG E 24 -61.28 -24.70 26.03
N PRO E 25 -60.00 -25.05 26.22
CA PRO E 25 -59.13 -24.36 27.16
C PRO E 25 -58.80 -22.93 26.73
N GLN E 26 -58.80 -22.01 27.70
CA GLN E 26 -58.24 -20.70 27.47
C GLN E 26 -56.79 -20.71 27.92
N VAL E 27 -56.48 -21.56 28.90
CA VAL E 27 -55.20 -21.51 29.61
C VAL E 27 -54.47 -22.86 29.52
N ALA E 28 -53.17 -22.81 29.24
CA ALA E 28 -52.34 -24.01 29.23
C ALA E 28 -51.37 -23.93 30.39
N ILE E 29 -51.24 -25.02 31.13
CA ILE E 29 -50.37 -25.03 32.30
C ILE E 29 -49.37 -26.17 32.18
N ILE E 30 -48.09 -25.83 32.15
CA ILE E 30 -47.04 -26.85 32.05
C ILE E 30 -46.47 -27.21 33.42
N CYS E 31 -46.80 -28.42 33.88
CA CYS E 31 -46.40 -28.91 35.21
C CYS E 31 -45.02 -29.53 35.20
N GLY E 32 -44.10 -28.90 35.93
CA GLY E 32 -42.69 -29.34 36.00
C GLY E 32 -42.43 -30.44 37.01
N SER E 33 -41.14 -30.76 37.20
CA SER E 33 -40.73 -31.89 38.03
C SER E 33 -41.40 -31.96 39.41
N GLY E 34 -42.22 -33.00 39.59
CA GLY E 34 -42.87 -33.27 40.86
C GLY E 34 -44.13 -32.49 41.13
N LEU E 35 -44.44 -31.54 40.26
CA LEU E 35 -45.58 -30.64 40.45
C LEU E 35 -46.84 -31.15 39.75
N GLY E 36 -46.74 -32.33 39.13
CA GLY E 36 -47.87 -32.94 38.44
C GLY E 36 -49.17 -32.82 39.22
N GLY E 37 -49.07 -32.91 40.54
CA GLY E 37 -50.25 -32.91 41.43
C GLY E 37 -51.19 -31.73 41.30
N LEU E 38 -50.76 -30.72 40.55
CA LEU E 38 -51.59 -29.53 40.27
C LEU E 38 -52.82 -29.85 39.44
N THR E 39 -52.81 -31.00 38.79
CA THR E 39 -53.95 -31.48 37.99
C THR E 39 -55.06 -32.07 38.84
N ASP E 40 -54.99 -31.91 40.15
CA ASP E 40 -55.93 -32.63 41.03
C ASP E 40 -57.25 -31.91 41.31
N LYS E 41 -57.21 -30.58 41.38
CA LYS E 41 -58.44 -29.80 41.55
C LYS E 41 -59.17 -29.45 40.25
N LEU E 42 -58.72 -30.04 39.14
CA LEU E 42 -59.45 -29.97 37.87
C LEU E 42 -60.78 -30.70 37.98
N THR E 43 -61.87 -29.97 37.72
CA THR E 43 -63.22 -30.55 37.71
C THR E 43 -63.55 -31.04 36.31
N GLN E 44 -64.28 -32.16 36.24
CA GLN E 44 -64.68 -32.82 34.99
C GLN E 44 -63.49 -33.10 34.08
N ALA E 45 -62.40 -33.58 34.67
CA ALA E 45 -61.15 -33.82 33.94
C ALA E 45 -61.28 -34.81 32.77
N GLN E 46 -60.62 -34.51 31.65
CA GLN E 46 -60.40 -35.50 30.60
C GLN E 46 -58.91 -35.76 30.40
N ILE E 47 -58.54 -37.05 30.38
CA ILE E 47 -57.15 -37.46 30.38
C ILE E 47 -56.70 -38.12 29.09
N PHE E 48 -55.69 -37.51 28.47
CA PHE E 48 -54.96 -38.08 27.35
C PHE E 48 -53.52 -38.39 27.76
N ASP E 49 -53.14 -39.65 27.62
CA ASP E 49 -51.74 -40.05 27.63
C ASP E 49 -51.08 -39.47 26.37
N TYR E 50 -49.84 -38.98 26.50
CA TYR E 50 -49.14 -38.41 25.35
C TYR E 50 -49.05 -39.40 24.17
N SER E 51 -48.87 -40.67 24.48
CA SER E 51 -48.83 -41.73 23.48
C SER E 51 -50.04 -41.69 22.52
N GLU E 52 -51.23 -41.40 23.06
CA GLU E 52 -52.47 -41.27 22.25
C GLU E 52 -52.40 -40.12 21.23
N ILE E 53 -51.72 -39.03 21.58
CA ILE E 53 -51.74 -37.81 20.76
C ILE E 53 -50.68 -37.80 19.65
N PRO E 54 -51.12 -37.70 18.38
CA PRO E 54 -50.22 -37.64 17.22
C PRO E 54 -49.06 -36.68 17.42
N ASN E 55 -47.88 -37.09 16.97
CA ASN E 55 -46.69 -36.23 16.94
C ASN E 55 -46.18 -35.76 18.32
N PHE E 56 -46.81 -36.25 19.39
CA PHE E 56 -46.41 -35.93 20.75
C PHE E 56 -45.23 -36.76 21.22
N PRO E 57 -44.22 -36.08 21.82
CA PRO E 57 -43.06 -36.73 22.46
C PRO E 57 -43.50 -37.42 23.74
N ARG E 58 -42.61 -38.23 24.32
CA ARG E 58 -42.86 -38.84 25.64
C ARG E 58 -42.08 -38.18 26.81
N SER E 59 -42.61 -38.35 28.02
CA SER E 59 -41.94 -37.92 29.25
C SER E 59 -41.20 -39.12 29.83
N THR E 60 -39.87 -39.10 29.73
CA THR E 60 -39.02 -40.16 30.24
C THR E 60 -38.49 -39.86 31.64
N VAL E 61 -38.31 -38.58 31.96
CA VAL E 61 -37.78 -38.21 33.30
C VAL E 61 -38.82 -38.34 34.41
N PRO E 62 -38.44 -38.97 35.54
CA PRO E 62 -39.29 -38.92 36.73
C PRO E 62 -39.12 -37.57 37.44
N GLY E 63 -40.17 -37.01 38.05
CA GLY E 63 -41.54 -37.52 38.01
C GLY E 63 -42.37 -36.63 37.09
N HIS E 64 -42.39 -36.99 35.82
CA HIS E 64 -43.26 -36.38 34.84
C HIS E 64 -44.15 -37.52 34.35
N ALA E 65 -45.43 -37.47 34.73
CA ALA E 65 -46.36 -38.57 34.47
C ALA E 65 -46.53 -38.86 32.97
N GLY E 66 -46.59 -37.80 32.16
CA GLY E 66 -46.73 -37.91 30.71
C GLY E 66 -48.18 -37.92 30.24
N ARG E 67 -48.99 -37.02 30.80
CA ARG E 67 -50.42 -36.91 30.47
C ARG E 67 -50.81 -35.45 30.15
N LEU E 68 -51.75 -35.31 29.22
CA LEU E 68 -52.40 -34.03 28.99
C LEU E 68 -53.82 -34.14 29.53
N VAL E 69 -54.19 -33.20 30.38
CA VAL E 69 -55.48 -33.29 31.07
C VAL E 69 -56.26 -32.00 30.87
N PHE E 70 -57.46 -32.11 30.31
CA PHE E 70 -58.36 -30.97 30.11
C PHE E 70 -59.35 -30.88 31.27
N GLY E 71 -59.90 -29.69 31.49
CA GLY E 71 -60.85 -29.47 32.58
C GLY E 71 -60.91 -28.06 33.10
N PHE E 72 -61.62 -27.88 34.20
CA PHE E 72 -61.83 -26.53 34.75
C PHE E 72 -61.09 -26.40 36.07
N LEU E 73 -60.24 -25.38 36.16
CA LEU E 73 -59.58 -25.10 37.43
C LEU E 73 -60.14 -23.82 38.02
N ASN E 74 -60.97 -24.00 39.04
CA ASN E 74 -61.66 -22.90 39.74
C ASN E 74 -62.64 -22.19 38.79
N GLY E 75 -63.17 -22.96 37.85
CA GLY E 75 -64.08 -22.45 36.84
C GLY E 75 -63.41 -22.23 35.50
N ARG E 76 -62.09 -22.00 35.50
CA ARG E 76 -61.35 -21.66 34.27
C ARG E 76 -61.00 -22.86 33.39
N ALA E 77 -61.32 -22.74 32.11
CA ALA E 77 -61.12 -23.81 31.13
C ALA E 77 -59.64 -24.00 30.85
N CYS E 78 -59.11 -25.17 31.21
CA CYS E 78 -57.68 -25.45 31.16
C CYS E 78 -57.30 -26.72 30.47
N VAL E 79 -56.09 -26.70 29.90
CA VAL E 79 -55.37 -27.89 29.49
C VAL E 79 -54.03 -27.91 30.21
N MET E 80 -53.75 -29.01 30.93
CA MET E 80 -52.49 -29.11 31.67
C MET E 80 -51.55 -30.16 31.12
N MET E 81 -50.28 -29.79 31.00
CA MET E 81 -49.23 -30.73 30.65
C MET E 81 -48.68 -31.36 31.91
N GLN E 82 -49.24 -32.51 32.31
CA GLN E 82 -48.71 -33.26 33.46
C GLN E 82 -47.40 -33.93 33.03
N GLY E 83 -46.32 -33.16 33.12
CA GLY E 83 -45.01 -33.58 32.63
C GLY E 83 -44.63 -32.84 31.36
N ARG E 84 -43.34 -32.54 31.23
CA ARG E 84 -42.85 -31.77 30.10
C ARG E 84 -41.69 -32.48 29.45
N PHE E 85 -40.97 -31.74 28.60
CA PHE E 85 -39.89 -32.30 27.83
C PHE E 85 -38.65 -31.47 27.99
N HIS E 86 -37.52 -32.14 27.98
CA HIS E 86 -36.25 -31.45 28.18
C HIS E 86 -35.29 -31.76 27.06
N MET E 87 -34.41 -30.81 26.76
CA MET E 87 -33.41 -30.96 25.73
C MET E 87 -32.48 -32.12 26.03
N TYR E 88 -32.15 -32.25 27.33
CA TYR E 88 -31.20 -33.25 27.78
C TYR E 88 -31.74 -34.68 27.58
N GLU E 89 -33.05 -34.79 27.37
CA GLU E 89 -33.67 -36.07 27.09
C GLU E 89 -33.29 -36.56 25.71
N GLY E 90 -32.86 -35.63 24.87
CA GLY E 90 -32.43 -35.92 23.49
C GLY E 90 -33.16 -35.13 22.43
N TYR E 91 -34.40 -34.72 22.73
CA TYR E 91 -35.26 -33.99 21.80
C TYR E 91 -34.69 -32.63 21.41
N PRO E 92 -34.96 -32.19 20.16
CA PRO E 92 -34.66 -30.81 19.80
C PRO E 92 -35.73 -29.89 20.38
N LEU E 93 -35.40 -28.60 20.51
CA LEU E 93 -36.32 -27.61 21.04
C LEU E 93 -37.63 -27.48 20.26
N TRP E 94 -37.61 -27.84 18.98
CA TRP E 94 -38.84 -27.85 18.20
C TRP E 94 -39.72 -29.03 18.57
N LYS E 95 -39.13 -30.03 19.25
CA LYS E 95 -39.92 -31.12 19.82
C LYS E 95 -40.33 -30.77 21.24
N VAL E 96 -39.39 -30.25 22.00
CA VAL E 96 -39.65 -29.75 23.35
C VAL E 96 -40.82 -28.75 23.40
N THR E 97 -40.95 -27.92 22.38
CA THR E 97 -41.97 -26.85 22.42
C THR E 97 -43.14 -27.12 21.51
N PHE E 98 -43.15 -28.31 20.93
CA PHE E 98 -44.21 -28.71 20.03
C PHE E 98 -45.60 -28.41 20.60
N PRO E 99 -45.84 -28.73 21.89
CA PRO E 99 -47.21 -28.53 22.39
C PRO E 99 -47.65 -27.08 22.49
N VAL E 100 -46.72 -26.14 22.69
CA VAL E 100 -47.10 -24.73 22.82
C VAL E 100 -47.78 -24.20 21.54
N ARG E 101 -47.25 -24.57 20.37
CA ARG E 101 -47.91 -24.27 19.09
C ARG E 101 -49.30 -24.91 19.02
N VAL E 102 -49.43 -26.17 19.46
CA VAL E 102 -50.75 -26.79 19.41
C VAL E 102 -51.71 -26.14 20.37
N PHE E 103 -51.21 -25.71 21.53
CA PHE E 103 -52.05 -24.96 22.47
C PHE E 103 -52.59 -23.69 21.84
N HIS E 104 -51.73 -22.94 21.16
CA HIS E 104 -52.18 -21.78 20.37
C HIS E 104 -53.34 -22.15 19.43
N LEU E 105 -53.15 -23.20 18.62
CA LEU E 105 -54.18 -23.67 17.67
C LEU E 105 -55.49 -24.15 18.31
N LEU E 106 -55.44 -24.44 19.60
CA LEU E 106 -56.62 -24.80 20.39
C LEU E 106 -57.39 -23.56 20.82
N GLY E 107 -56.75 -22.40 20.72
CA GLY E 107 -57.35 -21.15 21.20
C GLY E 107 -56.83 -20.68 22.55
N VAL E 108 -56.04 -21.54 23.21
CA VAL E 108 -55.37 -21.18 24.44
C VAL E 108 -54.69 -19.81 24.27
N ASP E 109 -54.97 -18.86 25.15
CA ASP E 109 -54.39 -17.52 25.01
C ASP E 109 -53.40 -17.18 26.11
N THR E 110 -53.38 -18.01 27.15
CA THR E 110 -52.44 -17.80 28.24
C THR E 110 -51.66 -19.10 28.52
N LEU E 111 -50.35 -18.92 28.74
CA LEU E 111 -49.47 -19.98 29.24
C LEU E 111 -48.93 -19.75 30.64
N VAL E 112 -49.29 -20.63 31.57
CA VAL E 112 -48.56 -20.72 32.83
C VAL E 112 -47.57 -21.88 32.83
N VAL E 113 -46.29 -21.53 32.98
CA VAL E 113 -45.21 -22.49 33.02
C VAL E 113 -44.64 -22.55 34.42
N THR E 114 -44.53 -23.77 34.95
CA THR E 114 -44.04 -23.98 36.30
C THR E 114 -42.82 -24.85 36.21
N ASN E 115 -41.89 -24.64 37.12
CA ASN E 115 -40.73 -25.52 37.19
C ASN E 115 -40.16 -25.70 38.59
N ALA E 116 -39.28 -26.70 38.71
CA ALA E 116 -38.42 -26.88 39.84
C ALA E 116 -37.16 -26.16 39.45
N ALA E 117 -36.47 -25.60 40.45
CA ALA E 117 -35.22 -24.90 40.20
C ALA E 117 -34.30 -24.92 41.42
N GLY E 118 -32.99 -24.94 41.17
CA GLY E 118 -32.03 -24.73 42.22
C GLY E 118 -31.95 -23.24 42.54
N GLY E 119 -32.03 -22.91 43.81
CA GLY E 119 -31.90 -21.54 44.25
C GLY E 119 -30.48 -21.06 44.15
N LEU E 120 -30.29 -19.94 43.48
CA LEU E 120 -28.98 -19.33 43.42
C LEU E 120 -28.93 -18.20 44.44
N ASN E 121 -30.06 -17.51 44.59
CA ASN E 121 -30.14 -16.35 45.48
C ASN E 121 -29.99 -16.80 46.93
N PRO E 122 -29.01 -16.23 47.64
CA PRO E 122 -28.81 -16.47 49.06
C PRO E 122 -30.13 -16.41 49.84
N LYS E 123 -30.96 -15.40 49.58
CA LYS E 123 -32.16 -15.13 50.38
C LYS E 123 -33.23 -16.22 50.37
N PHE E 124 -33.36 -16.93 49.25
CA PHE E 124 -34.36 -17.98 49.08
C PHE E 124 -34.09 -19.19 49.99
N GLU E 125 -35.15 -19.90 50.40
CA GLU E 125 -34.98 -21.18 51.09
C GLU E 125 -35.75 -22.24 50.32
N VAL E 126 -35.65 -23.50 50.72
CA VAL E 126 -36.42 -24.55 50.05
C VAL E 126 -37.90 -24.44 50.41
N GLY E 127 -38.75 -24.56 49.39
CA GLY E 127 -40.19 -24.38 49.57
C GLY E 127 -40.70 -23.04 49.09
N ASP E 128 -39.79 -22.12 48.76
CA ASP E 128 -40.21 -20.79 48.33
C ASP E 128 -40.71 -20.85 46.90
N ILE E 129 -41.71 -20.04 46.62
CA ILE E 129 -42.16 -19.85 45.25
C ILE E 129 -41.61 -18.53 44.73
N MET E 130 -40.84 -18.61 43.65
CA MET E 130 -40.33 -17.41 43.01
C MET E 130 -41.08 -17.16 41.71
N LEU E 131 -41.66 -15.96 41.60
CA LEU E 131 -42.21 -15.50 40.33
C LEU E 131 -41.09 -15.30 39.34
N ILE E 132 -41.31 -15.77 38.13
CA ILE E 132 -40.37 -15.51 37.05
C ILE E 132 -40.68 -14.18 36.39
N ARG E 133 -39.80 -13.22 36.60
CA ARG E 133 -39.91 -11.92 35.99
C ARG E 133 -39.19 -11.93 34.65
N ASP E 134 -38.11 -12.69 34.57
CA ASP E 134 -37.19 -12.60 33.47
C ASP E 134 -36.32 -13.85 33.48
N HIS E 135 -35.69 -14.15 32.36
CA HIS E 135 -34.82 -15.30 32.28
C HIS E 135 -33.54 -14.98 31.50
N ILE E 136 -32.60 -15.92 31.55
CA ILE E 136 -31.36 -15.82 30.81
C ILE E 136 -31.23 -17.11 30.02
N ASN E 137 -31.23 -16.96 28.70
CA ASN E 137 -31.28 -18.09 27.79
C ASN E 137 -29.88 -18.40 27.26
N LEU E 138 -29.12 -19.14 28.08
CA LEU E 138 -27.75 -19.53 27.75
C LEU E 138 -27.69 -20.41 26.53
N PRO E 139 -28.50 -21.50 26.48
CA PRO E 139 -28.51 -22.29 25.27
C PRO E 139 -28.93 -21.48 24.05
N GLY E 140 -29.74 -20.44 24.26
CA GLY E 140 -30.12 -19.53 23.19
C GLY E 140 -28.93 -18.73 22.67
N PHE E 141 -28.03 -18.31 23.55
CA PHE E 141 -26.87 -17.51 23.13
C PHE E 141 -26.04 -18.27 22.11
N SER E 142 -25.83 -19.54 22.38
CA SER E 142 -25.02 -20.36 21.52
C SER E 142 -25.75 -20.93 20.29
N GLY E 143 -27.07 -20.75 20.20
CA GLY E 143 -27.79 -21.16 19.00
C GLY E 143 -28.94 -22.16 19.18
N GLN E 144 -29.10 -22.64 20.41
CA GLN E 144 -30.21 -23.52 20.74
C GLN E 144 -31.47 -22.72 21.12
N ASN E 145 -32.21 -22.36 20.08
CA ASN E 145 -33.42 -21.59 20.22
C ASN E 145 -34.48 -22.17 19.28
N PRO E 146 -35.66 -22.52 19.82
CA PRO E 146 -36.75 -23.26 19.13
C PRO E 146 -37.33 -22.52 17.93
N LEU E 147 -36.79 -21.34 17.67
CA LEU E 147 -37.26 -20.46 16.62
C LEU E 147 -36.22 -20.39 15.52
N ARG E 148 -35.07 -21.03 15.77
CA ARG E 148 -34.13 -21.30 14.72
C ARG E 148 -34.79 -22.04 13.53
N GLY E 149 -34.39 -21.66 12.32
CA GLY E 149 -34.98 -22.15 11.08
C GLY E 149 -35.93 -21.14 10.46
N PRO E 150 -36.52 -21.50 9.31
CA PRO E 150 -37.55 -20.74 8.62
C PRO E 150 -38.67 -20.33 9.57
N ASN E 151 -39.14 -19.10 9.44
CA ASN E 151 -40.20 -18.60 10.30
C ASN E 151 -41.56 -18.66 9.62
N ASP E 152 -42.56 -19.17 10.34
CA ASP E 152 -43.90 -19.26 9.75
C ASP E 152 -44.75 -18.13 10.29
N GLU E 153 -45.08 -17.19 9.43
CA GLU E 153 -45.80 -15.98 9.84
C GLU E 153 -47.22 -16.29 10.35
N ARG E 154 -47.70 -17.51 10.13
CA ARG E 154 -48.98 -17.93 10.69
C ARG E 154 -48.88 -18.05 12.21
N PHE E 155 -47.68 -18.36 12.71
CA PHE E 155 -47.41 -18.37 14.15
C PHE E 155 -46.94 -16.98 14.65
N GLY E 156 -45.93 -16.41 14.02
CA GLY E 156 -45.49 -15.07 14.40
C GLY E 156 -44.34 -14.45 13.63
N ASP E 157 -43.66 -13.51 14.27
CA ASP E 157 -42.59 -12.73 13.64
C ASP E 157 -41.25 -13.44 13.52
N ARG E 158 -40.46 -13.04 12.53
CA ARG E 158 -39.09 -13.51 12.40
C ARG E 158 -38.22 -13.13 13.61
N PHE E 159 -38.42 -11.94 14.16
CA PHE E 159 -37.61 -11.46 15.26
C PHE E 159 -38.47 -10.92 16.40
N PRO E 160 -39.13 -11.79 17.17
CA PRO E 160 -39.94 -11.23 18.25
C PRO E 160 -39.07 -10.79 19.43
N ALA E 161 -39.51 -9.76 20.14
CA ALA E 161 -38.80 -9.28 21.32
C ALA E 161 -39.15 -10.17 22.49
N MET E 162 -38.18 -10.46 23.36
CA MET E 162 -38.42 -11.20 24.61
C MET E 162 -38.44 -10.36 25.90
N SER E 163 -38.03 -9.09 25.82
CA SER E 163 -37.91 -8.25 27.04
C SER E 163 -39.22 -8.07 27.83
N ASP E 164 -40.36 -8.12 27.13
CA ASP E 164 -41.67 -8.08 27.79
C ASP E 164 -42.28 -9.47 27.92
N ALA E 165 -41.44 -10.51 28.01
CA ALA E 165 -41.92 -11.91 27.96
C ALA E 165 -42.89 -12.35 29.08
N TYR E 166 -42.67 -11.86 30.30
CA TYR E 166 -43.49 -12.28 31.46
C TYR E 166 -44.46 -11.18 31.85
N ASP E 167 -45.76 -11.47 31.73
CA ASP E 167 -46.79 -10.46 31.94
C ASP E 167 -46.58 -9.66 33.21
N ARG E 168 -46.41 -8.36 33.06
CA ARG E 168 -46.21 -7.48 34.22
C ARG E 168 -47.43 -7.39 35.12
N THR E 169 -48.62 -7.36 34.51
CA THR E 169 -49.85 -7.26 35.27
C THR E 169 -50.08 -8.53 36.09
N MET E 170 -50.01 -9.71 35.44
CA MET E 170 -50.19 -10.98 36.16
C MET E 170 -49.26 -11.07 37.36
N ARG E 171 -47.97 -10.77 37.14
CA ARG E 171 -46.97 -10.70 38.21
C ARG E 171 -47.37 -9.73 39.31
N GLN E 172 -47.73 -8.49 38.94
CA GLN E 172 -48.23 -7.50 39.90
C GLN E 172 -49.49 -7.94 40.63
N ARG E 173 -50.25 -8.84 40.02
CA ARG E 173 -51.50 -9.27 40.61
C ARG E 173 -51.28 -10.44 41.56
N ALA E 174 -50.32 -11.30 41.25
CA ALA E 174 -49.98 -12.42 42.12
C ALA E 174 -49.29 -11.94 43.40
N LEU E 175 -48.56 -10.83 43.30
CA LEU E 175 -47.98 -10.16 44.47
C LEU E 175 -49.08 -9.64 45.41
N SER E 176 -50.01 -8.85 44.86
CA SER E 176 -51.20 -8.39 45.58
C SER E 176 -51.93 -9.51 46.33
N THR E 177 -52.22 -10.60 45.61
CA THR E 177 -53.09 -11.66 46.12
C THR E 177 -52.39 -12.66 47.02
N TRP E 178 -51.07 -12.50 47.20
CA TRP E 178 -50.29 -13.45 48.00
C TRP E 178 -50.73 -13.55 49.46
N LYS E 179 -51.08 -12.41 50.06
CA LYS E 179 -51.54 -12.36 51.45
C LYS E 179 -52.67 -13.34 51.78
N GLN E 180 -53.52 -13.63 50.78
CA GLN E 180 -54.62 -14.60 50.90
C GLN E 180 -54.14 -16.04 51.13
N MET E 181 -52.88 -16.31 50.78
CA MET E 181 -52.31 -17.66 50.90
C MET E 181 -52.13 -18.09 52.35
N GLY E 182 -51.92 -17.11 53.23
CA GLY E 182 -51.68 -17.35 54.66
C GLY E 182 -50.33 -17.99 54.91
N GLU E 183 -49.31 -17.49 54.21
CA GLU E 183 -47.98 -18.09 54.26
C GLU E 183 -46.95 -17.22 54.97
N GLN E 184 -46.21 -17.87 55.87
CA GLN E 184 -45.15 -17.22 56.64
C GLN E 184 -44.03 -16.63 55.75
N ARG E 185 -43.74 -17.31 54.63
CA ARG E 185 -42.72 -16.86 53.68
C ARG E 185 -43.29 -15.90 52.66
N GLU E 186 -42.42 -15.10 52.04
CA GLU E 186 -42.86 -14.14 51.03
C GLU E 186 -42.71 -14.66 49.61
N LEU E 187 -43.56 -14.18 48.72
CA LEU E 187 -43.45 -14.54 47.32
C LEU E 187 -42.27 -13.79 46.71
N GLN E 188 -41.29 -14.57 46.27
CA GLN E 188 -40.08 -14.05 45.63
C GLN E 188 -40.31 -13.70 44.17
N GLU E 189 -39.53 -12.76 43.68
CA GLU E 189 -39.45 -12.48 42.25
C GLU E 189 -37.98 -12.61 41.85
N GLY E 190 -37.70 -12.91 40.60
CA GLY E 190 -36.31 -13.10 40.18
C GLY E 190 -36.10 -13.63 38.77
N THR E 191 -34.85 -13.94 38.46
CA THR E 191 -34.44 -14.38 37.15
C THR E 191 -34.09 -15.86 37.15
N TYR E 192 -34.64 -16.56 36.17
CA TYR E 192 -34.42 -17.98 36.03
C TYR E 192 -33.41 -18.07 34.94
N VAL E 193 -32.28 -18.68 35.25
CA VAL E 193 -31.33 -19.00 34.20
C VAL E 193 -31.53 -20.45 33.73
N MET E 194 -31.59 -20.63 32.42
CA MET E 194 -31.66 -21.98 31.89
C MET E 194 -30.29 -22.47 31.50
N VAL E 195 -30.02 -23.71 31.90
CA VAL E 195 -28.85 -24.49 31.50
C VAL E 195 -29.36 -25.85 30.97
N ALA E 196 -28.57 -26.54 30.13
CA ALA E 196 -29.06 -27.75 29.45
C ALA E 196 -29.10 -28.99 30.31
N GLY E 197 -28.08 -29.16 31.16
CA GLY E 197 -27.90 -30.38 31.96
C GLY E 197 -27.39 -31.52 31.09
N PRO E 198 -27.68 -32.79 31.44
CA PRO E 198 -28.46 -33.26 32.57
C PRO E 198 -27.70 -33.26 33.88
N SER E 199 -26.37 -33.11 33.85
CA SER E 199 -25.63 -33.17 35.11
C SER E 199 -25.89 -31.88 35.89
N PHE E 200 -25.74 -31.95 37.19
CA PHE E 200 -25.88 -30.74 38.00
C PHE E 200 -24.64 -29.87 37.89
N GLU E 201 -24.83 -28.61 38.28
CA GLU E 201 -23.82 -27.56 38.17
C GLU E 201 -22.72 -27.73 39.21
N THR E 202 -21.50 -27.38 38.82
CA THR E 202 -20.40 -27.31 39.76
C THR E 202 -20.52 -26.05 40.59
N VAL E 203 -19.78 -26.00 41.69
CA VAL E 203 -19.66 -24.77 42.50
C VAL E 203 -19.25 -23.57 41.62
N ALA E 204 -18.20 -23.77 40.82
CA ALA E 204 -17.69 -22.74 39.93
C ALA E 204 -18.78 -22.23 38.99
N GLU E 205 -19.54 -23.18 38.44
CA GLU E 205 -20.62 -22.86 37.53
C GLU E 205 -21.73 -22.12 38.24
N CYS E 206 -22.13 -22.62 39.39
CA CYS E 206 -23.08 -21.90 40.24
C CYS E 206 -22.65 -20.47 40.56
N ARG E 207 -21.38 -20.25 40.83
CA ARG E 207 -20.90 -18.89 41.03
C ARG E 207 -20.99 -18.01 39.79
N VAL E 208 -20.80 -18.57 38.58
CA VAL E 208 -20.99 -17.75 37.38
C VAL E 208 -22.45 -17.31 37.19
N LEU E 209 -23.37 -18.27 37.27
CA LEU E 209 -24.80 -18.00 37.22
C LEU E 209 -25.20 -16.90 38.24
N GLN E 210 -24.71 -17.03 39.45
CA GLN E 210 -25.00 -16.04 40.48
C GLN E 210 -24.54 -14.62 40.07
N LYS E 211 -23.31 -14.48 39.59
CA LYS E 211 -22.83 -13.14 39.21
C LYS E 211 -23.29 -12.69 37.83
N LEU E 212 -24.00 -13.57 37.11
CA LEU E 212 -24.78 -13.17 35.96
C LEU E 212 -26.10 -12.50 36.36
N GLY E 213 -26.40 -12.48 37.65
CA GLY E 213 -27.66 -11.93 38.13
C GLY E 213 -28.82 -12.91 38.11
N ALA E 214 -28.53 -14.21 37.96
CA ALA E 214 -29.57 -15.23 38.03
C ALA E 214 -29.95 -15.58 39.48
N ASP E 215 -31.24 -15.69 39.72
CA ASP E 215 -31.77 -15.98 41.04
C ASP E 215 -32.11 -17.46 41.22
N ALA E 216 -32.20 -18.20 40.12
CA ALA E 216 -32.60 -19.60 40.15
C ALA E 216 -32.15 -20.30 38.88
N VAL E 217 -31.83 -21.58 38.97
CA VAL E 217 -31.35 -22.29 37.80
C VAL E 217 -32.19 -23.49 37.53
N GLY E 218 -32.34 -23.82 36.25
CA GLY E 218 -32.97 -25.07 35.84
C GLY E 218 -32.69 -25.39 34.39
N MET E 219 -33.32 -26.48 33.94
CA MET E 219 -32.99 -27.06 32.65
C MET E 219 -34.15 -27.09 31.65
N SER E 220 -35.20 -26.31 31.92
CA SER E 220 -36.41 -26.31 31.07
C SER E 220 -36.99 -24.92 30.89
N THR E 221 -38.22 -24.86 30.39
CA THR E 221 -39.12 -23.70 30.54
C THR E 221 -38.98 -22.54 29.54
N VAL E 222 -37.76 -22.01 29.40
CA VAL E 222 -37.48 -20.84 28.56
C VAL E 222 -37.89 -21.03 27.10
N PRO E 223 -37.46 -22.16 26.46
CA PRO E 223 -37.94 -22.49 25.10
C PRO E 223 -39.46 -22.43 24.93
N GLU E 224 -40.19 -22.96 25.91
CA GLU E 224 -41.65 -22.94 25.88
C GLU E 224 -42.19 -21.50 25.98
N VAL E 225 -41.56 -20.67 26.83
CA VAL E 225 -41.88 -19.25 26.91
C VAL E 225 -41.62 -18.59 25.60
N ILE E 226 -40.49 -18.93 25.00
CA ILE E 226 -40.06 -18.31 23.75
C ILE E 226 -41.06 -18.55 22.61
N VAL E 227 -41.49 -19.81 22.39
CA VAL E 227 -42.50 -20.03 21.35
C VAL E 227 -43.88 -19.51 21.73
N ALA E 228 -44.14 -19.32 23.02
CA ALA E 228 -45.46 -18.82 23.42
C ALA E 228 -45.62 -17.35 23.07
N ARG E 229 -44.57 -16.56 23.35
CA ARG E 229 -44.53 -15.15 23.01
C ARG E 229 -44.49 -14.92 21.51
N HIS E 230 -43.78 -15.80 20.79
CA HIS E 230 -43.81 -15.82 19.32
C HIS E 230 -45.22 -15.93 18.75
N CYS E 231 -46.11 -16.64 19.42
CA CYS E 231 -47.46 -16.75 18.86
C CYS E 231 -48.52 -15.98 19.66
N GLY E 232 -48.02 -15.09 20.51
CA GLY E 232 -48.85 -14.03 21.09
C GLY E 232 -49.55 -14.39 22.38
N LEU E 233 -49.28 -15.58 22.90
CA LEU E 233 -49.80 -15.99 24.22
C LEU E 233 -49.13 -15.17 25.32
N ARG E 234 -49.94 -14.70 26.26
CA ARG E 234 -49.45 -14.03 27.46
C ARG E 234 -48.86 -15.10 28.37
N VAL E 235 -47.70 -14.82 28.96
CA VAL E 235 -46.96 -15.83 29.72
C VAL E 235 -46.82 -15.46 31.20
N PHE E 236 -47.02 -16.45 32.05
CA PHE E 236 -46.78 -16.34 33.48
C PHE E 236 -46.00 -17.58 33.92
N GLY E 237 -44.93 -17.37 34.67
CA GLY E 237 -44.12 -18.49 35.15
C GLY E 237 -43.77 -18.36 36.60
N PHE E 238 -43.54 -19.49 37.26
CA PHE E 238 -42.92 -19.48 38.58
C PHE E 238 -42.11 -20.74 38.82
N SER E 239 -41.06 -20.61 39.61
CA SER E 239 -40.25 -21.74 40.00
C SER E 239 -40.61 -22.17 41.41
N LEU E 240 -40.49 -23.47 41.66
CA LEU E 240 -40.42 -23.94 43.03
C LEU E 240 -38.96 -24.18 43.35
N ILE E 241 -38.45 -23.42 44.33
CA ILE E 241 -37.07 -23.59 44.80
C ILE E 241 -36.99 -24.87 45.62
N THR E 242 -36.54 -25.93 44.96
CA THR E 242 -36.51 -27.27 45.55
C THR E 242 -35.23 -27.56 46.34
N ASN E 243 -34.18 -26.79 46.05
CA ASN E 243 -32.90 -26.91 46.74
C ASN E 243 -32.05 -25.64 46.54
N LYS E 244 -31.10 -25.43 47.45
CA LYS E 244 -30.13 -24.37 47.28
C LYS E 244 -28.84 -25.00 46.79
N VAL E 245 -28.43 -24.59 45.60
CA VAL E 245 -27.30 -25.19 44.90
C VAL E 245 -26.01 -24.98 45.69
N ILE E 246 -25.12 -25.96 45.61
CA ILE E 246 -23.88 -25.94 46.40
C ILE E 246 -22.97 -24.78 46.00
N MET E 247 -22.67 -23.91 46.97
CA MET E 247 -21.92 -22.67 46.71
C MET E 247 -20.47 -22.67 47.19
N ASP E 248 -20.12 -23.65 48.03
CA ASP E 248 -18.75 -23.77 48.57
C ASP E 248 -18.13 -25.16 48.37
N TYR E 249 -16.80 -25.24 48.51
CA TYR E 249 -16.08 -26.50 48.30
C TYR E 249 -16.00 -27.45 49.52
N GLU E 250 -16.46 -26.99 50.68
CA GLU E 250 -16.43 -27.78 51.92
C GLU E 250 -17.73 -28.52 52.24
N SER E 251 -18.81 -28.14 51.58
CA SER E 251 -20.06 -28.88 51.75
C SER E 251 -19.94 -30.31 51.20
N LEU E 252 -20.67 -31.22 51.85
CA LEU E 252 -20.69 -32.62 51.45
C LEU E 252 -22.06 -32.94 50.85
N GLU E 253 -22.92 -31.93 50.84
CA GLU E 253 -24.24 -32.03 50.23
C GLU E 253 -24.09 -31.99 48.71
N LYS E 254 -24.98 -32.71 48.03
CA LYS E 254 -24.99 -32.80 46.58
C LYS E 254 -26.41 -32.52 46.11
N ALA E 255 -26.55 -31.79 45.02
CA ALA E 255 -27.85 -31.71 44.37
C ALA E 255 -28.21 -33.12 43.87
N ASN E 256 -29.48 -33.48 44.01
CA ASN E 256 -29.97 -34.78 43.55
C ASN E 256 -31.47 -34.71 43.25
N HIS E 257 -31.91 -35.48 42.25
CA HIS E 257 -33.30 -35.39 41.78
C HIS E 257 -34.31 -35.88 42.81
N GLU E 258 -33.93 -36.93 43.55
CA GLU E 258 -34.80 -37.51 44.55
C GLU E 258 -35.28 -36.41 45.51
N GLU E 259 -34.34 -35.59 45.97
CA GLU E 259 -34.62 -34.47 46.86
C GLU E 259 -35.55 -33.43 46.23
N VAL E 260 -35.29 -33.13 44.96
CA VAL E 260 -36.09 -32.16 44.19
C VAL E 260 -37.56 -32.56 44.13
N LEU E 261 -37.82 -33.85 43.88
CA LEU E 261 -39.18 -34.42 43.88
C LEU E 261 -39.87 -34.35 45.24
N ALA E 262 -39.10 -34.58 46.30
CA ALA E 262 -39.61 -34.53 47.65
C ALA E 262 -40.20 -33.14 47.93
N ALA E 263 -39.41 -32.11 47.64
CA ALA E 263 -39.81 -30.73 47.90
C ALA E 263 -41.13 -30.38 47.23
N GLY E 264 -41.38 -30.97 46.07
CA GLY E 264 -42.61 -30.74 45.31
C GLY E 264 -43.78 -31.35 46.05
N LYS E 265 -43.68 -32.64 46.31
CA LYS E 265 -44.65 -33.35 47.14
C LYS E 265 -44.92 -32.55 48.42
N GLN E 266 -43.86 -31.96 48.98
CA GLN E 266 -43.96 -31.16 50.19
C GLN E 266 -44.78 -29.88 50.00
N ALA E 267 -44.65 -29.26 48.82
CA ALA E 267 -45.32 -27.98 48.55
C ALA E 267 -46.62 -28.10 47.74
N ALA E 268 -47.00 -29.34 47.39
CA ALA E 268 -48.14 -29.63 46.49
C ALA E 268 -49.40 -28.81 46.77
N GLN E 269 -49.79 -28.77 48.04
CA GLN E 269 -51.01 -28.12 48.49
C GLN E 269 -50.92 -26.59 48.45
N LYS E 270 -49.73 -26.05 48.72
CA LYS E 270 -49.49 -24.61 48.64
C LYS E 270 -49.53 -24.12 47.18
N LEU E 271 -48.86 -24.84 46.29
CA LEU E 271 -48.94 -24.56 44.86
C LEU E 271 -50.39 -24.59 44.37
N GLU E 272 -51.09 -25.65 44.74
CA GLU E 272 -52.51 -25.82 44.46
C GLU E 272 -53.31 -24.59 44.89
N GLN E 273 -52.94 -24.00 46.02
CA GLN E 273 -53.62 -22.82 46.56
C GLN E 273 -53.25 -21.58 45.74
N PHE E 274 -51.99 -21.50 45.32
CA PHE E 274 -51.48 -20.35 44.59
C PHE E 274 -52.06 -20.28 43.17
N VAL E 275 -52.05 -21.42 42.50
CA VAL E 275 -52.54 -21.51 41.11
C VAL E 275 -54.05 -21.32 41.00
N SER E 276 -54.80 -21.71 42.02
CA SER E 276 -56.24 -21.51 42.05
C SER E 276 -56.58 -20.01 42.11
N ILE E 277 -55.90 -19.30 43.00
CA ILE E 277 -55.98 -17.83 43.09
C ILE E 277 -55.60 -17.20 41.75
N LEU E 278 -54.52 -17.69 41.17
CA LEU E 278 -54.04 -17.23 39.88
C LEU E 278 -55.12 -17.27 38.80
N MET E 279 -55.87 -18.38 38.73
CA MET E 279 -56.88 -18.59 37.69
C MET E 279 -58.00 -17.57 37.61
N ALA E 280 -58.39 -17.01 38.76
CA ALA E 280 -59.56 -16.12 38.84
C ALA E 280 -59.28 -14.71 38.34
N SER E 281 -58.01 -14.31 38.39
CA SER E 281 -57.62 -12.95 38.08
C SER E 281 -57.20 -12.75 36.62
N ILE E 282 -56.94 -13.87 35.93
CA ILE E 282 -56.59 -13.88 34.50
C ILE E 282 -57.72 -13.25 33.66
N PRO E 283 -57.38 -12.29 32.78
CA PRO E 283 -58.39 -11.60 31.97
C PRO E 283 -59.20 -12.54 31.07
N LEU E 284 -60.38 -12.07 30.67
CA LEU E 284 -61.25 -12.80 29.77
C LEU E 284 -60.68 -12.78 28.35
N PRO E 285 -61.08 -13.76 27.51
CA PRO E 285 -60.63 -13.86 26.11
C PRO E 285 -61.37 -12.97 25.10
N ASP E 286 -60.77 -12.77 23.93
CA ASP E 286 -61.41 -12.10 22.79
C ASP E 286 -62.20 -13.13 21.98
N LYS E 287 -62.91 -12.67 20.95
CA LYS E 287 -63.83 -13.53 20.20
C LYS E 287 -63.60 -13.44 18.68
N ASN F 3 40.23 32.11 -16.96
CA ASN F 3 39.37 33.28 -17.37
C ASN F 3 39.12 34.26 -16.23
N GLY F 4 38.73 33.72 -15.08
CA GLY F 4 38.82 34.47 -13.82
C GLY F 4 40.29 34.57 -13.44
N TYR F 5 41.11 33.75 -14.12
CA TYR F 5 42.57 33.76 -13.97
C TYR F 5 43.25 34.66 -14.98
N THR F 6 44.14 35.53 -14.52
CA THR F 6 44.98 36.26 -15.45
C THR F 6 46.10 35.32 -15.88
N TYR F 7 46.73 35.62 -17.00
CA TYR F 7 47.87 34.84 -17.45
C TYR F 7 48.95 34.79 -16.37
N GLU F 8 49.10 35.89 -15.63
CA GLU F 8 50.05 35.95 -14.52
C GLU F 8 49.73 34.93 -13.43
N ASP F 9 48.44 34.74 -13.14
CA ASP F 9 47.99 33.74 -12.16
C ASP F 9 48.54 32.33 -12.48
N TYR F 10 48.62 31.99 -13.78
CA TYR F 10 49.18 30.72 -14.22
C TYR F 10 50.69 30.69 -14.00
N LYS F 11 51.34 31.79 -14.31
CA LYS F 11 52.79 31.89 -14.19
C LYS F 11 53.20 31.73 -12.73
N ASN F 12 52.38 32.25 -11.82
CA ASN F 12 52.67 32.14 -10.40
C ASN F 12 52.68 30.70 -9.95
N THR F 13 51.67 29.94 -10.37
CA THR F 13 51.58 28.53 -10.05
C THR F 13 52.76 27.76 -10.66
N ALA F 14 53.12 28.12 -11.89
CA ALA F 14 54.20 27.45 -12.57
C ALA F 14 55.54 27.75 -11.89
N GLU F 15 55.77 29.02 -11.58
CA GLU F 15 57.02 29.45 -10.94
C GLU F 15 57.13 28.82 -9.55
N TRP F 16 56.00 28.77 -8.84
CA TRP F 16 55.91 28.14 -7.53
C TRP F 16 56.30 26.65 -7.58
N LEU F 17 55.75 25.91 -8.54
CA LEU F 17 56.04 24.48 -8.68
C LEU F 17 57.51 24.29 -8.99
N LEU F 18 57.97 24.97 -10.04
CA LEU F 18 59.40 25.08 -10.42
C LEU F 18 60.34 25.46 -9.27
N SER F 19 59.81 26.15 -8.26
CA SER F 19 60.58 26.55 -7.07
C SER F 19 60.56 25.53 -5.95
N HIS F 20 59.65 24.58 -6.03
CA HIS F 20 59.46 23.63 -4.94
C HIS F 20 59.78 22.19 -5.34
N THR F 21 60.10 21.98 -6.62
CA THR F 21 60.59 20.67 -7.06
C THR F 21 61.70 20.87 -8.08
N LYS F 22 62.69 19.98 -8.06
CA LYS F 22 63.70 19.94 -9.11
C LYS F 22 63.27 19.10 -10.34
N HIS F 23 62.14 18.41 -10.24
CA HIS F 23 61.65 17.62 -11.37
C HIS F 23 61.21 18.55 -12.51
N ARG F 24 61.45 18.09 -13.73
CA ARG F 24 61.13 18.84 -14.95
C ARG F 24 60.35 17.95 -15.88
N PRO F 25 59.05 17.87 -15.67
CA PRO F 25 58.22 16.91 -16.38
C PRO F 25 58.19 17.16 -17.87
N GLN F 26 58.12 16.07 -18.64
CA GLN F 26 57.94 16.17 -20.06
C GLN F 26 56.49 15.85 -20.38
N VAL F 27 55.95 14.85 -19.68
CA VAL F 27 54.63 14.30 -19.90
C VAL F 27 53.76 14.61 -18.70
N ALA F 28 52.54 15.08 -18.90
CA ALA F 28 51.57 15.18 -17.81
C ALA F 28 50.50 14.10 -17.93
N ILE F 29 50.04 13.60 -16.77
CA ILE F 29 49.06 12.52 -16.73
C ILE F 29 47.95 12.80 -15.74
N ILE F 30 46.72 12.84 -16.23
CA ILE F 30 45.55 13.06 -15.40
C ILE F 30 44.82 11.74 -15.15
N CYS F 31 44.70 11.41 -13.86
CA CYS F 31 44.13 10.16 -13.36
C CYS F 31 42.65 10.26 -12.99
N GLY F 32 41.83 9.37 -13.58
CA GLY F 32 40.37 9.41 -13.39
C GLY F 32 39.88 8.76 -12.11
N SER F 33 38.56 8.69 -11.94
CA SER F 33 37.98 8.01 -10.77
C SER F 33 38.52 6.58 -10.62
N GLY F 34 39.07 6.31 -9.45
CA GLY F 34 39.67 5.02 -9.10
C GLY F 34 40.85 4.65 -9.98
N LEU F 35 41.50 5.67 -10.53
CA LEU F 35 42.67 5.49 -11.39
C LEU F 35 43.92 6.07 -10.73
N GLY F 36 43.76 6.60 -9.51
CA GLY F 36 44.86 7.14 -8.70
C GLY F 36 46.08 6.25 -8.48
N GLY F 37 45.89 4.93 -8.68
CA GLY F 37 46.93 3.91 -8.52
C GLY F 37 48.05 4.07 -9.53
N LEU F 38 47.80 4.81 -10.59
CA LEU F 38 48.85 5.05 -11.58
C LEU F 38 50.11 5.77 -11.08
N THR F 39 50.04 6.50 -9.96
CA THR F 39 51.25 7.13 -9.42
C THR F 39 52.16 6.16 -8.71
N ASP F 40 51.62 4.99 -8.34
CA ASP F 40 52.36 3.95 -7.61
C ASP F 40 53.72 3.62 -8.20
N LYS F 41 53.85 3.66 -9.52
CA LYS F 41 55.10 3.25 -10.16
C LYS F 41 56.14 4.35 -10.39
N LEU F 42 55.84 5.57 -9.95
CA LEU F 42 56.81 6.67 -10.03
C LEU F 42 57.98 6.49 -9.09
N THR F 43 59.17 6.53 -9.66
CA THR F 43 60.40 6.52 -8.89
C THR F 43 60.78 7.98 -8.54
N GLN F 44 61.66 8.17 -7.57
CA GLN F 44 61.97 9.51 -6.99
C GLN F 44 60.73 10.41 -6.89
N ALA F 45 59.58 9.83 -6.59
CA ALA F 45 58.34 10.57 -6.50
C ALA F 45 58.44 11.74 -5.50
N GLN F 46 57.92 12.90 -5.90
CA GLN F 46 57.71 14.01 -4.98
C GLN F 46 56.25 14.38 -5.00
N ILE F 47 55.66 14.41 -3.81
CA ILE F 47 54.23 14.58 -3.64
C ILE F 47 53.83 16.01 -3.22
N PHE F 48 52.75 16.50 -3.81
CA PHE F 48 52.11 17.74 -3.40
C PHE F 48 50.60 17.55 -3.16
N ASP F 49 50.10 18.02 -2.02
CA ASP F 49 48.66 18.22 -1.87
C ASP F 49 48.20 19.42 -2.71
N TYR F 50 47.08 19.28 -3.42
CA TYR F 50 46.55 20.35 -4.26
C TYR F 50 46.40 21.63 -3.45
N SER F 51 46.07 21.50 -2.18
CA SER F 51 45.84 22.64 -1.33
C SER F 51 47.11 23.50 -1.09
N GLU F 52 48.29 22.93 -1.33
CA GLU F 52 49.57 23.67 -1.22
C GLU F 52 49.83 24.58 -2.42
N ILE F 53 49.20 24.26 -3.55
CA ILE F 53 49.55 24.86 -4.82
C ILE F 53 48.64 26.06 -5.10
N PRO F 54 49.24 27.24 -5.20
CA PRO F 54 48.53 28.51 -5.01
C PRO F 54 47.10 28.64 -5.57
N ASN F 55 46.86 28.22 -6.81
CA ASN F 55 45.55 28.50 -7.40
C ASN F 55 44.75 27.26 -7.71
N PHE F 56 45.19 26.14 -7.17
CA PHE F 56 44.57 24.84 -7.46
C PHE F 56 43.19 24.61 -6.86
N PRO F 57 42.27 24.09 -7.68
CA PRO F 57 40.98 23.64 -7.18
C PRO F 57 41.15 22.36 -6.35
N ARG F 58 40.09 21.95 -5.65
CA ARG F 58 40.11 20.73 -4.84
C ARG F 58 39.35 19.56 -5.50
N SER F 59 39.69 18.34 -5.10
CA SER F 59 38.98 17.14 -5.59
C SER F 59 37.98 16.72 -4.53
N THR F 60 36.70 16.70 -4.90
CA THR F 60 35.66 16.30 -3.97
C THR F 60 35.06 14.91 -4.27
N VAL F 61 35.40 14.28 -5.38
CA VAL F 61 34.71 13.01 -5.65
C VAL F 61 35.48 11.81 -5.13
N PRO F 62 34.81 10.89 -4.41
CA PRO F 62 35.60 9.69 -4.03
C PRO F 62 36.26 9.02 -5.25
N GLY F 63 37.51 8.61 -5.08
CA GLY F 63 38.33 8.11 -6.19
C GLY F 63 39.37 9.12 -6.67
N HIS F 64 39.32 10.31 -6.09
CA HIS F 64 40.18 11.40 -6.49
C HIS F 64 40.94 11.91 -5.29
N ALA F 65 42.19 11.49 -5.18
CA ALA F 65 43.01 11.76 -4.03
C ALA F 65 43.34 13.27 -3.75
N GLY F 66 43.44 14.08 -4.80
CA GLY F 66 43.75 15.50 -4.61
C GLY F 66 45.23 15.78 -4.41
N ARG F 67 46.06 15.02 -5.12
CA ARG F 67 47.50 15.12 -4.97
C ARG F 67 48.20 15.18 -6.30
N LEU F 68 49.23 16.03 -6.37
CA LEU F 68 50.04 16.13 -7.58
C LEU F 68 51.40 15.56 -7.27
N VAL F 69 51.84 14.64 -8.14
CA VAL F 69 53.09 13.92 -7.92
C VAL F 69 54.03 13.98 -9.13
N PHE F 70 55.24 14.47 -8.89
CA PHE F 70 56.29 14.52 -9.91
C PHE F 70 57.16 13.29 -9.70
N GLY F 71 57.58 12.66 -10.79
CA GLY F 71 58.51 11.53 -10.70
C GLY F 71 58.85 10.94 -12.06
N PHE F 72 59.51 9.80 -12.07
CA PHE F 72 59.91 9.19 -13.32
C PHE F 72 59.05 7.96 -13.61
N LEU F 73 58.33 7.96 -14.72
CA LEU F 73 57.58 6.76 -15.07
C LEU F 73 58.28 5.98 -16.17
N ASN F 74 58.94 4.90 -15.79
CA ASN F 74 59.69 4.08 -16.73
C ASN F 74 60.67 4.97 -17.53
N GLY F 75 61.42 5.80 -16.81
CA GLY F 75 62.43 6.65 -17.42
C GLY F 75 61.98 8.07 -17.70
N ARG F 76 60.70 8.24 -18.00
CA ARG F 76 60.21 9.51 -18.50
C ARG F 76 59.80 10.40 -17.33
N ALA F 77 60.20 11.67 -17.41
CA ALA F 77 59.88 12.67 -16.39
C ALA F 77 58.39 13.05 -16.49
N CYS F 78 57.63 12.76 -15.44
CA CYS F 78 56.19 12.96 -15.45
C CYS F 78 55.74 13.85 -14.32
N VAL F 79 54.51 14.35 -14.48
CA VAL F 79 53.75 14.95 -13.40
C VAL F 79 52.35 14.35 -13.50
N MET F 80 51.86 13.81 -12.40
CA MET F 80 50.53 13.21 -12.39
C MET F 80 49.54 13.94 -11.50
N MET F 81 48.38 14.21 -12.09
CA MET F 81 47.18 14.58 -11.35
C MET F 81 46.48 13.34 -10.82
N GLN F 82 46.78 12.98 -9.57
CA GLN F 82 46.06 11.95 -8.86
C GLN F 82 44.77 12.54 -8.36
N GLY F 83 43.72 12.38 -9.17
CA GLY F 83 42.43 13.03 -9.02
C GLY F 83 42.33 14.19 -9.99
N ARG F 84 41.13 14.42 -10.51
CA ARG F 84 40.89 15.57 -11.40
C ARG F 84 39.69 16.42 -10.96
N PHE F 85 39.22 17.28 -11.84
CA PHE F 85 38.12 18.16 -11.49
C PHE F 85 37.02 17.98 -12.51
N HIS F 86 35.79 18.22 -12.06
CA HIS F 86 34.64 18.12 -12.95
C HIS F 86 33.79 19.35 -12.87
N MET F 87 33.13 19.65 -13.99
CA MET F 87 32.19 20.75 -14.11
C MET F 87 31.03 20.60 -13.11
N TYR F 88 30.60 19.35 -12.84
CA TYR F 88 29.47 19.11 -11.94
C TYR F 88 29.75 19.41 -10.47
N GLU F 89 31.00 19.54 -10.10
CA GLU F 89 31.36 19.96 -8.74
C GLU F 89 31.07 21.46 -8.52
N GLY F 90 30.60 22.17 -9.56
CA GLY F 90 30.31 23.61 -9.48
C GLY F 90 31.41 24.46 -10.11
N TYR F 91 32.51 23.83 -10.48
CA TYR F 91 33.62 24.46 -11.14
C TYR F 91 33.33 24.91 -12.58
N PRO F 92 33.63 26.17 -12.88
CA PRO F 92 33.68 26.54 -14.28
C PRO F 92 34.74 25.70 -14.98
N LEU F 93 34.70 25.66 -16.31
CA LEU F 93 35.71 24.94 -17.11
C LEU F 93 37.11 25.57 -17.08
N TRP F 94 37.18 26.86 -16.77
CA TRP F 94 38.49 27.48 -16.65
C TRP F 94 39.21 27.11 -15.34
N LYS F 95 38.45 26.70 -14.32
CA LYS F 95 39.03 26.11 -13.10
C LYS F 95 39.41 24.66 -13.33
N VAL F 96 38.46 23.91 -13.93
CA VAL F 96 38.67 22.51 -14.30
C VAL F 96 39.99 22.38 -15.03
N THR F 97 40.21 23.16 -16.07
CA THR F 97 41.40 22.91 -16.92
C THR F 97 42.60 23.72 -16.60
N PHE F 98 42.53 24.49 -15.51
CA PHE F 98 43.62 25.33 -15.08
C PHE F 98 44.97 24.60 -15.02
N PRO F 99 45.00 23.34 -14.50
CA PRO F 99 46.29 22.68 -14.41
C PRO F 99 46.98 22.44 -15.75
N VAL F 100 46.19 22.20 -16.80
CA VAL F 100 46.76 21.95 -18.11
C VAL F 100 47.60 23.16 -18.49
N ARG F 101 47.01 24.33 -18.39
CA ARG F 101 47.74 25.54 -18.67
C ARG F 101 49.04 25.64 -17.86
N VAL F 102 49.01 25.26 -16.58
CA VAL F 102 50.25 25.33 -15.81
C VAL F 102 51.29 24.29 -16.22
N PHE F 103 50.83 23.10 -16.62
CA PHE F 103 51.75 22.08 -17.13
C PHE F 103 52.46 22.57 -18.38
N HIS F 104 51.73 23.28 -19.24
CA HIS F 104 52.31 23.86 -20.45
C HIS F 104 53.45 24.80 -20.07
N LEU F 105 53.19 25.69 -19.10
CA LEU F 105 54.25 26.60 -18.64
C LEU F 105 55.38 25.85 -17.90
N LEU F 106 55.05 24.68 -17.37
CA LEU F 106 56.07 23.83 -16.75
C LEU F 106 57.02 23.26 -17.77
N GLY F 107 56.63 23.33 -19.03
CA GLY F 107 57.43 22.79 -20.12
C GLY F 107 56.94 21.42 -20.55
N VAL F 108 55.82 20.98 -19.99
CA VAL F 108 55.20 19.73 -20.43
C VAL F 108 54.81 19.84 -21.90
N ASP F 109 55.12 18.81 -22.68
CA ASP F 109 54.77 18.81 -24.11
C ASP F 109 53.73 17.76 -24.47
N THR F 110 53.46 16.86 -23.54
CA THR F 110 52.49 15.79 -23.81
C THR F 110 51.54 15.67 -22.65
N LEU F 111 50.25 15.52 -22.97
CA LEU F 111 49.23 15.22 -21.98
C LEU F 111 48.57 13.84 -22.22
N VAL F 112 48.56 13.01 -21.18
CA VAL F 112 47.72 11.82 -21.23
C VAL F 112 46.58 11.99 -20.26
N VAL F 113 45.37 11.95 -20.82
CA VAL F 113 44.13 12.00 -20.06
C VAL F 113 43.58 10.57 -19.93
N THR F 114 43.17 10.25 -18.71
CA THR F 114 42.57 8.98 -18.39
C THR F 114 41.24 9.25 -17.74
N ASN F 115 40.34 8.28 -17.82
CA ASN F 115 39.06 8.42 -17.21
C ASN F 115 38.42 7.04 -17.13
N ALA F 116 37.43 6.94 -16.24
CA ALA F 116 36.56 5.82 -16.20
C ALA F 116 35.38 6.27 -17.07
N ALA F 117 34.75 5.30 -17.75
CA ALA F 117 33.65 5.59 -18.66
C ALA F 117 32.63 4.48 -18.63
N GLY F 118 31.38 4.83 -18.92
CA GLY F 118 30.36 3.79 -19.19
C GLY F 118 30.34 3.36 -20.65
N GLY F 119 30.34 2.06 -20.88
CA GLY F 119 30.31 1.52 -22.24
C GLY F 119 28.96 1.75 -22.88
N LEU F 120 28.99 2.42 -24.05
CA LEU F 120 27.83 2.50 -24.94
C LEU F 120 27.92 1.43 -26.07
N ASN F 121 29.12 1.11 -26.56
CA ASN F 121 29.25 0.12 -27.64
C ASN F 121 28.94 -1.32 -27.17
N PRO F 122 27.86 -1.92 -27.69
CA PRO F 122 27.48 -3.32 -27.37
C PRO F 122 28.63 -4.31 -27.23
N LYS F 123 29.71 -4.20 -28.02
CA LYS F 123 30.81 -5.17 -27.97
C LYS F 123 31.71 -5.10 -26.73
N PHE F 124 31.92 -3.87 -26.24
CA PHE F 124 32.77 -3.55 -25.07
C PHE F 124 32.36 -4.29 -23.80
N GLU F 125 33.34 -4.82 -23.06
CA GLU F 125 33.06 -5.42 -21.72
C GLU F 125 33.65 -4.59 -20.56
N VAL F 126 33.14 -4.80 -19.33
CA VAL F 126 33.75 -4.17 -18.17
C VAL F 126 35.21 -4.57 -18.07
N GLY F 127 36.05 -3.59 -17.79
CA GLY F 127 37.47 -3.81 -17.62
C GLY F 127 38.22 -3.65 -18.92
N ASP F 128 37.50 -3.40 -20.02
CA ASP F 128 38.16 -3.03 -21.27
C ASP F 128 38.81 -1.65 -21.18
N ILE F 129 39.94 -1.52 -21.86
CA ILE F 129 40.55 -0.21 -22.09
C ILE F 129 40.21 0.25 -23.52
N MET F 130 39.57 1.41 -23.61
CA MET F 130 39.32 2.03 -24.90
C MET F 130 40.25 3.22 -25.16
N LEU F 131 41.05 3.14 -26.21
CA LEU F 131 41.73 4.30 -26.75
C LEU F 131 40.69 5.30 -27.26
N ILE F 132 40.77 6.53 -26.73
CA ILE F 132 39.96 7.64 -27.22
C ILE F 132 40.55 8.16 -28.52
N ARG F 133 39.79 7.96 -29.59
CA ARG F 133 40.17 8.39 -30.93
C ARG F 133 39.68 9.82 -31.18
N ASP F 134 38.52 10.11 -30.62
CA ASP F 134 37.80 11.32 -30.92
C ASP F 134 36.75 11.52 -29.82
N HIS F 135 36.27 12.75 -29.67
CA HIS F 135 35.25 13.02 -28.69
C HIS F 135 34.03 13.73 -29.29
N ILE F 136 32.92 13.66 -28.57
CA ILE F 136 31.77 14.53 -28.86
C ILE F 136 31.58 15.42 -27.61
N ASN F 137 31.71 16.73 -27.77
CA ASN F 137 31.67 17.69 -26.63
C ASN F 137 30.29 18.31 -26.56
N LEU F 138 29.38 17.71 -25.78
CA LEU F 138 27.99 18.19 -25.73
C LEU F 138 27.83 19.51 -24.96
N PRO F 139 28.49 19.67 -23.81
CA PRO F 139 28.44 20.99 -23.19
C PRO F 139 29.08 22.06 -24.08
N GLY F 140 30.09 21.67 -24.85
CA GLY F 140 30.72 22.61 -25.77
C GLY F 140 29.75 23.10 -26.83
N PHE F 141 28.88 22.21 -27.29
CA PHE F 141 27.91 22.58 -28.31
C PHE F 141 27.08 23.75 -27.84
N SER F 142 26.78 23.80 -26.54
CA SER F 142 25.92 24.87 -26.08
C SER F 142 26.56 26.01 -25.25
N GLY F 143 27.89 26.12 -25.31
CA GLY F 143 28.55 27.29 -24.69
C GLY F 143 29.56 26.94 -23.62
N GLN F 144 29.44 25.75 -23.06
CA GLN F 144 30.39 25.28 -22.06
C GLN F 144 31.62 24.73 -22.75
N ASN F 145 32.53 25.65 -23.09
CA ASN F 145 33.83 25.36 -23.66
C ASN F 145 34.88 26.26 -22.94
N PRO F 146 35.95 25.64 -22.38
CA PRO F 146 36.98 26.31 -21.55
C PRO F 146 37.72 27.46 -22.22
N LEU F 147 37.48 27.64 -23.51
CA LEU F 147 38.16 28.67 -24.30
C LEU F 147 37.30 29.91 -24.49
N ARG F 148 36.07 29.83 -23.96
CA ARG F 148 35.15 30.96 -23.96
C ARG F 148 35.77 32.18 -23.25
N GLY F 149 35.56 33.36 -23.83
CA GLY F 149 36.14 34.57 -23.29
C GLY F 149 37.34 35.04 -24.10
N PRO F 150 37.96 36.16 -23.70
CA PRO F 150 39.12 36.67 -24.40
C PRO F 150 40.17 35.58 -24.63
N ASN F 151 40.77 35.58 -25.81
CA ASN F 151 41.81 34.61 -26.10
C ASN F 151 43.14 35.23 -25.76
N ASP F 152 44.03 34.43 -25.19
CA ASP F 152 45.40 34.84 -24.94
C ASP F 152 46.29 34.16 -25.94
N GLU F 153 46.87 34.93 -26.86
CA GLU F 153 47.72 34.39 -27.90
C GLU F 153 48.95 33.72 -27.30
N ARG F 154 49.26 34.08 -26.05
CA ARG F 154 50.42 33.52 -25.36
C ARG F 154 50.24 32.02 -25.12
N PHE F 155 49.00 31.54 -25.19
CA PHE F 155 48.69 30.09 -25.15
C PHE F 155 48.37 29.49 -26.53
N GLY F 156 47.48 30.13 -27.27
CA GLY F 156 47.03 29.59 -28.55
C GLY F 156 46.34 30.57 -29.46
N ASP F 157 45.52 30.03 -30.36
CA ASP F 157 44.75 30.81 -31.34
C ASP F 157 43.32 31.02 -30.87
N ARG F 158 42.67 32.02 -31.42
CA ARG F 158 41.28 32.23 -31.12
C ARG F 158 40.43 31.02 -31.53
N PHE F 159 40.84 30.35 -32.62
CA PHE F 159 40.03 29.27 -33.23
C PHE F 159 40.83 28.02 -33.51
N PRO F 160 41.20 27.28 -32.48
CA PRO F 160 41.97 26.06 -32.72
C PRO F 160 41.12 24.91 -33.33
N ALA F 161 41.70 24.15 -34.27
CA ALA F 161 41.05 22.91 -34.75
C ALA F 161 41.09 21.81 -33.70
N MET F 162 40.07 20.95 -33.70
CA MET F 162 40.04 19.76 -32.83
C MET F 162 39.98 18.42 -33.56
N SER F 163 39.89 18.40 -34.90
CA SER F 163 39.67 17.12 -35.60
C SER F 163 40.88 16.17 -35.56
N ASP F 164 41.99 16.70 -35.06
CA ASP F 164 43.24 15.97 -34.92
C ASP F 164 43.69 15.92 -33.45
N ALA F 165 42.72 16.00 -32.54
CA ALA F 165 42.97 16.08 -31.08
C ALA F 165 43.86 14.98 -30.50
N TYR F 166 43.54 13.73 -30.86
CA TYR F 166 44.17 12.54 -30.30
C TYR F 166 45.17 12.04 -31.30
N ASP F 167 46.43 12.40 -31.05
CA ASP F 167 47.59 12.00 -31.81
C ASP F 167 47.47 10.61 -32.45
N ARG F 168 47.40 10.61 -33.77
CA ARG F 168 47.26 9.40 -34.58
C ARG F 168 48.39 8.39 -34.31
N THR F 169 49.63 8.86 -34.42
CA THR F 169 50.82 8.02 -34.24
C THR F 169 50.85 7.30 -32.88
N MET F 170 50.56 8.04 -31.80
CA MET F 170 50.51 7.42 -30.48
C MET F 170 49.44 6.32 -30.40
N ARG F 171 48.28 6.59 -30.98
CA ARG F 171 47.19 5.59 -31.06
C ARG F 171 47.60 4.34 -31.84
N GLN F 172 48.18 4.54 -33.01
CA GLN F 172 48.64 3.42 -33.85
C GLN F 172 49.70 2.61 -33.13
N ARG F 173 50.63 3.30 -32.46
CA ARG F 173 51.71 2.62 -31.73
C ARG F 173 51.16 1.79 -30.57
N ALA F 174 50.25 2.39 -29.79
CA ALA F 174 49.54 1.68 -28.73
C ALA F 174 48.86 0.42 -29.26
N LEU F 175 48.34 0.48 -30.48
CA LEU F 175 47.68 -0.67 -31.11
C LEU F 175 48.64 -1.78 -31.45
N SER F 176 49.78 -1.43 -32.04
CA SER F 176 50.85 -2.40 -32.35
C SER F 176 51.31 -3.12 -31.10
N THR F 177 51.38 -2.36 -30.01
CA THR F 177 52.16 -2.72 -28.86
C THR F 177 51.32 -3.47 -27.81
N TRP F 178 50.00 -3.45 -27.99
CA TRP F 178 49.05 -4.14 -27.09
C TRP F 178 49.32 -5.63 -26.85
N LYS F 179 49.94 -6.29 -27.82
CA LYS F 179 50.27 -7.73 -27.71
C LYS F 179 51.27 -8.06 -26.58
N GLN F 180 52.05 -7.08 -26.15
CA GLN F 180 53.01 -7.24 -25.05
C GLN F 180 52.29 -7.47 -23.72
N MET F 181 51.09 -6.89 -23.59
CA MET F 181 50.24 -7.04 -22.40
C MET F 181 49.80 -8.49 -22.09
N GLY F 182 49.87 -9.37 -23.09
CA GLY F 182 49.46 -10.78 -22.93
C GLY F 182 48.01 -10.90 -22.48
N GLU F 183 47.17 -9.99 -22.96
CA GLU F 183 45.75 -9.93 -22.62
C GLU F 183 44.89 -10.72 -23.61
N GLN F 184 43.72 -11.17 -23.16
CA GLN F 184 42.84 -11.99 -24.02
C GLN F 184 41.76 -11.17 -24.77
N ARG F 185 41.38 -10.00 -24.21
CA ARG F 185 40.61 -8.97 -24.92
C ARG F 185 41.56 -8.15 -25.78
N GLU F 186 41.05 -7.65 -26.90
CA GLU F 186 41.74 -6.62 -27.70
C GLU F 186 41.69 -5.21 -27.09
N LEU F 187 42.56 -4.34 -27.60
CA LEU F 187 42.50 -2.93 -27.28
C LEU F 187 41.43 -2.23 -28.10
N GLN F 188 40.47 -1.61 -27.40
CA GLN F 188 39.40 -0.90 -28.04
C GLN F 188 39.78 0.54 -28.42
N GLU F 189 39.13 1.05 -29.45
CA GLU F 189 39.31 2.40 -29.95
C GLU F 189 37.93 2.99 -30.27
N GLY F 190 37.63 4.18 -29.75
CA GLY F 190 36.34 4.78 -30.03
C GLY F 190 36.10 6.22 -29.58
N THR F 191 34.82 6.61 -29.67
CA THR F 191 34.45 7.95 -29.42
C THR F 191 33.89 8.08 -28.03
N TYR F 192 34.50 9.00 -27.29
CA TYR F 192 34.09 9.40 -25.97
C TYR F 192 33.12 10.55 -26.13
N VAL F 193 31.95 10.43 -25.53
CA VAL F 193 31.05 11.55 -25.52
C VAL F 193 31.05 12.13 -24.11
N MET F 194 31.31 13.44 -24.00
CA MET F 194 31.22 14.08 -22.68
C MET F 194 29.81 14.57 -22.43
N VAL F 195 29.31 14.24 -21.25
CA VAL F 195 28.01 14.61 -20.80
C VAL F 195 28.21 15.17 -19.39
N ALA F 196 27.41 16.12 -18.96
CA ALA F 196 27.80 16.86 -17.75
C ALA F 196 27.40 16.21 -16.43
N GLY F 197 26.43 15.28 -16.45
CA GLY F 197 25.90 14.74 -15.20
C GLY F 197 25.63 15.87 -14.19
N PRO F 198 25.72 15.61 -12.86
CA PRO F 198 26.30 14.47 -12.13
C PRO F 198 25.46 13.18 -12.05
N SER F 199 24.19 13.25 -12.47
CA SER F 199 23.32 12.06 -12.46
C SER F 199 23.58 11.20 -13.70
N PHE F 200 23.52 9.89 -13.54
CA PHE F 200 23.72 8.95 -14.69
C PHE F 200 22.60 9.01 -15.70
N GLU F 201 22.92 8.58 -16.91
CA GLU F 201 22.03 8.65 -18.06
C GLU F 201 20.79 7.74 -17.93
N THR F 202 19.66 8.20 -18.48
CA THR F 202 18.46 7.39 -18.64
C THR F 202 18.70 6.41 -19.79
N VAL F 203 17.90 5.34 -19.86
CA VAL F 203 17.94 4.44 -21.04
C VAL F 203 17.88 5.28 -22.31
N ALA F 204 16.87 6.16 -22.39
CA ALA F 204 16.65 7.01 -23.57
C ALA F 204 17.84 7.87 -23.91
N GLU F 205 18.50 8.43 -22.89
CA GLU F 205 19.68 9.25 -23.13
C GLU F 205 20.81 8.37 -23.66
N CYS F 206 20.99 7.21 -23.03
CA CYS F 206 21.94 6.21 -23.56
C CYS F 206 21.72 5.83 -25.01
N ARG F 207 20.48 5.83 -25.47
CA ARG F 207 20.22 5.45 -26.84
C ARG F 207 20.51 6.55 -27.82
N VAL F 208 20.32 7.81 -27.41
CA VAL F 208 20.71 8.94 -28.26
C VAL F 208 22.22 8.98 -28.38
N LEU F 209 22.90 8.87 -27.23
CA LEU F 209 24.36 8.82 -27.18
C LEU F 209 24.91 7.66 -28.03
N GLN F 210 24.27 6.49 -27.95
CA GLN F 210 24.66 5.35 -28.80
C GLN F 210 24.52 5.69 -30.29
N LYS F 211 23.40 6.30 -30.67
CA LYS F 211 23.15 6.52 -32.09
C LYS F 211 23.74 7.80 -32.69
N LEU F 212 24.22 8.69 -31.82
CA LEU F 212 25.09 9.80 -32.14
C LEU F 212 26.48 9.35 -32.58
N GLY F 213 26.82 8.07 -32.36
CA GLY F 213 28.14 7.54 -32.74
C GLY F 213 29.16 7.41 -31.61
N ALA F 214 28.69 7.53 -30.36
CA ALA F 214 29.54 7.43 -29.17
C ALA F 214 29.67 6.01 -28.67
N ASP F 215 30.89 5.59 -28.34
CA ASP F 215 31.16 4.24 -27.79
C ASP F 215 31.26 4.20 -26.26
N ALA F 216 31.53 5.36 -25.65
CA ALA F 216 31.75 5.49 -24.20
C ALA F 216 31.29 6.85 -23.67
N VAL F 217 30.84 6.88 -22.43
CA VAL F 217 30.31 8.10 -21.88
C VAL F 217 30.97 8.45 -20.54
N GLY F 218 31.22 9.73 -20.34
CA GLY F 218 31.60 10.20 -19.00
C GLY F 218 31.50 11.70 -18.88
N MET F 219 32.01 12.23 -17.78
CA MET F 219 31.76 13.65 -17.46
C MET F 219 33.02 14.45 -17.27
N SER F 220 34.07 14.14 -18.02
CA SER F 220 35.38 14.72 -17.77
C SER F 220 36.19 14.78 -19.04
N THR F 221 37.48 15.08 -18.91
CA THR F 221 38.46 14.81 -19.97
C THR F 221 38.46 15.81 -21.15
N VAL F 222 37.32 15.93 -21.81
CA VAL F 222 37.22 16.70 -23.07
C VAL F 222 37.72 18.13 -22.87
N PRO F 223 37.30 18.80 -21.78
CA PRO F 223 37.77 20.18 -21.53
C PRO F 223 39.27 20.23 -21.42
N GLU F 224 39.86 19.33 -20.65
CA GLU F 224 41.31 19.22 -20.55
C GLU F 224 41.98 19.12 -21.92
N VAL F 225 41.40 18.30 -22.81
CA VAL F 225 41.96 18.01 -24.12
C VAL F 225 41.91 19.25 -24.99
N ILE F 226 40.78 19.94 -24.92
CA ILE F 226 40.57 21.16 -25.68
C ILE F 226 41.66 22.18 -25.38
N VAL F 227 42.01 22.36 -24.10
CA VAL F 227 43.02 23.38 -23.75
C VAL F 227 44.44 22.89 -23.88
N ALA F 228 44.63 21.57 -23.80
CA ALA F 228 45.92 20.96 -24.16
C ALA F 228 46.28 21.28 -25.60
N ARG F 229 45.36 20.93 -26.51
CA ARG F 229 45.56 21.13 -27.95
C ARG F 229 45.70 22.60 -28.30
N HIS F 230 44.93 23.43 -27.61
CA HIS F 230 44.96 24.86 -27.82
C HIS F 230 46.35 25.39 -27.50
N CYS F 231 47.07 24.75 -26.59
CA CYS F 231 48.41 25.27 -26.37
C CYS F 231 49.53 24.37 -26.88
N GLY F 232 49.16 23.52 -27.84
CA GLY F 232 50.14 22.79 -28.63
C GLY F 232 50.59 21.44 -28.09
N LEU F 233 50.15 21.06 -26.90
CA LEU F 233 50.54 19.75 -26.39
C LEU F 233 49.95 18.61 -27.23
N ARG F 234 50.67 17.52 -27.27
CA ARG F 234 50.27 16.35 -27.99
C ARG F 234 49.41 15.55 -27.00
N VAL F 235 48.18 15.24 -27.39
CA VAL F 235 47.27 14.53 -26.49
C VAL F 235 47.12 13.03 -26.78
N PHE F 236 47.14 12.25 -25.70
CA PHE F 236 46.78 10.84 -25.71
C PHE F 236 45.73 10.56 -24.65
N GLY F 237 44.71 9.78 -25.00
CA GLY F 237 43.63 9.52 -24.05
C GLY F 237 43.07 8.12 -24.10
N PHE F 238 42.71 7.60 -22.93
CA PHE F 238 41.99 6.33 -22.84
C PHE F 238 41.07 6.26 -21.63
N SER F 239 40.03 5.45 -21.79
CA SER F 239 39.03 5.19 -20.77
C SER F 239 39.14 3.76 -20.32
N LEU F 240 38.91 3.57 -19.03
CA LEU F 240 38.60 2.23 -18.54
C LEU F 240 37.08 2.14 -18.49
N ILE F 241 36.56 1.18 -19.22
CA ILE F 241 35.15 0.87 -19.27
C ILE F 241 34.74 0.17 -18.00
N THR F 242 34.03 0.87 -17.13
CA THR F 242 33.82 0.37 -15.77
C THR F 242 32.46 -0.24 -15.57
N ASN F 243 31.54 0.12 -16.45
CA ASN F 243 30.19 -0.41 -16.42
C ASN F 243 29.59 -0.31 -17.80
N LYS F 244 28.66 -1.20 -18.10
CA LYS F 244 27.88 -1.11 -19.32
C LYS F 244 26.62 -0.32 -18.98
N VAL F 245 26.42 0.81 -19.65
CA VAL F 245 25.25 1.66 -19.37
C VAL F 245 23.95 0.91 -19.76
N ILE F 246 22.91 1.06 -18.93
CA ILE F 246 21.64 0.38 -19.10
C ILE F 246 20.91 0.83 -20.36
N MET F 247 20.53 -0.15 -21.18
CA MET F 247 20.00 0.09 -22.53
C MET F 247 18.57 -0.36 -22.70
N ASP F 248 17.98 -0.87 -21.62
CA ASP F 248 16.58 -1.32 -21.66
C ASP F 248 15.84 -1.20 -20.35
N TYR F 249 14.52 -1.20 -20.44
CA TYR F 249 13.61 -1.00 -19.33
C TYR F 249 13.34 -2.20 -18.40
N GLU F 250 13.57 -3.44 -18.87
CA GLU F 250 13.36 -4.60 -18.00
C GLU F 250 14.47 -4.86 -16.98
N SER F 251 15.68 -4.35 -17.24
CA SER F 251 16.76 -4.46 -16.25
C SER F 251 16.45 -3.77 -14.92
N LEU F 252 16.91 -4.40 -13.84
CA LEU F 252 16.78 -3.84 -12.51
C LEU F 252 18.13 -3.31 -12.01
N GLU F 253 19.10 -3.21 -12.91
CA GLU F 253 20.41 -2.73 -12.57
C GLU F 253 20.42 -1.24 -12.82
N LYS F 254 21.09 -0.49 -11.93
CA LYS F 254 21.35 0.92 -12.19
C LYS F 254 22.80 1.28 -11.91
N ALA F 255 23.33 2.15 -12.74
CA ALA F 255 24.66 2.70 -12.53
C ALA F 255 24.81 3.24 -11.10
N ASN F 256 26.02 3.08 -10.55
CA ASN F 256 26.47 3.70 -9.30
C ASN F 256 27.98 3.87 -9.35
N HIS F 257 28.44 4.94 -8.70
CA HIS F 257 29.85 5.30 -8.65
C HIS F 257 30.72 4.27 -7.95
N GLU F 258 30.14 3.55 -7.00
CA GLU F 258 30.86 2.53 -6.25
C GLU F 258 31.31 1.37 -7.14
N GLU F 259 30.46 0.98 -8.09
CA GLU F 259 30.74 -0.08 -9.05
C GLU F 259 31.83 0.47 -9.97
N VAL F 260 31.80 1.79 -10.17
CA VAL F 260 32.83 2.42 -11.00
C VAL F 260 34.19 2.32 -10.32
N LEU F 261 34.24 2.53 -9.00
CA LEU F 261 35.53 2.51 -8.30
C LEU F 261 35.97 1.05 -8.08
N ALA F 262 35.00 0.16 -7.84
CA ALA F 262 35.29 -1.28 -7.80
C ALA F 262 36.03 -1.79 -9.05
N ALA F 263 35.61 -1.35 -10.24
CA ALA F 263 36.24 -1.86 -11.48
C ALA F 263 37.60 -1.22 -11.74
N GLY F 264 37.73 0.04 -11.34
CA GLY F 264 39.02 0.71 -11.28
C GLY F 264 40.04 -0.08 -10.50
N LYS F 265 39.63 -0.62 -9.36
CA LYS F 265 40.53 -1.39 -8.53
C LYS F 265 40.91 -2.73 -9.15
N GLN F 266 39.98 -3.36 -9.88
CA GLN F 266 40.26 -4.67 -10.49
C GLN F 266 41.28 -4.54 -11.60
N ALA F 267 41.31 -3.38 -12.26
CA ALA F 267 42.16 -3.18 -13.42
C ALA F 267 43.50 -2.52 -13.13
N ALA F 268 43.77 -2.21 -11.86
CA ALA F 268 44.98 -1.45 -11.47
C ALA F 268 46.31 -1.98 -12.04
N GLN F 269 46.46 -3.30 -12.07
CA GLN F 269 47.68 -3.96 -12.56
C GLN F 269 47.83 -3.75 -14.07
N LYS F 270 46.75 -4.01 -14.81
CA LYS F 270 46.75 -3.85 -16.27
C LYS F 270 46.99 -2.40 -16.69
N LEU F 271 46.32 -1.45 -16.05
CA LEU F 271 46.56 -0.02 -16.35
C LEU F 271 48.03 0.42 -16.20
N GLU F 272 48.58 0.14 -15.02
CA GLU F 272 49.97 0.35 -14.67
C GLU F 272 50.86 -0.25 -15.77
N GLN F 273 50.51 -1.47 -16.21
CA GLN F 273 51.25 -2.21 -17.22
C GLN F 273 51.09 -1.62 -18.62
N PHE F 274 49.90 -1.15 -18.95
CA PHE F 274 49.62 -0.40 -20.16
C PHE F 274 50.30 0.99 -20.19
N VAL F 275 50.13 1.79 -19.13
CA VAL F 275 50.76 3.12 -19.02
C VAL F 275 52.27 3.05 -19.09
N SER F 276 52.83 1.96 -18.60
CA SER F 276 54.28 1.76 -18.62
C SER F 276 54.80 1.55 -20.04
CA ILE F 277 54.46 0.43 -22.20
C ILE F 277 54.29 1.71 -23.03
N LEU F 278 53.23 2.46 -22.69
CA LEU F 278 52.91 3.72 -23.32
C LEU F 278 54.04 4.73 -23.10
N MET F 279 54.61 4.74 -21.91
CA MET F 279 55.68 5.69 -21.59
C MET F 279 56.93 5.53 -22.47
N ALA F 280 57.31 4.27 -22.74
CA ALA F 280 58.51 3.98 -23.50
C ALA F 280 58.46 4.60 -24.90
N SER F 281 57.26 4.74 -25.45
CA SER F 281 57.13 5.19 -26.83
C SER F 281 56.78 6.67 -27.01
N ILE F 282 56.61 7.40 -25.91
CA ILE F 282 56.48 8.85 -25.99
C ILE F 282 57.83 9.44 -26.42
N PRO F 283 57.82 10.22 -27.53
CA PRO F 283 58.98 10.83 -28.16
C PRO F 283 59.57 11.93 -27.30
N LEU F 284 60.89 12.08 -27.37
CA LEU F 284 61.59 13.02 -26.50
C LEU F 284 61.39 14.46 -27.00
N PRO F 285 61.71 15.47 -26.15
CA PRO F 285 61.50 16.87 -26.56
C PRO F 285 62.30 17.26 -27.80
S SO4 G . 35.72 5.69 -39.57
O1 SO4 G . 35.07 4.67 -40.41
O2 SO4 G . 35.84 6.97 -40.29
O3 SO4 G . 34.90 5.91 -38.38
O4 SO4 G . 37.05 5.24 -39.18
S SO4 H . 30.28 34.36 -38.53
O1 SO4 H . 29.37 33.39 -37.93
O2 SO4 H . 29.91 34.60 -39.92
O3 SO4 H . 30.23 35.67 -37.88
O4 SO4 H . 31.64 33.84 -38.42
S SO4 I . 21.66 29.86 -13.99
O1 SO4 I . 21.58 28.42 -13.73
O2 SO4 I . 20.38 30.50 -13.78
O3 SO4 I . 22.66 30.40 -13.09
O4 SO4 I . 22.07 30.06 -15.35
O4 229 J . 35.56 30.90 -38.28
C11 229 J . 35.45 30.61 -36.89
C6 229 J . 34.32 31.44 -36.29
O3 229 J . 34.51 32.84 -36.55
C8 229 J . 32.93 31.02 -36.79
C3 229 J . 31.90 31.96 -36.18
O2 229 J . 30.58 31.39 -36.19
N2 229 J . 32.93 31.13 -38.23
C10 229 J . 31.90 30.50 -39.01
C4 229 J . 32.48 29.23 -39.57
C1 229 J . 32.50 27.92 -38.93
N4 229 J . 32.03 27.53 -37.73
C7 229 J . 32.17 26.25 -37.37
N3 229 J . 32.77 25.33 -38.17
C9 229 J . 33.09 29.03 -40.80
N1 229 J . 33.47 27.74 -40.95
C2 229 J . 33.15 27.02 -39.86
C5 229 J . 33.27 25.61 -39.38
O1 229 J . 33.81 24.73 -40.08
S SO4 K . 29.78 28.43 -14.84
O1 SO4 K . 29.28 29.35 -13.82
O2 SO4 K . 28.73 28.12 -15.79
O3 SO4 K . 30.88 29.07 -15.56
O4 SO4 K . 30.23 27.22 -14.18
S SO4 L . 11.59 -0.30 -25.88
O1 SO4 L . 10.28 -0.25 -25.23
O2 SO4 L . 11.93 1.06 -26.32
O3 SO4 L . 12.57 -0.80 -24.91
O4 SO4 L . 11.59 -1.18 -27.06
S SO4 M . 4.42 23.11 -18.33
O1 SO4 M . 3.41 22.09 -18.14
O2 SO4 M . 4.03 24.07 -19.35
O3 SO4 M . 4.55 23.84 -17.06
O4 SO4 M . 5.70 22.53 -18.74
O4 229 N . 3.62 26.21 -23.79
C11 229 N . 4.78 27.06 -23.67
C6 229 N . 5.58 26.76 -22.41
O3 229 N . 4.84 27.18 -21.25
C8 229 N . 5.91 25.27 -22.22
C3 229 N . 6.57 25.16 -20.85
O2 229 N . 7.10 23.86 -20.55
N2 229 N . 4.65 24.51 -22.30
C10 229 N . 4.60 23.09 -22.56
C4 229 N . 4.42 22.88 -24.04
C1 229 N . 5.45 22.93 -25.07
N4 229 N . 6.77 23.15 -24.97
C7 229 N . 7.51 23.14 -26.10
N3 229 N . 6.96 22.93 -27.31
C9 229 N . 3.24 22.62 -24.73
N1 229 N . 3.47 22.52 -26.07
C2 229 N . 4.77 22.70 -26.33
C5 229 N . 5.65 22.71 -27.51
O1 229 N . 5.17 22.50 -28.66
S SO4 O . -22.73 -33.09 17.33
O1 SO4 O . -22.92 -34.00 18.44
O2 SO4 O . -23.61 -33.47 16.22
O3 SO4 O . -23.05 -31.73 17.78
O4 SO4 O . -21.36 -33.18 16.87
S SO4 P . -8.04 -1.70 26.90
O1 SO4 P . -8.12 -2.79 27.87
O2 SO4 P . -9.32 -1.60 26.18
O3 SO4 P . -7.80 -0.44 27.62
O4 SO4 P . -6.94 -1.96 25.96
S SO4 Q . -27.03 -8.01 10.54
O1 SO4 Q . -26.92 -8.91 9.35
O2 SO4 Q . -26.48 -6.70 10.16
O3 SO4 Q . -28.43 -7.86 10.90
O4 SO4 Q . -26.33 -8.61 11.67
O4 229 R . -32.30 -7.24 13.63
C11 229 R . -32.57 -8.60 14.05
C6 229 R . -31.58 -9.51 13.35
O3 229 R . -31.73 -9.39 11.92
C8 229 R . -30.14 -9.12 13.67
C3 229 R . -29.28 -9.96 12.75
O2 229 R . -27.93 -9.91 13.19
N2 229 R . -29.91 -7.71 13.44
C10 229 R . -28.80 -7.04 14.11
C4 229 R . -29.30 -6.36 15.35
C1 229 R . -29.52 -6.98 16.67
N4 229 R . -29.35 -8.26 17.12
C7 229 R . -29.64 -8.53 18.41
N3 229 R . -30.09 -7.59 19.27
C9 229 R . -29.67 -5.03 15.50
N1 229 R . -30.11 -4.79 16.77
C2 229 R . -30.02 -5.90 17.53
C5 229 R . -30.31 -6.29 18.91
O1 229 R . -30.76 -5.45 19.72
S SO4 S . -13.10 -20.62 47.51
O1 SO4 S . -14.29 -20.99 48.29
O2 SO4 S . -13.17 -21.29 46.23
O3 SO4 S . -13.07 -19.18 47.25
O4 SO4 S . -11.89 -21.04 48.20
S SO4 T . -5.42 -30.75 25.26
O1 SO4 T . -5.88 -32.10 24.88
O2 SO4 T . -4.92 -30.03 24.09
O3 SO4 T . -6.51 -30.00 25.87
O4 SO4 T . -4.31 -30.88 26.21
O4 229 U . -3.52 -26.37 21.55
C11 229 U . -4.75 -26.17 20.84
C6 229 U . -5.78 -27.18 21.33
O3 229 U . -5.28 -28.49 21.17
C8 229 U . -6.14 -27.03 22.80
C3 229 U . -7.00 -28.27 23.07
O2 229 U . -7.68 -28.19 24.33
N2 229 U . -4.93 -27.01 23.63
C10 229 U . -4.98 -26.64 25.02
C4 229 U . -4.56 -25.20 25.11
C1 229 U . -5.40 -24.00 24.92
N4 229 U . -6.72 -23.90 24.69
C7 229 U . -7.24 -22.66 24.59
N3 229 U . -6.53 -21.54 24.70
C9 229 U . -3.28 -24.68 25.33
N1 229 U . -3.30 -23.32 25.30
C2 229 U . -4.54 -22.84 25.07
C5 229 U . -5.21 -21.52 24.94
O1 229 U . -4.58 -20.46 25.04
S SO4 V . -30.46 -31.06 18.21
O1 SO4 V . -31.59 -31.67 18.89
O2 SO4 V . -30.50 -31.32 16.78
O3 SO4 V . -30.38 -29.64 18.46
O4 SO4 V . -29.27 -31.66 18.77
S SO4 W . -26.26 -27.10 12.62
O1 SO4 W . -27.11 -28.18 12.14
O2 SO4 W . -26.59 -25.92 11.85
O3 SO4 W . -26.59 -26.87 14.02
O4 SO4 W . -24.86 -27.43 12.46
S SO4 X . -38.34 -29.03 35.62
O1 SO4 X . -39.38 -28.37 36.43
O2 SO4 X . -38.98 -29.80 34.51
O3 SO4 X . -37.42 -28.06 35.01
O4 SO4 X . -37.55 -29.92 36.46
O4 229 Y . -33.72 -31.66 38.82
C11 229 Y . -33.08 -32.26 37.68
C6 229 Y . -33.84 -31.89 36.42
O3 229 Y . -35.12 -32.52 36.40
C8 229 Y . -34.07 -30.39 36.26
C3 229 Y . -34.70 -30.20 34.87
O2 229 Y . -35.27 -28.90 34.73
N2 229 Y . -34.91 -29.86 37.34
C10 229 Y . -34.92 -28.44 37.64
C4 229 Y . -33.99 -28.20 38.80
C1 229 Y . -32.56 -27.92 38.71
N4 229 Y . -31.76 -27.77 37.64
C7 229 Y . -30.46 -27.51 37.86
N3 229 Y . -29.92 -27.39 39.10
C9 229 Y . -34.25 -28.24 40.17
N1 229 Y . -33.12 -28.01 40.90
C2 229 Y . -32.07 -27.80 40.09
C5 229 Y . -30.63 -27.50 40.23
O1 229 Y . -30.10 -27.39 41.34
S SO4 Z . 36.32 10.35 -14.36
O1 SO4 Z . 35.22 9.86 -13.56
O2 SO4 Z . 35.74 10.89 -15.59
O3 SO4 Z . 37.04 11.41 -13.63
O4 SO4 Z . 37.22 9.23 -14.67
S SO4 AA . 26.42 33.77 -19.86
O1 SO4 AA . 26.42 32.33 -19.70
O2 SO4 AA . 25.27 34.15 -20.66
O3 SO4 AA . 26.29 34.37 -18.55
O4 SO4 AA . 27.65 34.14 -20.53
O4 229 BA . 31.12 7.76 -12.05
C11 229 BA . 30.31 8.93 -11.88
C6 229 BA . 31.16 10.13 -12.24
O3 229 BA . 32.28 10.24 -11.36
C8 229 BA . 31.69 10.01 -13.65
C3 229 BA . 32.51 11.26 -13.88
O2 229 BA . 33.06 11.27 -15.20
N2 229 BA . 32.48 8.79 -13.76
C10 229 BA . 32.88 8.34 -15.08
C4 229 BA . 31.81 7.39 -15.46
C1 229 BA . 30.49 7.67 -16.00
N4 229 BA . 29.84 8.81 -16.35
C7 229 BA . 28.59 8.70 -16.87
N3 229 BA . 27.95 7.51 -17.04
C9 229 BA . 31.87 6.01 -15.33
N1 229 BA . 30.73 5.43 -15.75
C2 229 BA . 29.88 6.35 -16.18
C5 229 BA . 28.52 6.35 -16.72
O1 229 BA . 27.96 5.26 -16.87
#